data_9DTD
# 
_entry.id   9DTD 
# 
_audit_conform.dict_name       mmcif_pdbx.dic 
_audit_conform.dict_version    5.403 
_audit_conform.dict_location   http://mmcif.pdb.org/dictionaries/ascii/mmcif_pdbx.dic 
# 
loop_
_database_2.database_id 
_database_2.database_code 
_database_2.pdbx_database_accession 
_database_2.pdbx_DOI 
PDB   9DTD         pdb_00009dtd 10.2210/pdb9dtd/pdb 
WWPDB D_1000288769 ?            ?                   
# 
_pdbx_audit_revision_history.ordinal             1 
_pdbx_audit_revision_history.data_content_type   'Structure model' 
_pdbx_audit_revision_history.major_revision      1 
_pdbx_audit_revision_history.minor_revision      0 
_pdbx_audit_revision_history.revision_date       2025-04-23 
_pdbx_audit_revision_history.part_number         ? 
# 
_pdbx_audit_revision_details.ordinal             1 
_pdbx_audit_revision_details.revision_ordinal    1 
_pdbx_audit_revision_details.data_content_type   'Structure model' 
_pdbx_audit_revision_details.provider            repository 
_pdbx_audit_revision_details.type                'Initial release' 
_pdbx_audit_revision_details.description         ? 
_pdbx_audit_revision_details.details             ? 
# 
_pdbx_database_status.status_code                     REL 
_pdbx_database_status.status_code_sf                  REL 
_pdbx_database_status.status_code_mr                  ? 
_pdbx_database_status.entry_id                        9DTD 
_pdbx_database_status.recvd_initial_deposition_date   2024-09-30 
_pdbx_database_status.SG_entry                        N 
_pdbx_database_status.deposit_site                    RCSB 
_pdbx_database_status.process_site                    RCSB 
_pdbx_database_status.status_code_cs                  ? 
_pdbx_database_status.status_code_nmr_data            ? 
_pdbx_database_status.methods_development_category    ? 
_pdbx_database_status.pdb_format_compatible           Y 
# 
_pdbx_contact_author.id                 2 
_pdbx_contact_author.email              dabaker@uw.edu 
_pdbx_contact_author.name_first         David 
_pdbx_contact_author.name_last          Baker 
_pdbx_contact_author.name_mi            ? 
_pdbx_contact_author.role               'principal investigator/group leader' 
_pdbx_contact_author.identifier_ORCID   0000-0001-7896-6217 
# 
loop_
_audit_author.name 
_audit_author.pdbx_ordinal 
_audit_author.identifier_ORCID 
'Bera, A.K.'         1 ? 
'Schlichthaerle, T.' 2 ? 
'Kang, A.'           3 ? 
'Baker, D.'          4 ? 
# 
_citation.abstract                  ? 
_citation.abstract_id_CAS           ? 
_citation.book_id_ISBN              ? 
_citation.book_publisher            ? 
_citation.book_publisher_city       ? 
_citation.book_title                ? 
_citation.coordinate_linkage        ? 
_citation.country                   ? 
_citation.database_id_Medline       ? 
_citation.details                   ? 
_citation.id                        primary 
_citation.journal_abbrev            'To Be Published' 
_citation.journal_id_ASTM           ? 
_citation.journal_id_CSD            0353 
_citation.journal_id_ISSN           ? 
_citation.journal_full              ? 
_citation.journal_issue             ? 
_citation.journal_volume            ? 
_citation.language                  ? 
_citation.page_first                ? 
_citation.page_last                 ? 
_citation.title                     'De novo design of TrkA specific agonists' 
_citation.year                      ? 
_citation.database_id_CSD           ? 
_citation.pdbx_database_id_DOI      ? 
_citation.pdbx_database_id_PubMed   ? 
_citation.pdbx_database_id_patent   ? 
_citation.unpublished_flag          ? 
# 
loop_
_citation_author.citation_id 
_citation_author.name 
_citation_author.ordinal 
_citation_author.identifier_ORCID 
primary 'Schlichthaerle, T.' 1 ? 
primary 'Baker, D.'          2 ? 
# 
_entity.id                         1 
_entity.type                       polymer 
_entity.src_method                 man 
_entity.pdbx_description           C2-01018 
_entity.formula_weight             6825.728 
_entity.pdbx_number_of_molecules   2 
_entity.pdbx_ec                    ? 
_entity.pdbx_mutation              ? 
_entity.pdbx_fragment              ? 
_entity.details                    ? 
# 
_entity_poly.entity_id                      1 
_entity_poly.type                           'polypeptide(L)' 
_entity_poly.nstd_linkage                   no 
_entity_poly.nstd_monomer                   no 
_entity_poly.pdbx_seq_one_letter_code       SEESEKLLKEAKEEVRRLFEEGRPEDAARVAFEFLQRLLDLGDPDAVKELLQFLRELL 
_entity_poly.pdbx_seq_one_letter_code_can   SEESEKLLKEAKEEVRRLFEEGRPEDAARVAFEFLQRLLDLGDPDAVKELLQFLRELL 
_entity_poly.pdbx_strand_id                 A,B 
_entity_poly.pdbx_target_identifier         ? 
# 
loop_
_entity_poly_seq.entity_id 
_entity_poly_seq.num 
_entity_poly_seq.mon_id 
_entity_poly_seq.hetero 
1 1  SER n 
1 2  GLU n 
1 3  GLU n 
1 4  SER n 
1 5  GLU n 
1 6  LYS n 
1 7  LEU n 
1 8  LEU n 
1 9  LYS n 
1 10 GLU n 
1 11 ALA n 
1 12 LYS n 
1 13 GLU n 
1 14 GLU n 
1 15 VAL n 
1 16 ARG n 
1 17 ARG n 
1 18 LEU n 
1 19 PHE n 
1 20 GLU n 
1 21 GLU n 
1 22 GLY n 
1 23 ARG n 
1 24 PRO n 
1 25 GLU n 
1 26 ASP n 
1 27 ALA n 
1 28 ALA n 
1 29 ARG n 
1 30 VAL n 
1 31 ALA n 
1 32 PHE n 
1 33 GLU n 
1 34 PHE n 
1 35 LEU n 
1 36 GLN n 
1 37 ARG n 
1 38 LEU n 
1 39 LEU n 
1 40 ASP n 
1 41 LEU n 
1 42 GLY n 
1 43 ASP n 
1 44 PRO n 
1 45 ASP n 
1 46 ALA n 
1 47 VAL n 
1 48 LYS n 
1 49 GLU n 
1 50 LEU n 
1 51 LEU n 
1 52 GLN n 
1 53 PHE n 
1 54 LEU n 
1 55 ARG n 
1 56 GLU n 
1 57 LEU n 
1 58 LEU n 
# 
_entity_src_gen.entity_id                          1 
_entity_src_gen.pdbx_src_id                        1 
_entity_src_gen.pdbx_alt_source_flag               sample 
_entity_src_gen.pdbx_seq_type                      'Biological sequence' 
_entity_src_gen.pdbx_beg_seq_num                   1 
_entity_src_gen.pdbx_end_seq_num                   58 
_entity_src_gen.gene_src_common_name               ? 
_entity_src_gen.gene_src_genus                     ? 
_entity_src_gen.pdbx_gene_src_gene                 ? 
_entity_src_gen.gene_src_species                   ? 
_entity_src_gen.gene_src_strain                    ? 
_entity_src_gen.gene_src_tissue                    ? 
_entity_src_gen.gene_src_tissue_fraction           ? 
_entity_src_gen.gene_src_details                   ? 
_entity_src_gen.pdbx_gene_src_fragment             ? 
_entity_src_gen.pdbx_gene_src_scientific_name      'synthetic construct' 
_entity_src_gen.pdbx_gene_src_ncbi_taxonomy_id     32630 
_entity_src_gen.pdbx_gene_src_variant              ? 
_entity_src_gen.pdbx_gene_src_cell_line            ? 
_entity_src_gen.pdbx_gene_src_atcc                 ? 
_entity_src_gen.pdbx_gene_src_organ                ? 
_entity_src_gen.pdbx_gene_src_organelle            ? 
_entity_src_gen.pdbx_gene_src_cell                 ? 
_entity_src_gen.pdbx_gene_src_cellular_location    ? 
_entity_src_gen.host_org_common_name               ? 
_entity_src_gen.pdbx_host_org_scientific_name      'Escherichia coli' 
_entity_src_gen.pdbx_host_org_ncbi_taxonomy_id     562 
_entity_src_gen.host_org_genus                     ? 
_entity_src_gen.pdbx_host_org_gene                 ? 
_entity_src_gen.pdbx_host_org_organ                ? 
_entity_src_gen.host_org_species                   ? 
_entity_src_gen.pdbx_host_org_tissue               ? 
_entity_src_gen.pdbx_host_org_tissue_fraction      ? 
_entity_src_gen.pdbx_host_org_strain               ? 
_entity_src_gen.pdbx_host_org_variant              ? 
_entity_src_gen.pdbx_host_org_cell_line            ? 
_entity_src_gen.pdbx_host_org_atcc                 ? 
_entity_src_gen.pdbx_host_org_culture_collection   ? 
_entity_src_gen.pdbx_host_org_cell                 ? 
_entity_src_gen.pdbx_host_org_organelle            ? 
_entity_src_gen.pdbx_host_org_cellular_location    ? 
_entity_src_gen.pdbx_host_org_vector_type          ? 
_entity_src_gen.pdbx_host_org_vector               ? 
_entity_src_gen.host_org_details                   ? 
_entity_src_gen.expression_system_id               ? 
_entity_src_gen.plasmid_name                       ? 
_entity_src_gen.plasmid_details                    ? 
_entity_src_gen.pdbx_description                   ? 
# 
loop_
_chem_comp.id 
_chem_comp.type 
_chem_comp.mon_nstd_flag 
_chem_comp.name 
_chem_comp.pdbx_synonyms 
_chem_comp.formula 
_chem_comp.formula_weight 
ALA 'L-peptide linking' y ALANINE         ? 'C3 H7 N O2'     89.093  
ARG 'L-peptide linking' y ARGININE        ? 'C6 H15 N4 O2 1' 175.209 
ASP 'L-peptide linking' y 'ASPARTIC ACID' ? 'C4 H7 N O4'     133.103 
GLN 'L-peptide linking' y GLUTAMINE       ? 'C5 H10 N2 O3'   146.144 
GLU 'L-peptide linking' y 'GLUTAMIC ACID' ? 'C5 H9 N O4'     147.129 
GLY 'peptide linking'   y GLYCINE         ? 'C2 H5 N O2'     75.067  
LEU 'L-peptide linking' y LEUCINE         ? 'C6 H13 N O2'    131.173 
LYS 'L-peptide linking' y LYSINE          ? 'C6 H15 N2 O2 1' 147.195 
PHE 'L-peptide linking' y PHENYLALANINE   ? 'C9 H11 N O2'    165.189 
PRO 'L-peptide linking' y PROLINE         ? 'C5 H9 N O2'     115.130 
SER 'L-peptide linking' y SERINE          ? 'C3 H7 N O3'     105.093 
VAL 'L-peptide linking' y VALINE          ? 'C5 H11 N O2'    117.146 
# 
loop_
_pdbx_poly_seq_scheme.asym_id 
_pdbx_poly_seq_scheme.entity_id 
_pdbx_poly_seq_scheme.seq_id 
_pdbx_poly_seq_scheme.mon_id 
_pdbx_poly_seq_scheme.ndb_seq_num 
_pdbx_poly_seq_scheme.pdb_seq_num 
_pdbx_poly_seq_scheme.auth_seq_num 
_pdbx_poly_seq_scheme.pdb_mon_id 
_pdbx_poly_seq_scheme.auth_mon_id 
_pdbx_poly_seq_scheme.pdb_strand_id 
_pdbx_poly_seq_scheme.pdb_ins_code 
_pdbx_poly_seq_scheme.hetero 
A 1 1  SER 1  1  1  SER SER A . n 
A 1 2  GLU 2  2  2  GLU GLU A . n 
A 1 3  GLU 3  3  3  GLU GLU A . n 
A 1 4  SER 4  4  4  SER SER A . n 
A 1 5  GLU 5  5  5  GLU GLU A . n 
A 1 6  LYS 6  6  6  LYS LYS A . n 
A 1 7  LEU 7  7  7  LEU LEU A . n 
A 1 8  LEU 8  8  8  LEU LEU A . n 
A 1 9  LYS 9  9  9  LYS LYS A . n 
A 1 10 GLU 10 10 10 GLU GLU A . n 
A 1 11 ALA 11 11 11 ALA ALA A . n 
A 1 12 LYS 12 12 12 LYS LYS A . n 
A 1 13 GLU 13 13 13 GLU GLU A . n 
A 1 14 GLU 14 14 14 GLU GLU A . n 
A 1 15 VAL 15 15 15 VAL VAL A . n 
A 1 16 ARG 16 16 16 ARG ARG A . n 
A 1 17 ARG 17 17 17 ARG ARG A . n 
A 1 18 LEU 18 18 18 LEU LEU A . n 
A 1 19 PHE 19 19 19 PHE PHE A . n 
A 1 20 GLU 20 20 20 GLU GLU A . n 
A 1 21 GLU 21 21 21 GLU GLU A . n 
A 1 22 GLY 22 22 22 GLY GLY A . n 
A 1 23 ARG 23 23 23 ARG ARG A . n 
A 1 24 PRO 24 24 24 PRO PRO A . n 
A 1 25 GLU 25 25 25 GLU GLU A . n 
A 1 26 ASP 26 26 26 ASP ASP A . n 
A 1 27 ALA 27 27 27 ALA ALA A . n 
A 1 28 ALA 28 28 28 ALA ALA A . n 
A 1 29 ARG 29 29 29 ARG ARG A . n 
A 1 30 VAL 30 30 30 VAL VAL A . n 
A 1 31 ALA 31 31 31 ALA ALA A . n 
A 1 32 PHE 32 32 32 PHE PHE A . n 
A 1 33 GLU 33 33 33 GLU GLU A . n 
A 1 34 PHE 34 34 34 PHE PHE A . n 
A 1 35 LEU 35 35 35 LEU LEU A . n 
A 1 36 GLN 36 36 36 GLN GLN A . n 
A 1 37 ARG 37 37 37 ARG ARG A . n 
A 1 38 LEU 38 38 38 LEU LEU A . n 
A 1 39 LEU 39 39 39 LEU LEU A . n 
A 1 40 ASP 40 40 40 ASP ASP A . n 
A 1 41 LEU 41 41 41 LEU LEU A . n 
A 1 42 GLY 42 42 42 GLY GLY A . n 
A 1 43 ASP 43 43 43 ASP ASP A . n 
A 1 44 PRO 44 44 44 PRO PRO A . n 
A 1 45 ASP 45 45 45 ASP ASP A . n 
A 1 46 ALA 46 46 46 ALA ALA A . n 
A 1 47 VAL 47 47 47 VAL VAL A . n 
A 1 48 LYS 48 48 48 LYS LYS A . n 
A 1 49 GLU 49 49 49 GLU GLU A . n 
A 1 50 LEU 50 50 50 LEU LEU A . n 
A 1 51 LEU 51 51 51 LEU LEU A . n 
A 1 52 GLN 52 52 52 GLN GLN A . n 
A 1 53 PHE 53 53 53 PHE PHE A . n 
A 1 54 LEU 54 54 54 LEU LEU A . n 
A 1 55 ARG 55 55 55 ARG ARG A . n 
A 1 56 GLU 56 56 56 GLU GLU A . n 
A 1 57 LEU 57 57 57 LEU LEU A . n 
A 1 58 LEU 58 58 58 LEU LEU A . n 
B 1 1  SER 1  1  ?  ?   ?   B . n 
B 1 2  GLU 2  2  2  GLU GLU B . n 
B 1 3  GLU 3  3  3  GLU GLU B . n 
B 1 4  SER 4  4  4  SER SER B . n 
B 1 5  GLU 5  5  5  GLU GLU B . n 
B 1 6  LYS 6  6  6  LYS LYS B . n 
B 1 7  LEU 7  7  7  LEU LEU B . n 
B 1 8  LEU 8  8  8  LEU LEU B . n 
B 1 9  LYS 9  9  9  LYS LYS B . n 
B 1 10 GLU 10 10 10 GLU GLU B . n 
B 1 11 ALA 11 11 11 ALA ALA B . n 
B 1 12 LYS 12 12 12 LYS LYS B . n 
B 1 13 GLU 13 13 13 GLU GLU B . n 
B 1 14 GLU 14 14 14 GLU GLU B . n 
B 1 15 VAL 15 15 15 VAL VAL B . n 
B 1 16 ARG 16 16 16 ARG ARG B . n 
B 1 17 ARG 17 17 17 ARG ARG B . n 
B 1 18 LEU 18 18 18 LEU LEU B . n 
B 1 19 PHE 19 19 19 PHE PHE B . n 
B 1 20 GLU 20 20 20 GLU GLU B . n 
B 1 21 GLU 21 21 21 GLU GLU B . n 
B 1 22 GLY 22 22 22 GLY GLY B . n 
B 1 23 ARG 23 23 23 ARG ARG B . n 
B 1 24 PRO 24 24 24 PRO PRO B . n 
B 1 25 GLU 25 25 25 GLU GLU B . n 
B 1 26 ASP 26 26 26 ASP ASP B . n 
B 1 27 ALA 27 27 27 ALA ALA B . n 
B 1 28 ALA 28 28 28 ALA ALA B . n 
B 1 29 ARG 29 29 29 ARG ARG B . n 
B 1 30 VAL 30 30 30 VAL VAL B . n 
B 1 31 ALA 31 31 31 ALA ALA B . n 
B 1 32 PHE 32 32 32 PHE PHE B . n 
B 1 33 GLU 33 33 33 GLU GLU B . n 
B 1 34 PHE 34 34 34 PHE PHE B . n 
B 1 35 LEU 35 35 35 LEU LEU B . n 
B 1 36 GLN 36 36 36 GLN GLN B . n 
B 1 37 ARG 37 37 37 ARG ARG B . n 
B 1 38 LEU 38 38 38 LEU LEU B . n 
B 1 39 LEU 39 39 39 LEU LEU B . n 
B 1 40 ASP 40 40 40 ASP ASP B . n 
B 1 41 LEU 41 41 41 LEU LEU B . n 
B 1 42 GLY 42 42 42 GLY GLY B . n 
B 1 43 ASP 43 43 43 ASP ASP B . n 
B 1 44 PRO 44 44 44 PRO PRO B . n 
B 1 45 ASP 45 45 45 ASP ASP B . n 
B 1 46 ALA 46 46 46 ALA ALA B . n 
B 1 47 VAL 47 47 47 VAL VAL B . n 
B 1 48 LYS 48 48 48 LYS LYS B . n 
B 1 49 GLU 49 49 49 GLU GLU B . n 
B 1 50 LEU 50 50 50 LEU LEU B . n 
B 1 51 LEU 51 51 51 LEU LEU B . n 
B 1 52 GLN 52 52 52 GLN GLN B . n 
B 1 53 PHE 53 53 53 PHE PHE B . n 
B 1 54 LEU 54 54 54 LEU LEU B . n 
B 1 55 ARG 55 55 55 ARG ARG B . n 
B 1 56 GLU 56 56 56 GLU GLU B . n 
B 1 57 LEU 57 57 57 LEU LEU B . n 
B 1 58 LEU 58 58 58 LEU LEU B . n 
# 
loop_
_software.citation_id 
_software.classification 
_software.compiler_name 
_software.compiler_version 
_software.contact_author 
_software.contact_author_email 
_software.date 
_software.description 
_software.dependencies 
_software.hardware 
_software.language 
_software.location 
_software.mods 
_software.name 
_software.os 
_software.os_version 
_software.type 
_software.version 
_software.pdbx_ordinal 
? refinement       ? ? ? ? ? ? ? ? ? ? ? PHENIX  ? ? ? 1.20.1_4487 1 
? 'data reduction' ? ? ? ? ? ? ? ? ? ? ? XDS     ? ? ? .           2 
? 'data scaling'   ? ? ? ? ? ? ? ? ? ? ? Aimless ? ? ? .           3 
? phasing          ? ? ? ? ? ? ? ? ? ? ? PHASER  ? ? ? .           4 
# 
_cell.angle_alpha                  90.000 
_cell.angle_alpha_esd              ? 
_cell.angle_beta                   90.000 
_cell.angle_beta_esd               ? 
_cell.angle_gamma                  120.000 
_cell.angle_gamma_esd              ? 
_cell.entry_id                     9DTD 
_cell.details                      ? 
_cell.formula_units_Z              ? 
_cell.length_a                     69.309 
_cell.length_a_esd                 ? 
_cell.length_b                     69.309 
_cell.length_b_esd                 ? 
_cell.length_c                     49.413 
_cell.length_c_esd                 ? 
_cell.volume                       205567.108 
_cell.volume_esd                   ? 
_cell.Z_PDB                        12 
_cell.reciprocal_angle_alpha       ? 
_cell.reciprocal_angle_beta        ? 
_cell.reciprocal_angle_gamma       ? 
_cell.reciprocal_angle_alpha_esd   ? 
_cell.reciprocal_angle_beta_esd    ? 
_cell.reciprocal_angle_gamma_esd   ? 
_cell.reciprocal_length_a          ? 
_cell.reciprocal_length_b          ? 
_cell.reciprocal_length_c          ? 
_cell.reciprocal_length_a_esd      ? 
_cell.reciprocal_length_b_esd      ? 
_cell.reciprocal_length_c_esd      ? 
_cell.pdbx_unique_axis             ? 
_cell.pdbx_esd_method              ? 
# 
_symmetry.entry_id                         9DTD 
_symmetry.cell_setting                     ? 
_symmetry.Int_Tables_number                154 
_symmetry.space_group_name_Hall            
;P 32 2"
;
_symmetry.space_group_name_H-M             'P 32 2 1' 
_symmetry.pdbx_full_space_group_name_H-M   ? 
# 
_exptl.absorpt_coefficient_mu     ? 
_exptl.absorpt_correction_T_max   ? 
_exptl.absorpt_correction_T_min   ? 
_exptl.absorpt_correction_type    ? 
_exptl.absorpt_process_details    ? 
_exptl.entry_id                   9DTD 
_exptl.crystals_number            1 
_exptl.details                    ? 
_exptl.method                     'X-RAY DIFFRACTION' 
_exptl.method_details             ? 
# 
_exptl_crystal.colour                       ? 
_exptl_crystal.density_diffrn               ? 
_exptl_crystal.density_Matthews             2.51 
_exptl_crystal.density_method               ? 
_exptl_crystal.density_percent_sol          50.99 
_exptl_crystal.description                  ? 
_exptl_crystal.F_000                        ? 
_exptl_crystal.id                           1 
_exptl_crystal.preparation                  ? 
_exptl_crystal.size_max                     ? 
_exptl_crystal.size_mid                     ? 
_exptl_crystal.size_min                     ? 
_exptl_crystal.size_rad                     ? 
_exptl_crystal.colour_lustre                ? 
_exptl_crystal.colour_modifier              ? 
_exptl_crystal.colour_primary               ? 
_exptl_crystal.density_meas                 ? 
_exptl_crystal.density_meas_esd             ? 
_exptl_crystal.density_meas_gt              ? 
_exptl_crystal.density_meas_lt              ? 
_exptl_crystal.density_meas_temp            ? 
_exptl_crystal.density_meas_temp_esd        ? 
_exptl_crystal.density_meas_temp_gt         ? 
_exptl_crystal.density_meas_temp_lt         ? 
_exptl_crystal.pdbx_crystal_image_url       ? 
_exptl_crystal.pdbx_crystal_image_format    ? 
_exptl_crystal.pdbx_mosaicity               ? 
_exptl_crystal.pdbx_mosaicity_esd           ? 
_exptl_crystal.pdbx_mosaic_method           ? 
_exptl_crystal.pdbx_mosaic_block_size       ? 
_exptl_crystal.pdbx_mosaic_block_size_esd   ? 
# 
_exptl_crystal_grow.apparatus       ? 
_exptl_crystal_grow.atmosphere      ? 
_exptl_crystal_grow.crystal_id      1 
_exptl_crystal_grow.details         ? 
_exptl_crystal_grow.method          'VAPOR DIFFUSION, SITTING DROP' 
_exptl_crystal_grow.method_ref      ? 
_exptl_crystal_grow.pH              ? 
_exptl_crystal_grow.pressure        ? 
_exptl_crystal_grow.pressure_esd    ? 
_exptl_crystal_grow.seeding         ? 
_exptl_crystal_grow.seeding_ref     ? 
_exptl_crystal_grow.temp_details    ? 
_exptl_crystal_grow.temp_esd        ? 
_exptl_crystal_grow.time            ? 
_exptl_crystal_grow.pdbx_details    '0.1 M HEPES-NaOH pH 6.5' 
_exptl_crystal_grow.pdbx_pH_range   ? 
_exptl_crystal_grow.temp            293 
# 
_diffrn.ambient_environment              ? 
_diffrn.ambient_temp                     100 
_diffrn.ambient_temp_details             ? 
_diffrn.ambient_temp_esd                 ? 
_diffrn.crystal_id                       1 
_diffrn.crystal_support                  ? 
_diffrn.crystal_treatment                ? 
_diffrn.details                          ? 
_diffrn.id                               1 
_diffrn.ambient_pressure                 ? 
_diffrn.ambient_pressure_esd             ? 
_diffrn.ambient_pressure_gt              ? 
_diffrn.ambient_pressure_lt              ? 
_diffrn.ambient_temp_gt                  ? 
_diffrn.ambient_temp_lt                  ? 
_diffrn.pdbx_serial_crystal_experiment   N 
# 
_diffrn_detector.details                      ? 
_diffrn_detector.detector                     PIXEL 
_diffrn_detector.diffrn_id                    1 
_diffrn_detector.type                         'DECTRIS EIGER2 X 16M' 
_diffrn_detector.area_resol_mean              ? 
_diffrn_detector.dtime                        ? 
_diffrn_detector.pdbx_frames_total            ? 
_diffrn_detector.pdbx_collection_time_total   ? 
_diffrn_detector.pdbx_collection_date         2022-04-14 
_diffrn_detector.pdbx_frequency               ? 
_diffrn_detector.id                           ? 
_diffrn_detector.number_of_axes               ? 
# 
_diffrn_radiation.collimation                      ? 
_diffrn_radiation.diffrn_id                        1 
_diffrn_radiation.filter_edge                      ? 
_diffrn_radiation.inhomogeneity                    ? 
_diffrn_radiation.monochromator                    ? 
_diffrn_radiation.polarisn_norm                    ? 
_diffrn_radiation.polarisn_ratio                   ? 
_diffrn_radiation.probe                            ? 
_diffrn_radiation.type                             ? 
_diffrn_radiation.xray_symbol                      ? 
_diffrn_radiation.wavelength_id                    1 
_diffrn_radiation.pdbx_monochromatic_or_laue_m_l   M 
_diffrn_radiation.pdbx_wavelength_list             ? 
_diffrn_radiation.pdbx_wavelength                  ? 
_diffrn_radiation.pdbx_diffrn_protocol             'SINGLE WAVELENGTH' 
_diffrn_radiation.pdbx_analyzer                    ? 
_diffrn_radiation.pdbx_scattering_type             x-ray 
# 
_diffrn_radiation_wavelength.id           1 
_diffrn_radiation_wavelength.wavelength   0.97926 
_diffrn_radiation_wavelength.wt           1.0 
# 
_diffrn_source.current                     ? 
_diffrn_source.details                     ? 
_diffrn_source.diffrn_id                   1 
_diffrn_source.power                       ? 
_diffrn_source.size                        ? 
_diffrn_source.source                      SYNCHROTRON 
_diffrn_source.target                      ? 
_diffrn_source.type                        'APS BEAMLINE 24-ID-C' 
_diffrn_source.voltage                     ? 
_diffrn_source.take-off_angle              ? 
_diffrn_source.pdbx_wavelength_list        0.97926 
_diffrn_source.pdbx_wavelength             ? 
_diffrn_source.pdbx_synchrotron_beamline   24-ID-C 
_diffrn_source.pdbx_synchrotron_site       APS 
# 
_reflns.B_iso_Wilson_estimate                          103.71 
_reflns.entry_id                                       9DTD 
_reflns.data_reduction_details                         ? 
_reflns.data_reduction_method                          ? 
_reflns.d_resolution_high                              3.1 
_reflns.d_resolution_low                               60.02 
_reflns.details                                        ? 
_reflns.limit_h_max                                    ? 
_reflns.limit_h_min                                    ? 
_reflns.limit_k_max                                    ? 
_reflns.limit_k_min                                    ? 
_reflns.limit_l_max                                    ? 
_reflns.limit_l_min                                    ? 
_reflns.number_all                                     ? 
_reflns.number_obs                                     4715 
_reflns.observed_criterion                             ? 
_reflns.observed_criterion_F_max                       ? 
_reflns.observed_criterion_F_min                       ? 
_reflns.observed_criterion_I_max                       ? 
_reflns.observed_criterion_I_min                       ? 
_reflns.observed_criterion_sigma_F                     ? 
_reflns.observed_criterion_sigma_I                     ? 
_reflns.percent_possible_obs                           97.48 
_reflns.R_free_details                                 ? 
_reflns.Rmerge_F_all                                   ? 
_reflns.Rmerge_F_obs                                   ? 
_reflns.Friedel_coverage                               ? 
_reflns.number_gt                                      ? 
_reflns.threshold_expression                           ? 
_reflns.pdbx_redundancy                                5.0 
_reflns.pdbx_netI_over_av_sigmaI                       ? 
_reflns.pdbx_netI_over_sigmaI                          3.58 
_reflns.pdbx_res_netI_over_av_sigmaI_2                 ? 
_reflns.pdbx_res_netI_over_sigmaI_2                    ? 
_reflns.pdbx_chi_squared                               ? 
_reflns.pdbx_scaling_rejects                           ? 
_reflns.pdbx_d_res_high_opt                            ? 
_reflns.pdbx_d_res_low_opt                             ? 
_reflns.pdbx_d_res_opt_method                          ? 
_reflns.phase_calculation_details                      ? 
_reflns.pdbx_Rrim_I_all                                ? 
_reflns.pdbx_Rpim_I_all                                0.1422 
_reflns.pdbx_d_opt                                     ? 
_reflns.pdbx_number_measured_all                       ? 
_reflns.pdbx_diffrn_id                                 1 
_reflns.pdbx_ordinal                                   1 
_reflns.pdbx_CC_half                                   0.968 
_reflns.pdbx_CC_star                                   ? 
_reflns.pdbx_R_split                                   ? 
_reflns.pdbx_Rmerge_I_obs                              0.2874 
_reflns.pdbx_Rmerge_I_all                              ? 
_reflns.pdbx_Rsym_value                                ? 
_reflns.pdbx_CC_split_method                           ? 
_reflns.pdbx_aniso_diffraction_limit_axis_1_ortho[1]   ? 
_reflns.pdbx_aniso_diffraction_limit_axis_1_ortho[2]   ? 
_reflns.pdbx_aniso_diffraction_limit_axis_1_ortho[3]   ? 
_reflns.pdbx_aniso_diffraction_limit_axis_2_ortho[1]   ? 
_reflns.pdbx_aniso_diffraction_limit_axis_2_ortho[2]   ? 
_reflns.pdbx_aniso_diffraction_limit_axis_2_ortho[3]   ? 
_reflns.pdbx_aniso_diffraction_limit_axis_3_ortho[1]   ? 
_reflns.pdbx_aniso_diffraction_limit_axis_3_ortho[2]   ? 
_reflns.pdbx_aniso_diffraction_limit_axis_3_ortho[3]   ? 
_reflns.pdbx_aniso_diffraction_limit_1                 ? 
_reflns.pdbx_aniso_diffraction_limit_2                 ? 
_reflns.pdbx_aniso_diffraction_limit_3                 ? 
_reflns.pdbx_aniso_B_tensor_eigenvector_1_ortho[1]     ? 
_reflns.pdbx_aniso_B_tensor_eigenvector_1_ortho[2]     ? 
_reflns.pdbx_aniso_B_tensor_eigenvector_1_ortho[3]     ? 
_reflns.pdbx_aniso_B_tensor_eigenvector_2_ortho[1]     ? 
_reflns.pdbx_aniso_B_tensor_eigenvector_2_ortho[2]     ? 
_reflns.pdbx_aniso_B_tensor_eigenvector_2_ortho[3]     ? 
_reflns.pdbx_aniso_B_tensor_eigenvector_3_ortho[1]     ? 
_reflns.pdbx_aniso_B_tensor_eigenvector_3_ortho[2]     ? 
_reflns.pdbx_aniso_B_tensor_eigenvector_3_ortho[3]     ? 
_reflns.pdbx_aniso_B_tensor_eigenvalue_1               ? 
_reflns.pdbx_aniso_B_tensor_eigenvalue_2               ? 
_reflns.pdbx_aniso_B_tensor_eigenvalue_3               ? 
_reflns.pdbx_orthogonalization_convention              ? 
_reflns.pdbx_percent_possible_ellipsoidal              ? 
_reflns.pdbx_percent_possible_spherical                ? 
_reflns.pdbx_percent_possible_ellipsoidal_anomalous    ? 
_reflns.pdbx_percent_possible_spherical_anomalous      ? 
_reflns.pdbx_redundancy_anomalous                      ? 
_reflns.pdbx_CC_half_anomalous                         ? 
_reflns.pdbx_absDiff_over_sigma_anomalous              ? 
_reflns.pdbx_percent_possible_anomalous                ? 
_reflns.pdbx_observed_signal_threshold                 ? 
_reflns.pdbx_signal_type                               ? 
_reflns.pdbx_signal_details                            ? 
_reflns.pdbx_signal_software_id                        ? 
# 
_reflns_shell.d_res_high                                    3.1 
_reflns_shell.d_res_low                                     3.21 
_reflns_shell.meanI_over_sigI_all                           ? 
_reflns_shell.meanI_over_sigI_obs                           1.37 
_reflns_shell.number_measured_all                           ? 
_reflns_shell.number_measured_obs                           ? 
_reflns_shell.number_possible                               ? 
_reflns_shell.number_unique_all                             ? 
_reflns_shell.number_unique_obs                             9371 
_reflns_shell.percent_possible_obs                          ? 
_reflns_shell.Rmerge_F_all                                  ? 
_reflns_shell.Rmerge_F_obs                                  ? 
_reflns_shell.meanI_over_sigI_gt                            ? 
_reflns_shell.meanI_over_uI_all                             ? 
_reflns_shell.meanI_over_uI_gt                              ? 
_reflns_shell.number_measured_gt                            ? 
_reflns_shell.number_unique_gt                              ? 
_reflns_shell.percent_possible_gt                           ? 
_reflns_shell.Rmerge_F_gt                                   ? 
_reflns_shell.Rmerge_I_gt                                   ? 
_reflns_shell.pdbx_redundancy                               5.2 
_reflns_shell.pdbx_chi_squared                              ? 
_reflns_shell.pdbx_netI_over_sigmaI_all                     ? 
_reflns_shell.pdbx_netI_over_sigmaI_obs                     ? 
_reflns_shell.pdbx_Rrim_I_all                               ? 
_reflns_shell.pdbx_Rpim_I_all                               0.3586 
_reflns_shell.pdbx_rejects                                  ? 
_reflns_shell.pdbx_ordinal                                  1 
_reflns_shell.pdbx_diffrn_id                                1 
_reflns_shell.pdbx_CC_half                                  0.844 
_reflns_shell.pdbx_CC_star                                  ? 
_reflns_shell.pdbx_R_split                                  ? 
_reflns_shell.percent_possible_all                          96.94 
_reflns_shell.Rmerge_I_all                                  ? 
_reflns_shell.Rmerge_I_obs                                  0.7225 
_reflns_shell.pdbx_Rsym_value                               ? 
_reflns_shell.pdbx_percent_possible_ellipsoidal             ? 
_reflns_shell.pdbx_percent_possible_spherical               ? 
_reflns_shell.pdbx_percent_possible_ellipsoidal_anomalous   ? 
_reflns_shell.pdbx_percent_possible_spherical_anomalous     ? 
_reflns_shell.pdbx_redundancy_anomalous                     ? 
_reflns_shell.pdbx_CC_half_anomalous                        ? 
_reflns_shell.pdbx_absDiff_over_sigma_anomalous             ? 
_reflns_shell.pdbx_percent_possible_anomalous               ? 
# 
_refine.aniso_B[1][1]                            ? 
_refine.aniso_B[1][2]                            ? 
_refine.aniso_B[1][3]                            ? 
_refine.aniso_B[2][2]                            ? 
_refine.aniso_B[2][3]                            ? 
_refine.aniso_B[3][3]                            ? 
_refine.B_iso_max                                ? 
_refine.B_iso_mean                               109.12 
_refine.B_iso_min                                ? 
_refine.correlation_coeff_Fo_to_Fc               ? 
_refine.correlation_coeff_Fo_to_Fc_free          ? 
_refine.details                                  ? 
_refine.diff_density_max                         ? 
_refine.diff_density_max_esd                     ? 
_refine.diff_density_min                         ? 
_refine.diff_density_min_esd                     ? 
_refine.diff_density_rms                         ? 
_refine.diff_density_rms_esd                     ? 
_refine.entry_id                                 9DTD 
_refine.pdbx_refine_id                           'X-RAY DIFFRACTION' 
_refine.ls_abs_structure_details                 ? 
_refine.ls_abs_structure_Flack                   ? 
_refine.ls_abs_structure_Flack_esd               ? 
_refine.ls_abs_structure_Rogers                  ? 
_refine.ls_abs_structure_Rogers_esd              ? 
_refine.ls_d_res_high                            3.10 
_refine.ls_d_res_low                             60.02 
_refine.ls_extinction_coef                       ? 
_refine.ls_extinction_coef_esd                   ? 
_refine.ls_extinction_expression                 ? 
_refine.ls_extinction_method                     ? 
_refine.ls_goodness_of_fit_all                   ? 
_refine.ls_goodness_of_fit_all_esd               ? 
_refine.ls_goodness_of_fit_obs                   ? 
_refine.ls_goodness_of_fit_obs_esd               ? 
_refine.ls_hydrogen_treatment                    ? 
_refine.ls_matrix_type                           ? 
_refine.ls_number_constraints                    ? 
_refine.ls_number_parameters                     ? 
_refine.ls_number_reflns_all                     ? 
_refine.ls_number_reflns_obs                     4715 
_refine.ls_number_reflns_R_free                  242 
_refine.ls_number_reflns_R_work                  4473 
_refine.ls_number_restraints                     ? 
_refine.ls_percent_reflns_obs                    97.50 
_refine.ls_percent_reflns_R_free                 5.13 
_refine.ls_R_factor_all                          ? 
_refine.ls_R_factor_obs                          0.2616 
_refine.ls_R_factor_R_free                       0.3159 
_refine.ls_R_factor_R_free_error                 ? 
_refine.ls_R_factor_R_free_error_details         ? 
_refine.ls_R_factor_R_work                       0.2584 
_refine.ls_R_Fsqd_factor_obs                     ? 
_refine.ls_R_I_factor_obs                        ? 
_refine.ls_redundancy_reflns_all                 ? 
_refine.ls_redundancy_reflns_obs                 ? 
_refine.ls_restrained_S_all                      ? 
_refine.ls_restrained_S_obs                      ? 
_refine.ls_shift_over_esd_max                    ? 
_refine.ls_shift_over_esd_mean                   ? 
_refine.ls_structure_factor_coef                 ? 
_refine.ls_weighting_details                     ? 
_refine.ls_weighting_scheme                      ? 
_refine.ls_wR_factor_all                         ? 
_refine.ls_wR_factor_obs                         ? 
_refine.ls_wR_factor_R_free                      ? 
_refine.ls_wR_factor_R_work                      ? 
_refine.occupancy_max                            ? 
_refine.occupancy_min                            ? 
_refine.solvent_model_details                    'FLAT BULK SOLVENT MODEL' 
_refine.solvent_model_param_bsol                 ? 
_refine.solvent_model_param_ksol                 ? 
_refine.pdbx_R_complete                          ? 
_refine.ls_R_factor_gt                           ? 
_refine.ls_goodness_of_fit_gt                    ? 
_refine.ls_goodness_of_fit_ref                   ? 
_refine.ls_shift_over_su_max                     ? 
_refine.ls_shift_over_su_max_lt                  ? 
_refine.ls_shift_over_su_mean                    ? 
_refine.ls_shift_over_su_mean_lt                 ? 
_refine.pdbx_ls_sigma_I                          ? 
_refine.pdbx_ls_sigma_F                          0.34 
_refine.pdbx_ls_sigma_Fsqd                       ? 
_refine.pdbx_data_cutoff_high_absF               ? 
_refine.pdbx_data_cutoff_high_rms_absF           ? 
_refine.pdbx_data_cutoff_low_absF                ? 
_refine.pdbx_isotropic_thermal_model             ? 
_refine.pdbx_ls_cross_valid_method               'FREE R-VALUE' 
_refine.pdbx_method_to_determine_struct          'MOLECULAR REPLACEMENT' 
_refine.pdbx_starting_model                      ? 
_refine.pdbx_stereochemistry_target_values       'GeoStd + Monomer Library + CDL v1.2' 
_refine.pdbx_R_Free_selection_details            ? 
_refine.pdbx_stereochem_target_val_spec_case     ? 
_refine.pdbx_overall_ESU_R                       ? 
_refine.pdbx_overall_ESU_R_Free                  ? 
_refine.pdbx_solvent_vdw_probe_radii             1.1000 
_refine.pdbx_solvent_ion_probe_radii             ? 
_refine.pdbx_solvent_shrinkage_radii             0.9000 
_refine.pdbx_real_space_R                        ? 
_refine.pdbx_density_correlation                 ? 
_refine.pdbx_pd_number_of_powder_patterns        ? 
_refine.pdbx_pd_number_of_points                 ? 
_refine.pdbx_pd_meas_number_of_points            ? 
_refine.pdbx_pd_proc_ls_prof_R_factor            ? 
_refine.pdbx_pd_proc_ls_prof_wR_factor           ? 
_refine.pdbx_pd_Marquardt_correlation_coeff      ? 
_refine.pdbx_pd_Fsqrd_R_factor                   ? 
_refine.pdbx_pd_ls_matrix_band_width             ? 
_refine.pdbx_overall_phase_error                 29.3593 
_refine.pdbx_overall_SU_R_free_Cruickshank_DPI   ? 
_refine.pdbx_overall_SU_R_free_Blow_DPI          ? 
_refine.pdbx_overall_SU_R_Blow_DPI               ? 
_refine.pdbx_TLS_residual_ADP_flag               ? 
_refine.pdbx_diffrn_id                           1 
_refine.overall_SU_B                             ? 
_refine.overall_SU_ML                            0.3254 
_refine.overall_SU_R_Cruickshank_DPI             ? 
_refine.overall_SU_R_free                        ? 
_refine.overall_FOM_free_R_set                   ? 
_refine.overall_FOM_work_R_set                   ? 
_refine.pdbx_average_fsc_overall                 ? 
_refine.pdbx_average_fsc_work                    ? 
_refine.pdbx_average_fsc_free                    ? 
# 
_refine_hist.pdbx_refine_id                   'X-RAY DIFFRACTION' 
_refine_hist.cycle_id                         LAST 
_refine_hist.details                          ? 
_refine_hist.d_res_high                       3.10 
_refine_hist.d_res_low                        60.02 
_refine_hist.number_atoms_solvent             0 
_refine_hist.number_atoms_total               954 
_refine_hist.number_reflns_all                ? 
_refine_hist.number_reflns_obs                ? 
_refine_hist.number_reflns_R_free             ? 
_refine_hist.number_reflns_R_work             ? 
_refine_hist.R_factor_all                     ? 
_refine_hist.R_factor_obs                     ? 
_refine_hist.R_factor_R_free                  ? 
_refine_hist.R_factor_R_work                  ? 
_refine_hist.pdbx_number_residues_total       ? 
_refine_hist.pdbx_B_iso_mean_ligand           ? 
_refine_hist.pdbx_B_iso_mean_solvent          ? 
_refine_hist.pdbx_number_atoms_protein        954 
_refine_hist.pdbx_number_atoms_nucleic_acid   0 
_refine_hist.pdbx_number_atoms_ligand         0 
_refine_hist.pdbx_number_atoms_lipid          ? 
_refine_hist.pdbx_number_atoms_carb           ? 
_refine_hist.pdbx_pseudo_atom_details         ? 
# 
loop_
_refine_ls_restr.pdbx_refine_id 
_refine_ls_restr.criterion 
_refine_ls_restr.dev_ideal 
_refine_ls_restr.dev_ideal_target 
_refine_ls_restr.number 
_refine_ls_restr.rejects 
_refine_ls_restr.type 
_refine_ls_restr.weight 
_refine_ls_restr.pdbx_restraint_function 
'X-RAY DIFFRACTION' ? 0.0036  ? 964  ? f_bond_d           ? ? 
'X-RAY DIFFRACTION' ? 0.5726  ? 1288 ? f_angle_d          ? ? 
'X-RAY DIFFRACTION' ? 0.0288  ? 141  ? f_chiral_restr     ? ? 
'X-RAY DIFFRACTION' ? 0.0044  ? 173  ? f_plane_restr      ? ? 
'X-RAY DIFFRACTION' ? 16.1205 ? 390  ? f_dihedral_angle_d ? ? 
# 
loop_
_refine_ls_shell.pdbx_refine_id 
_refine_ls_shell.d_res_high 
_refine_ls_shell.d_res_low 
_refine_ls_shell.number_reflns_all 
_refine_ls_shell.number_reflns_obs 
_refine_ls_shell.number_reflns_R_free 
_refine_ls_shell.number_reflns_R_work 
_refine_ls_shell.percent_reflns_obs 
_refine_ls_shell.percent_reflns_R_free 
_refine_ls_shell.R_factor_all 
_refine_ls_shell.R_factor_obs 
_refine_ls_shell.R_factor_R_free_error 
_refine_ls_shell.R_factor_R_work 
_refine_ls_shell.redundancy_reflns_all 
_refine_ls_shell.redundancy_reflns_obs 
_refine_ls_shell.wR_factor_all 
_refine_ls_shell.wR_factor_obs 
_refine_ls_shell.wR_factor_R_free 
_refine_ls_shell.wR_factor_R_work 
_refine_ls_shell.pdbx_R_complete 
_refine_ls_shell.pdbx_total_number_of_bins_used 
_refine_ls_shell.pdbx_phase_error 
_refine_ls_shell.pdbx_fsc_work 
_refine_ls_shell.pdbx_fsc_free 
_refine_ls_shell.R_factor_R_free 
'X-RAY DIFFRACTION' 3.10 3.91  . . 133 2215 96.98 . . . . 0.2701 . . . . . . . . . . . 0.4065 
'X-RAY DIFFRACTION' 3.91 60.02 . . 109 2258 98.01 . . . . 0.2547 . . . . . . . . . . . 0.2864 
# 
_struct.entry_id                     9DTD 
_struct.title                        'Crystal Structure of C2-01018' 
_struct.pdbx_model_details           ? 
_struct.pdbx_formula_weight          ? 
_struct.pdbx_formula_weight_method   ? 
_struct.pdbx_model_type_details      ? 
_struct.pdbx_CASP_flag               N 
# 
_struct_keywords.entry_id        9DTD 
_struct_keywords.text            
'de novo design, nanotemplating, binder design, TrkA signaling, pain, neuronal differentiation, DE NOVO PROTEIN' 
_struct_keywords.pdbx_keywords   'DE NOVO PROTEIN' 
# 
loop_
_struct_asym.id 
_struct_asym.pdbx_blank_PDB_chainid_flag 
_struct_asym.pdbx_modified 
_struct_asym.entity_id 
_struct_asym.details 
A N N 1 ? 
B N N 1 ? 
# 
_struct_ref.id                         1 
_struct_ref.db_name                    PDB 
_struct_ref.db_code                    9DTD 
_struct_ref.pdbx_db_accession          9DTD 
_struct_ref.pdbx_db_isoform            ? 
_struct_ref.entity_id                  1 
_struct_ref.pdbx_seq_one_letter_code   ? 
_struct_ref.pdbx_align_begin           1 
# 
loop_
_struct_ref_seq.align_id 
_struct_ref_seq.ref_id 
_struct_ref_seq.pdbx_PDB_id_code 
_struct_ref_seq.pdbx_strand_id 
_struct_ref_seq.seq_align_beg 
_struct_ref_seq.pdbx_seq_align_beg_ins_code 
_struct_ref_seq.seq_align_end 
_struct_ref_seq.pdbx_seq_align_end_ins_code 
_struct_ref_seq.pdbx_db_accession 
_struct_ref_seq.db_align_beg 
_struct_ref_seq.pdbx_db_align_beg_ins_code 
_struct_ref_seq.db_align_end 
_struct_ref_seq.pdbx_db_align_end_ins_code 
_struct_ref_seq.pdbx_auth_seq_align_beg 
_struct_ref_seq.pdbx_auth_seq_align_end 
1 1 9DTD A 1 ? 58 ? 9DTD 1 ? 58 ? 1 58 
2 1 9DTD B 1 ? 58 ? 9DTD 1 ? 58 ? 1 58 
# 
loop_
_pdbx_struct_assembly.id 
_pdbx_struct_assembly.details 
_pdbx_struct_assembly.method_details 
_pdbx_struct_assembly.oligomeric_details 
_pdbx_struct_assembly.oligomeric_count 
1 author_defined_assembly ? monomeric 1 
2 author_defined_assembly ? monomeric 1 
# 
loop_
_pdbx_struct_assembly_gen.assembly_id 
_pdbx_struct_assembly_gen.oper_expression 
_pdbx_struct_assembly_gen.asym_id_list 
1 1 A 
2 1 B 
# 
_pdbx_struct_assembly_auth_evidence.id                     1 
_pdbx_struct_assembly_auth_evidence.assembly_id            1 
_pdbx_struct_assembly_auth_evidence.experimental_support   none 
_pdbx_struct_assembly_auth_evidence.details                ? 
# 
_pdbx_struct_oper_list.id                   1 
_pdbx_struct_oper_list.type                 'identity operation' 
_pdbx_struct_oper_list.name                 1_555 
_pdbx_struct_oper_list.symmetry_operation   x,y,z 
_pdbx_struct_oper_list.matrix[1][1]         1.0000000000 
_pdbx_struct_oper_list.matrix[1][2]         0.0000000000 
_pdbx_struct_oper_list.matrix[1][3]         0.0000000000 
_pdbx_struct_oper_list.vector[1]            0.0000000000 
_pdbx_struct_oper_list.matrix[2][1]         0.0000000000 
_pdbx_struct_oper_list.matrix[2][2]         1.0000000000 
_pdbx_struct_oper_list.matrix[2][3]         0.0000000000 
_pdbx_struct_oper_list.vector[2]            0.0000000000 
_pdbx_struct_oper_list.matrix[3][1]         0.0000000000 
_pdbx_struct_oper_list.matrix[3][2]         0.0000000000 
_pdbx_struct_oper_list.matrix[3][3]         1.0000000000 
_pdbx_struct_oper_list.vector[3]            0.0000000000 
# 
loop_
_struct_conf.conf_type_id 
_struct_conf.id 
_struct_conf.pdbx_PDB_helix_id 
_struct_conf.beg_label_comp_id 
_struct_conf.beg_label_asym_id 
_struct_conf.beg_label_seq_id 
_struct_conf.pdbx_beg_PDB_ins_code 
_struct_conf.end_label_comp_id 
_struct_conf.end_label_asym_id 
_struct_conf.end_label_seq_id 
_struct_conf.pdbx_end_PDB_ins_code 
_struct_conf.beg_auth_comp_id 
_struct_conf.beg_auth_asym_id 
_struct_conf.beg_auth_seq_id 
_struct_conf.end_auth_comp_id 
_struct_conf.end_auth_asym_id 
_struct_conf.end_auth_seq_id 
_struct_conf.pdbx_PDB_helix_class 
_struct_conf.details 
_struct_conf.pdbx_PDB_helix_length 
HELX_P HELX_P1 AA1 SER A 1  ? GLY A 22 ? SER A 1  GLY A 22 1 ? 22 
HELX_P HELX_P2 AA2 GLU A 25 ? LEU A 41 ? GLU A 25 LEU A 41 1 ? 17 
HELX_P HELX_P3 AA3 ASP A 43 ? LEU A 58 ? ASP A 43 LEU A 58 1 ? 16 
HELX_P HELX_P4 AA4 GLU B 3  ? GLU B 21 ? GLU B 3  GLU B 21 1 ? 19 
HELX_P HELX_P5 AA5 ARG B 23 ? ASP B 40 ? ARG B 23 ASP B 40 1 ? 18 
HELX_P HELX_P6 AA6 ASP B 43 ? LEU B 58 ? ASP B 43 LEU B 58 1 ? 16 
# 
_struct_conf_type.id          HELX_P 
_struct_conf_type.criteria    ? 
_struct_conf_type.reference   ? 
# 
_pdbx_entry_details.entry_id                   9DTD 
_pdbx_entry_details.compound_details           ? 
_pdbx_entry_details.source_details             ? 
_pdbx_entry_details.nonpolymer_details         ? 
_pdbx_entry_details.sequence_details           ? 
_pdbx_entry_details.has_ligand_of_interest     ? 
_pdbx_entry_details.has_protein_modification   N 
# 
_pdbx_validate_torsion.id              1 
_pdbx_validate_torsion.PDB_model_num   1 
_pdbx_validate_torsion.auth_comp_id    ARG 
_pdbx_validate_torsion.auth_asym_id    A 
_pdbx_validate_torsion.auth_seq_id     23 
_pdbx_validate_torsion.PDB_ins_code    ? 
_pdbx_validate_torsion.label_alt_id    ? 
_pdbx_validate_torsion.phi             36.68 
_pdbx_validate_torsion.psi             68.38 
# 
loop_
_space_group_symop.id 
_space_group_symop.operation_xyz 
1 x,y,z          
2 -y,x-y,z+2/3   
3 -x+y,-x,z+1/3  
4 x-y,-y,-z+1/3  
5 -x,-x+y,-z+2/3 
6 y,x,-z         
# 
_pdbx_unobs_or_zero_occ_residues.id               1 
_pdbx_unobs_or_zero_occ_residues.PDB_model_num    1 
_pdbx_unobs_or_zero_occ_residues.polymer_flag     Y 
_pdbx_unobs_or_zero_occ_residues.occupancy_flag   1 
_pdbx_unobs_or_zero_occ_residues.auth_asym_id     B 
_pdbx_unobs_or_zero_occ_residues.auth_comp_id     SER 
_pdbx_unobs_or_zero_occ_residues.auth_seq_id      1 
_pdbx_unobs_or_zero_occ_residues.PDB_ins_code     ? 
_pdbx_unobs_or_zero_occ_residues.label_asym_id    B 
_pdbx_unobs_or_zero_occ_residues.label_comp_id    SER 
_pdbx_unobs_or_zero_occ_residues.label_seq_id     1 
# 
loop_
_chem_comp_atom.comp_id 
_chem_comp_atom.atom_id 
_chem_comp_atom.type_symbol 
_chem_comp_atom.pdbx_aromatic_flag 
_chem_comp_atom.pdbx_stereo_config 
_chem_comp_atom.pdbx_ordinal 
ALA N    N N N 1   
ALA CA   C N S 2   
ALA C    C N N 3   
ALA O    O N N 4   
ALA CB   C N N 5   
ALA OXT  O N N 6   
ALA H    H N N 7   
ALA H2   H N N 8   
ALA HA   H N N 9   
ALA HB1  H N N 10  
ALA HB2  H N N 11  
ALA HB3  H N N 12  
ALA HXT  H N N 13  
ARG N    N N N 14  
ARG CA   C N S 15  
ARG C    C N N 16  
ARG O    O N N 17  
ARG CB   C N N 18  
ARG CG   C N N 19  
ARG CD   C N N 20  
ARG NE   N N N 21  
ARG CZ   C N N 22  
ARG NH1  N N N 23  
ARG NH2  N N N 24  
ARG OXT  O N N 25  
ARG H    H N N 26  
ARG H2   H N N 27  
ARG HA   H N N 28  
ARG HB2  H N N 29  
ARG HB3  H N N 30  
ARG HG2  H N N 31  
ARG HG3  H N N 32  
ARG HD2  H N N 33  
ARG HD3  H N N 34  
ARG HE   H N N 35  
ARG HH11 H N N 36  
ARG HH12 H N N 37  
ARG HH21 H N N 38  
ARG HH22 H N N 39  
ARG HXT  H N N 40  
ASP N    N N N 41  
ASP CA   C N S 42  
ASP C    C N N 43  
ASP O    O N N 44  
ASP CB   C N N 45  
ASP CG   C N N 46  
ASP OD1  O N N 47  
ASP OD2  O N N 48  
ASP OXT  O N N 49  
ASP H    H N N 50  
ASP H2   H N N 51  
ASP HA   H N N 52  
ASP HB2  H N N 53  
ASP HB3  H N N 54  
ASP HD2  H N N 55  
ASP HXT  H N N 56  
GLN N    N N N 57  
GLN CA   C N S 58  
GLN C    C N N 59  
GLN O    O N N 60  
GLN CB   C N N 61  
GLN CG   C N N 62  
GLN CD   C N N 63  
GLN OE1  O N N 64  
GLN NE2  N N N 65  
GLN OXT  O N N 66  
GLN H    H N N 67  
GLN H2   H N N 68  
GLN HA   H N N 69  
GLN HB2  H N N 70  
GLN HB3  H N N 71  
GLN HG2  H N N 72  
GLN HG3  H N N 73  
GLN HE21 H N N 74  
GLN HE22 H N N 75  
GLN HXT  H N N 76  
GLU N    N N N 77  
GLU CA   C N S 78  
GLU C    C N N 79  
GLU O    O N N 80  
GLU CB   C N N 81  
GLU CG   C N N 82  
GLU CD   C N N 83  
GLU OE1  O N N 84  
GLU OE2  O N N 85  
GLU OXT  O N N 86  
GLU H    H N N 87  
GLU H2   H N N 88  
GLU HA   H N N 89  
GLU HB2  H N N 90  
GLU HB3  H N N 91  
GLU HG2  H N N 92  
GLU HG3  H N N 93  
GLU HE2  H N N 94  
GLU HXT  H N N 95  
GLY N    N N N 96  
GLY CA   C N N 97  
GLY C    C N N 98  
GLY O    O N N 99  
GLY OXT  O N N 100 
GLY H    H N N 101 
GLY H2   H N N 102 
GLY HA2  H N N 103 
GLY HA3  H N N 104 
GLY HXT  H N N 105 
LEU N    N N N 106 
LEU CA   C N S 107 
LEU C    C N N 108 
LEU O    O N N 109 
LEU CB   C N N 110 
LEU CG   C N N 111 
LEU CD1  C N N 112 
LEU CD2  C N N 113 
LEU OXT  O N N 114 
LEU H    H N N 115 
LEU H2   H N N 116 
LEU HA   H N N 117 
LEU HB2  H N N 118 
LEU HB3  H N N 119 
LEU HG   H N N 120 
LEU HD11 H N N 121 
LEU HD12 H N N 122 
LEU HD13 H N N 123 
LEU HD21 H N N 124 
LEU HD22 H N N 125 
LEU HD23 H N N 126 
LEU HXT  H N N 127 
LYS N    N N N 128 
LYS CA   C N S 129 
LYS C    C N N 130 
LYS O    O N N 131 
LYS CB   C N N 132 
LYS CG   C N N 133 
LYS CD   C N N 134 
LYS CE   C N N 135 
LYS NZ   N N N 136 
LYS OXT  O N N 137 
LYS H    H N N 138 
LYS H2   H N N 139 
LYS HA   H N N 140 
LYS HB2  H N N 141 
LYS HB3  H N N 142 
LYS HG2  H N N 143 
LYS HG3  H N N 144 
LYS HD2  H N N 145 
LYS HD3  H N N 146 
LYS HE2  H N N 147 
LYS HE3  H N N 148 
LYS HZ1  H N N 149 
LYS HZ2  H N N 150 
LYS HZ3  H N N 151 
LYS HXT  H N N 152 
PHE N    N N N 153 
PHE CA   C N S 154 
PHE C    C N N 155 
PHE O    O N N 156 
PHE CB   C N N 157 
PHE CG   C Y N 158 
PHE CD1  C Y N 159 
PHE CD2  C Y N 160 
PHE CE1  C Y N 161 
PHE CE2  C Y N 162 
PHE CZ   C Y N 163 
PHE OXT  O N N 164 
PHE H    H N N 165 
PHE H2   H N N 166 
PHE HA   H N N 167 
PHE HB2  H N N 168 
PHE HB3  H N N 169 
PHE HD1  H N N 170 
PHE HD2  H N N 171 
PHE HE1  H N N 172 
PHE HE2  H N N 173 
PHE HZ   H N N 174 
PHE HXT  H N N 175 
PRO N    N N N 176 
PRO CA   C N S 177 
PRO C    C N N 178 
PRO O    O N N 179 
PRO CB   C N N 180 
PRO CG   C N N 181 
PRO CD   C N N 182 
PRO OXT  O N N 183 
PRO H    H N N 184 
PRO HA   H N N 185 
PRO HB2  H N N 186 
PRO HB3  H N N 187 
PRO HG2  H N N 188 
PRO HG3  H N N 189 
PRO HD2  H N N 190 
PRO HD3  H N N 191 
PRO HXT  H N N 192 
SER N    N N N 193 
SER CA   C N S 194 
SER C    C N N 195 
SER O    O N N 196 
SER CB   C N N 197 
SER OG   O N N 198 
SER OXT  O N N 199 
SER H    H N N 200 
SER H2   H N N 201 
SER HA   H N N 202 
SER HB2  H N N 203 
SER HB3  H N N 204 
SER HG   H N N 205 
SER HXT  H N N 206 
VAL N    N N N 207 
VAL CA   C N S 208 
VAL C    C N N 209 
VAL O    O N N 210 
VAL CB   C N N 211 
VAL CG1  C N N 212 
VAL CG2  C N N 213 
VAL OXT  O N N 214 
VAL H    H N N 215 
VAL H2   H N N 216 
VAL HA   H N N 217 
VAL HB   H N N 218 
VAL HG11 H N N 219 
VAL HG12 H N N 220 
VAL HG13 H N N 221 
VAL HG21 H N N 222 
VAL HG22 H N N 223 
VAL HG23 H N N 224 
VAL HXT  H N N 225 
# 
loop_
_chem_comp_bond.comp_id 
_chem_comp_bond.atom_id_1 
_chem_comp_bond.atom_id_2 
_chem_comp_bond.value_order 
_chem_comp_bond.pdbx_aromatic_flag 
_chem_comp_bond.pdbx_stereo_config 
_chem_comp_bond.pdbx_ordinal 
ALA N   CA   sing N N 1   
ALA N   H    sing N N 2   
ALA N   H2   sing N N 3   
ALA CA  C    sing N N 4   
ALA CA  CB   sing N N 5   
ALA CA  HA   sing N N 6   
ALA C   O    doub N N 7   
ALA C   OXT  sing N N 8   
ALA CB  HB1  sing N N 9   
ALA CB  HB2  sing N N 10  
ALA CB  HB3  sing N N 11  
ALA OXT HXT  sing N N 12  
ARG N   CA   sing N N 13  
ARG N   H    sing N N 14  
ARG N   H2   sing N N 15  
ARG CA  C    sing N N 16  
ARG CA  CB   sing N N 17  
ARG CA  HA   sing N N 18  
ARG C   O    doub N N 19  
ARG C   OXT  sing N N 20  
ARG CB  CG   sing N N 21  
ARG CB  HB2  sing N N 22  
ARG CB  HB3  sing N N 23  
ARG CG  CD   sing N N 24  
ARG CG  HG2  sing N N 25  
ARG CG  HG3  sing N N 26  
ARG CD  NE   sing N N 27  
ARG CD  HD2  sing N N 28  
ARG CD  HD3  sing N N 29  
ARG NE  CZ   sing N N 30  
ARG NE  HE   sing N N 31  
ARG CZ  NH1  sing N N 32  
ARG CZ  NH2  doub N N 33  
ARG NH1 HH11 sing N N 34  
ARG NH1 HH12 sing N N 35  
ARG NH2 HH21 sing N N 36  
ARG NH2 HH22 sing N N 37  
ARG OXT HXT  sing N N 38  
ASP N   CA   sing N N 39  
ASP N   H    sing N N 40  
ASP N   H2   sing N N 41  
ASP CA  C    sing N N 42  
ASP CA  CB   sing N N 43  
ASP CA  HA   sing N N 44  
ASP C   O    doub N N 45  
ASP C   OXT  sing N N 46  
ASP CB  CG   sing N N 47  
ASP CB  HB2  sing N N 48  
ASP CB  HB3  sing N N 49  
ASP CG  OD1  doub N N 50  
ASP CG  OD2  sing N N 51  
ASP OD2 HD2  sing N N 52  
ASP OXT HXT  sing N N 53  
GLN N   CA   sing N N 54  
GLN N   H    sing N N 55  
GLN N   H2   sing N N 56  
GLN CA  C    sing N N 57  
GLN CA  CB   sing N N 58  
GLN CA  HA   sing N N 59  
GLN C   O    doub N N 60  
GLN C   OXT  sing N N 61  
GLN CB  CG   sing N N 62  
GLN CB  HB2  sing N N 63  
GLN CB  HB3  sing N N 64  
GLN CG  CD   sing N N 65  
GLN CG  HG2  sing N N 66  
GLN CG  HG3  sing N N 67  
GLN CD  OE1  doub N N 68  
GLN CD  NE2  sing N N 69  
GLN NE2 HE21 sing N N 70  
GLN NE2 HE22 sing N N 71  
GLN OXT HXT  sing N N 72  
GLU N   CA   sing N N 73  
GLU N   H    sing N N 74  
GLU N   H2   sing N N 75  
GLU CA  C    sing N N 76  
GLU CA  CB   sing N N 77  
GLU CA  HA   sing N N 78  
GLU C   O    doub N N 79  
GLU C   OXT  sing N N 80  
GLU CB  CG   sing N N 81  
GLU CB  HB2  sing N N 82  
GLU CB  HB3  sing N N 83  
GLU CG  CD   sing N N 84  
GLU CG  HG2  sing N N 85  
GLU CG  HG3  sing N N 86  
GLU CD  OE1  doub N N 87  
GLU CD  OE2  sing N N 88  
GLU OE2 HE2  sing N N 89  
GLU OXT HXT  sing N N 90  
GLY N   CA   sing N N 91  
GLY N   H    sing N N 92  
GLY N   H2   sing N N 93  
GLY CA  C    sing N N 94  
GLY CA  HA2  sing N N 95  
GLY CA  HA3  sing N N 96  
GLY C   O    doub N N 97  
GLY C   OXT  sing N N 98  
GLY OXT HXT  sing N N 99  
LEU N   CA   sing N N 100 
LEU N   H    sing N N 101 
LEU N   H2   sing N N 102 
LEU CA  C    sing N N 103 
LEU CA  CB   sing N N 104 
LEU CA  HA   sing N N 105 
LEU C   O    doub N N 106 
LEU C   OXT  sing N N 107 
LEU CB  CG   sing N N 108 
LEU CB  HB2  sing N N 109 
LEU CB  HB3  sing N N 110 
LEU CG  CD1  sing N N 111 
LEU CG  CD2  sing N N 112 
LEU CG  HG   sing N N 113 
LEU CD1 HD11 sing N N 114 
LEU CD1 HD12 sing N N 115 
LEU CD1 HD13 sing N N 116 
LEU CD2 HD21 sing N N 117 
LEU CD2 HD22 sing N N 118 
LEU CD2 HD23 sing N N 119 
LEU OXT HXT  sing N N 120 
LYS N   CA   sing N N 121 
LYS N   H    sing N N 122 
LYS N   H2   sing N N 123 
LYS CA  C    sing N N 124 
LYS CA  CB   sing N N 125 
LYS CA  HA   sing N N 126 
LYS C   O    doub N N 127 
LYS C   OXT  sing N N 128 
LYS CB  CG   sing N N 129 
LYS CB  HB2  sing N N 130 
LYS CB  HB3  sing N N 131 
LYS CG  CD   sing N N 132 
LYS CG  HG2  sing N N 133 
LYS CG  HG3  sing N N 134 
LYS CD  CE   sing N N 135 
LYS CD  HD2  sing N N 136 
LYS CD  HD3  sing N N 137 
LYS CE  NZ   sing N N 138 
LYS CE  HE2  sing N N 139 
LYS CE  HE3  sing N N 140 
LYS NZ  HZ1  sing N N 141 
LYS NZ  HZ2  sing N N 142 
LYS NZ  HZ3  sing N N 143 
LYS OXT HXT  sing N N 144 
PHE N   CA   sing N N 145 
PHE N   H    sing N N 146 
PHE N   H2   sing N N 147 
PHE CA  C    sing N N 148 
PHE CA  CB   sing N N 149 
PHE CA  HA   sing N N 150 
PHE C   O    doub N N 151 
PHE C   OXT  sing N N 152 
PHE CB  CG   sing N N 153 
PHE CB  HB2  sing N N 154 
PHE CB  HB3  sing N N 155 
PHE CG  CD1  doub Y N 156 
PHE CG  CD2  sing Y N 157 
PHE CD1 CE1  sing Y N 158 
PHE CD1 HD1  sing N N 159 
PHE CD2 CE2  doub Y N 160 
PHE CD2 HD2  sing N N 161 
PHE CE1 CZ   doub Y N 162 
PHE CE1 HE1  sing N N 163 
PHE CE2 CZ   sing Y N 164 
PHE CE2 HE2  sing N N 165 
PHE CZ  HZ   sing N N 166 
PHE OXT HXT  sing N N 167 
PRO N   CA   sing N N 168 
PRO N   CD   sing N N 169 
PRO N   H    sing N N 170 
PRO CA  C    sing N N 171 
PRO CA  CB   sing N N 172 
PRO CA  HA   sing N N 173 
PRO C   O    doub N N 174 
PRO C   OXT  sing N N 175 
PRO CB  CG   sing N N 176 
PRO CB  HB2  sing N N 177 
PRO CB  HB3  sing N N 178 
PRO CG  CD   sing N N 179 
PRO CG  HG2  sing N N 180 
PRO CG  HG3  sing N N 181 
PRO CD  HD2  sing N N 182 
PRO CD  HD3  sing N N 183 
PRO OXT HXT  sing N N 184 
SER N   CA   sing N N 185 
SER N   H    sing N N 186 
SER N   H2   sing N N 187 
SER CA  C    sing N N 188 
SER CA  CB   sing N N 189 
SER CA  HA   sing N N 190 
SER C   O    doub N N 191 
SER C   OXT  sing N N 192 
SER CB  OG   sing N N 193 
SER CB  HB2  sing N N 194 
SER CB  HB3  sing N N 195 
SER OG  HG   sing N N 196 
SER OXT HXT  sing N N 197 
VAL N   CA   sing N N 198 
VAL N   H    sing N N 199 
VAL N   H2   sing N N 200 
VAL CA  C    sing N N 201 
VAL CA  CB   sing N N 202 
VAL CA  HA   sing N N 203 
VAL C   O    doub N N 204 
VAL C   OXT  sing N N 205 
VAL CB  CG1  sing N N 206 
VAL CB  CG2  sing N N 207 
VAL CB  HB   sing N N 208 
VAL CG1 HG11 sing N N 209 
VAL CG1 HG12 sing N N 210 
VAL CG1 HG13 sing N N 211 
VAL CG2 HG21 sing N N 212 
VAL CG2 HG22 sing N N 213 
VAL CG2 HG23 sing N N 214 
VAL OXT HXT  sing N N 215 
# 
_pdbx_audit_support.funding_organization   'Howard Hughes Medical Institute (HHMI)' 
_pdbx_audit_support.country                'United States' 
_pdbx_audit_support.grant_number           ? 
_pdbx_audit_support.ordinal                1 
# 
_pdbx_initial_refinement_model.id               1 
_pdbx_initial_refinement_model.entity_id_list   ? 
_pdbx_initial_refinement_model.type             'in silico model' 
_pdbx_initial_refinement_model.source_name      Other 
_pdbx_initial_refinement_model.accession_code   ? 
_pdbx_initial_refinement_model.details          'de novo designed model' 
# 
_space_group.name_H-M_alt     'P 32 2 1' 
_space_group.name_Hall        
;P 32 2"
;
_space_group.IT_number        154 
_space_group.crystal_system   trigonal 
_space_group.id               1 
# 
_atom_sites.entry_id                    9DTD 
_atom_sites.Cartn_transf_matrix[1][1]   ? 
_atom_sites.Cartn_transf_matrix[1][2]   ? 
_atom_sites.Cartn_transf_matrix[1][3]   ? 
_atom_sites.Cartn_transf_matrix[2][1]   ? 
_atom_sites.Cartn_transf_matrix[2][2]   ? 
_atom_sites.Cartn_transf_matrix[2][3]   ? 
_atom_sites.Cartn_transf_matrix[3][1]   ? 
_atom_sites.Cartn_transf_matrix[3][2]   ? 
_atom_sites.Cartn_transf_matrix[3][3]   ? 
_atom_sites.Cartn_transf_vector[1]      ? 
_atom_sites.Cartn_transf_vector[2]      ? 
_atom_sites.Cartn_transf_vector[3]      ? 
_atom_sites.Cartn_transform_axes        ? 
_atom_sites.fract_transf_matrix[1][1]   -0.00204429 
_atom_sites.fract_transf_matrix[1][2]   0.01589652 
_atom_sites.fract_transf_matrix[1][3]   0.00454728 
_atom_sites.fract_transf_matrix[2][1]   -0.00912930 
_atom_sites.fract_transf_matrix[2][2]   0.00371375 
_atom_sites.fract_transf_matrix[2][3]   0.01343204 
_atom_sites.fract_transf_matrix[3][1]   0.01655570 
_atom_sites.fract_transf_matrix[3][2]   -0.00118331 
_atom_sites.fract_transf_matrix[3][3]   0.01157951 
_atom_sites.fract_transf_vector[1]      -0.407675 
_atom_sites.fract_transf_vector[2]      0.096044 
_atom_sites.fract_transf_vector[3]      0.398750 
_atom_sites.solution_primary            ? 
_atom_sites.solution_secondary          ? 
_atom_sites.solution_hydrogens          ? 
_atom_sites.special_details             ? 
# 
loop_
_atom_type.symbol 
_atom_type.scat_dispersion_real 
_atom_type.scat_dispersion_imag 
_atom_type.scat_Cromer_Mann_a1 
_atom_type.scat_Cromer_Mann_a2 
_atom_type.scat_Cromer_Mann_a3 
_atom_type.scat_Cromer_Mann_a4 
_atom_type.scat_Cromer_Mann_b1 
_atom_type.scat_Cromer_Mann_b2 
_atom_type.scat_Cromer_Mann_b3 
_atom_type.scat_Cromer_Mann_b4 
_atom_type.scat_Cromer_Mann_c 
_atom_type.scat_source 
_atom_type.scat_dispersion_source 
C ? ? 3.54356 2.42580 ? ? 25.62398 1.50364 ? ? 0.0 
;2-Gaussian fit: Grosse-Kunstleve RW, Sauter NK, Adams PD: Newsletter of the IUCr Commission on Crystallographic Computing 2004, 3, 22-31.
;
? 
N ? ? 6.96715 ?       ? ? 11.43723 ?       ? ? 0.0 
;1-Gaussian fit: Grosse-Kunstleve RW, Sauter NK, Adams PD: Newsletter of the IUCr Commission on Crystallographic Computing 2004, 3, 22-31.
;
? 
O ? ? 7.96527 ?       ? ? 9.05267  ?       ? ? 0.0 
;1-Gaussian fit: Grosse-Kunstleve RW, Sauter NK, Adams PD: Newsletter of the IUCr Commission on Crystallographic Computing 2004, 3, 22-31.
;
? 
# 
loop_
_atom_site.group_PDB 
_atom_site.id 
_atom_site.type_symbol 
_atom_site.label_atom_id 
_atom_site.label_alt_id 
_atom_site.label_comp_id 
_atom_site.label_asym_id 
_atom_site.label_entity_id 
_atom_site.label_seq_id 
_atom_site.pdbx_PDB_ins_code 
_atom_site.Cartn_x 
_atom_site.Cartn_y 
_atom_site.Cartn_z 
_atom_site.occupancy 
_atom_site.B_iso_or_equiv 
_atom_site.pdbx_formal_charge 
_atom_site.auth_seq_id 
_atom_site.auth_comp_id 
_atom_site.auth_asym_id 
_atom_site.auth_atom_id 
_atom_site.pdbx_PDB_model_num 
ATOM 1   N N   . SER A 1 1  ? -9.50442  -5.18613  16.26302  1.000 86.14722  ? 1  SER A N   1 
ATOM 2   C CA  . SER A 1 1  ? -10.47518 -4.77883  17.27505  1.000 104.96226 ? 1  SER A CA  1 
ATOM 3   C C   . SER A 1 1  ? -10.46366 -3.26687  17.47612  1.000 98.32278  ? 1  SER A C   1 
ATOM 4   O O   . SER A 1 1  ? -10.51424 -2.50519  16.51383  1.000 91.10233  ? 1  SER A O   1 
ATOM 5   C CB  . SER A 1 1  ? -10.18895 -5.48369  18.60313  1.000 126.23103 ? 1  SER A CB  1 
ATOM 6   O OG  . SER A 1 1  ? -11.08760 -5.05913  19.61491  1.000 130.18639 ? 1  SER A OG  1 
ATOM 7   N N   . GLU A 1 2  ? -10.40532 -2.83931  18.74128  1.000 108.07834 ? 2  GLU A N   1 
ATOM 8   C CA  . GLU A 1 2  ? -10.21830 -1.42199  19.03748  1.000 99.67145  ? 2  GLU A CA  1 
ATOM 9   C C   . GLU A 1 2  ? -8.84757  -0.93661  18.58223  1.000 94.42651  ? 2  GLU A C   1 
ATOM 10  O O   . GLU A 1 2  ? -8.70806  0.20968   18.14356  1.000 83.52721  ? 2  GLU A O   1 
ATOM 11  C CB  . GLU A 1 2  ? -10.39990 -1.16272  20.53714  1.000 94.33669  ? 2  GLU A CB  1 
ATOM 12  C CG  . GLU A 1 2  ? -9.54085  -2.04721  21.43645  1.000 109.76094 ? 2  GLU A CG  1 
ATOM 13  C CD  . GLU A 1 2  ? -9.60513  -1.64641  22.89824  1.000 125.04250 ? 2  GLU A CD  1 
ATOM 14  O OE1 . GLU A 1 2  ? -9.50169  -0.43435  23.18573  1.000 119.60631 ? 2  GLU A OE1 1 
ATOM 15  O OE2 . GLU A 1 2  ? -9.75644  -2.54540  23.75549  1.000 110.29002 ? 2  GLU A OE2 1 
ATOM 16  N N   . GLU A 1 3  ? -7.82937  -1.79379  18.66906  1.000 90.54198  ? 3  GLU A N   1 
ATOM 17  C CA  . GLU A 1 3  ? -6.48192  -1.37913  18.30305  1.000 87.29227  ? 3  GLU A CA  1 
ATOM 18  C C   . GLU A 1 3  ? -6.34947  -1.22000  16.79593  1.000 82.69252  ? 3  GLU A C   1 
ATOM 19  O O   . GLU A 1 3  ? -5.72650  -0.26349  16.31815  1.000 87.61941  ? 3  GLU A O   1 
ATOM 20  C CB  . GLU A 1 3  ? -5.46389  -2.37779  18.85689  1.000 98.40139  ? 3  GLU A CB  1 
ATOM 21  C CG  . GLU A 1 3  ? -5.23703  -2.19315  20.33910  1.000 88.64812  ? 3  GLU A CG  1 
ATOM 22  C CD  . GLU A 1 3  ? -4.84510  -0.77237  20.70408  1.000 93.29361  ? 3  GLU A CD  1 
ATOM 23  O OE1 . GLU A 1 3  ? -4.14043  -0.10994  19.90925  1.000 70.08656  ? 3  GLU A OE1 1 
ATOM 24  O OE2 . GLU A 1 3  ? -5.26538  -0.31754  21.78780  1.000 96.00586  ? 3  GLU A OE2 1 
ATOM 25  N N   . SER A 1 4  ? -6.92497  -2.14642  16.02889  1.000 85.08988  ? 4  SER A N   1 
ATOM 26  C CA  . SER A 1 4  ? -7.00243  -1.93820  14.58884  1.000 82.46903  ? 4  SER A CA  1 
ATOM 27  C C   . SER A 1 4  ? -7.77950  -0.67275  14.25269  1.000 71.62191  ? 4  SER A C   1 
ATOM 28  O O   . SER A 1 4  ? -7.39830  0.06479   13.33602  1.000 69.49896  ? 4  SER A O   1 
ATOM 29  C CB  . SER A 1 4  ? -7.64542  -3.14437  13.91494  1.000 83.42565  ? 4  SER A CB  1 
ATOM 30  O OG  . SER A 1 4  ? -8.90148  -3.43317  14.49960  1.000 96.69421  ? 4  SER A OG  1 
ATOM 31  N N   . GLU A 1 5  ? -8.85849  -0.39428  14.98784  1.000 71.60882  ? 5  GLU A N   1 
ATOM 32  C CA  . GLU A 1 5  ? -9.65566  0.79278   14.69397  1.000 77.34666  ? 5  GLU A CA  1 
ATOM 33  C C   . GLU A 1 5  ? -8.87392  2.07473   14.96934  1.000 76.90838  ? 5  GLU A C   1 
ATOM 34  O O   . GLU A 1 5  ? -8.94572  3.02514   14.18224  1.000 74.08097  ? 5  GLU A O   1 
ATOM 35  C CB  . GLU A 1 5  ? -10.95915 0.76693   15.49381  1.000 85.29489  ? 5  GLU A CB  1 
ATOM 36  C CG  . GLU A 1 5  ? -12.08774 1.62196   14.90606  1.000 106.74123 ? 5  GLU A CG  1 
ATOM 37  C CD  . GLU A 1 5  ? -12.89171 0.90354   13.82502  1.000 118.82590 ? 5  GLU A CD  1 
ATOM 38  O OE1 . GLU A 1 5  ? -12.29103 0.37159   12.86479  1.000 103.19994 ? 5  GLU A OE1 1 
ATOM 39  O OE2 . GLU A 1 5  ? -14.13495 0.86915   13.94019  1.000 128.57183 ? 5  GLU A OE2 1 
ATOM 40  N N   . LYS A 1 6  ? -8.11263  2.11855   16.07240  1.000 85.98175  ? 6  LYS A N   1 
ATOM 41  C CA  . LYS A 1 6  ? -7.31984  3.30851   16.38582  1.000 72.63144  ? 6  LYS A CA  1 
ATOM 42  C C   . LYS A 1 6  ? -6.19233  3.50949   15.38095  1.000 78.63816  ? 6  LYS A C   1 
ATOM 43  O O   . LYS A 1 6  ? -5.97312  4.63080   14.90935  1.000 75.80581  ? 6  LYS A O   1 
ATOM 44  C CB  . LYS A 1 6  ? -6.74923  3.21696   17.80112  1.000 72.36937  ? 6  LYS A CB  1 
ATOM 45  C CG  . LYS A 1 6  ? -7.73543  3.53920   18.91628  1.000 88.45579  ? 6  LYS A CG  1 
ATOM 46  C CD  . LYS A 1 6  ? -7.12456  3.28963   20.29355  1.000 96.39500  ? 6  LYS A CD  1 
ATOM 47  C CE  . LYS A 1 6  ? -8.19098  3.29766   21.38452  1.000 117.92309 ? 6  LYS A CE  1 
ATOM 48  N NZ  . LYS A 1 6  ? -7.71855  2.67265   22.65543  1.000 105.23907 ? 6  LYS A NZ  1 
ATOM 49  N N   . LEU A 1 7  ? -5.46002  2.43800   15.05257  1.000 64.92420  ? 7  LEU A N   1 
ATOM 50  C CA  . LEU A 1 7  ? -4.36901  2.53037   14.08690  1.000 59.94200  ? 7  LEU A CA  1 
ATOM 51  C C   . LEU A 1 7  ? -4.85713  2.96251   12.71653  1.000 83.30433  ? 7  LEU A C   1 
ATOM 52  O O   . LEU A 1 7  ? -4.13162  3.65241   11.99206  1.000 74.74744  ? 7  LEU A O   1 
ATOM 53  C CB  . LEU A 1 7  ? -3.66278  1.18601   13.95663  1.000 60.25445  ? 7  LEU A CB  1 
ATOM 54  C CG  . LEU A 1 7  ? -2.65001  0.79755   15.02324  1.000 80.21890  ? 7  LEU A CG  1 
ATOM 55  C CD1 . LEU A 1 7  ? -1.95309  -0.47454  14.58466  1.000 76.77576  ? 7  LEU A CD1 1 
ATOM 56  C CD2 . LEU A 1 7  ? -1.65449  1.92504   15.21507  1.000 72.50107  ? 7  LEU A CD2 1 
ATOM 57  N N   . LEU A 1 8  ? -6.06790  2.54414   12.33741  1.000 100.17723 ? 8  LEU A N   1 
ATOM 58  C CA  . LEU A 1 8  ? -6.60546  2.87565   11.02218  1.000 78.23570  ? 8  LEU A CA  1 
ATOM 59  C C   . LEU A 1 8  ? -6.87053  4.36957   10.89056  1.000 76.59616  ? 8  LEU A C   1 
ATOM 60  O O   . LEU A 1 8  ? -6.52259  4.98287   9.87545   1.000 74.19314  ? 8  LEU A O   1 
ATOM 61  C CB  . LEU A 1 8  ? -7.88303  2.08619   10.76847  1.000 62.69561  ? 8  LEU A CB  1 
ATOM 62  C CG  . LEU A 1 8  ? -8.53546  2.43668   9.43601   1.000 67.78775  ? 8  LEU A CG  1 
ATOM 63  C CD1 . LEU A 1 8  ? -7.57907  2.11207   8.29937   1.000 63.58270  ? 8  LEU A CD1 1 
ATOM 64  C CD2 . LEU A 1 8  ? -9.83330  1.68540   9.29763   1.000 74.03533  ? 8  LEU A CD2 1 
ATOM 65  N N   . LYS A 1 9  ? -7.49432  4.97357   11.90427  1.000 70.13274  ? 9  LYS A N   1 
ATOM 66  C CA  . LYS A 1 9  ? -7.71761  6.41254   11.86065  1.000 67.45578  ? 9  LYS A CA  1 
ATOM 67  C C   . LYS A 1 9  ? -6.39277  7.16495   11.86312  1.000 93.64491  ? 9  LYS A C   1 
ATOM 68  O O   . LYS A 1 9  ? -6.21744  8.13086   11.11048  1.000 101.28146 ? 9  LYS A O   1 
ATOM 69  C CB  . LYS A 1 9  ? -8.61074  6.83446   13.02828  1.000 72.65994  ? 9  LYS A CB  1 
ATOM 70  C CG  . LYS A 1 9  ? -10.01114 6.21812   12.95871  1.000 123.28035 ? 9  LYS A CG  1 
ATOM 71  C CD  . LYS A 1 9  ? -10.92951 6.69548   14.08044  1.000 144.93796 ? 9  LYS A CD  1 
ATOM 72  C CE  . LYS A 1 9  ? -12.34010 6.12922   13.91792  1.000 151.53965 ? 9  LYS A CE  1 
ATOM 73  N NZ  . LYS A 1 9  ? -13.26075 6.56788   15.00843  1.000 150.21957 ? 9  LYS A NZ  1 
ATOM 74  N N   . GLU A 1 10 ? -5.43581  6.71101   12.67962  1.000 93.14932  ? 10 GLU A N   1 
ATOM 75  C CA  . GLU A 1 10 ? -4.10867  7.32200   12.70808  1.000 87.62173  ? 10 GLU A CA  1 
ATOM 76  C C   . GLU A 1 10 ? -3.40825  7.20291   11.35730  1.000 90.65387  ? 10 GLU A C   1 
ATOM 77  O O   . GLU A 1 10 ? -2.76396  8.15395   10.89833  1.000 91.91122  ? 10 GLU A O   1 
ATOM 78  C CB  . GLU A 1 10 ? -3.27896  6.67232   13.81321  1.000 90.75504  ? 10 GLU A CB  1 
ATOM 79  C CG  . GLU A 1 10 ? -1.80827  7.03271   13.82975  1.000 109.06519 ? 10 GLU A CG  1 
ATOM 80  C CD  . GLU A 1 10 ? -1.03617  6.20082   14.83521  1.000 114.29116 ? 10 GLU A CD  1 
ATOM 81  O OE1 . GLU A 1 10 ? -1.67975  5.55293   15.68723  1.000 109.38948 ? 10 GLU A OE1 1 
ATOM 82  O OE2 . GLU A 1 10 ? 0.21004   6.18636   14.76988  1.000 123.07550 ? 10 GLU A OE2 1 
ATOM 83  N N   . ALA A 1 11 ? -3.52363  6.04147   10.70534  1.000 89.94274  ? 11 ALA A N   1 
ATOM 84  C CA  . ALA A 1 11 ? -2.96040  5.88167   9.36700   1.000 94.21871  ? 11 ALA A CA  1 
ATOM 85  C C   . ALA A 1 11 ? -3.55561  6.89327   8.38993   1.000 100.47242 ? 11 ALA A C   1 
ATOM 86  O O   . ALA A 1 11 ? -2.82362  7.53132   7.62171   1.000 93.07321  ? 11 ALA A O   1 
ATOM 87  C CB  . ALA A 1 11 ? -3.18238  4.44920   8.87047   1.000 73.17534  ? 11 ALA A CB  1 
ATOM 88  N N   . LYS A 1 12 ? -4.88051  7.06793   8.42046   1.000 93.17331  ? 12 LYS A N   1 
ATOM 89  C CA  . LYS A 1 12 ? -5.53633  7.97838   7.48695   1.000 90.57199  ? 12 LYS A CA  1 
ATOM 90  C C   . LYS A 1 12 ? -5.07652  9.41644   7.70362   1.000 105.25409 ? 12 LYS A C   1 
ATOM 91  O O   . LYS A 1 12 ? -4.75123  10.12800  6.74612   1.000 112.79132 ? 12 LYS A O   1 
ATOM 92  C CB  . LYS A 1 12 ? -7.05642  7.87140   7.63336   1.000 96.97001  ? 12 LYS A CB  1 
ATOM 93  C CG  . LYS A 1 12 ? -7.63286  6.53962   7.19188   1.000 87.94436  ? 12 LYS A CG  1 
ATOM 94  C CD  . LYS A 1 12 ? -9.13433  6.47362   7.42488   1.000 60.10890  ? 12 LYS A CD  1 
ATOM 95  C CE  . LYS A 1 12 ? -9.72585  5.30288   6.66816   1.000 82.50532  ? 12 LYS A CE  1 
ATOM 96  N NZ  . LYS A 1 12 ? -11.20920 5.35216   6.60374   1.000 97.04497  ? 12 LYS A NZ  1 
ATOM 97  N N   . GLU A 1 13 ? -5.03973  9.86201   8.96238   1.000 95.41174  ? 13 GLU A N   1 
ATOM 98  C CA  . GLU A 1 13 ? -4.72711  11.25725  9.25365   1.000 103.55929 ? 13 GLU A CA  1 
ATOM 99  C C   . GLU A 1 13 ? -3.25071  11.57910  9.07498   1.000 105.64402 ? 13 GLU A C   1 
ATOM 100 O O   . GLU A 1 13 ? -2.90715  12.74883  8.87421   1.000 100.41328 ? 13 GLU A O   1 
ATOM 101 C CB  . GLU A 1 13 ? -5.16524  11.60987  10.67595  1.000 104.41965 ? 13 GLU A CB  1 
ATOM 102 C CG  . GLU A 1 13 ? -6.67715  11.67603  10.85094  1.000 119.70547 ? 13 GLU A CG  1 
ATOM 103 C CD  . GLU A 1 13 ? -7.08388  12.21158  12.20817  1.000 127.27513 ? 13 GLU A CD  1 
ATOM 104 O OE1 . GLU A 1 13 ? -6.54194  11.72930  13.22747  1.000 114.49685 ? 13 GLU A OE1 1 
ATOM 105 O OE2 . GLU A 1 13 ? -7.94346  13.11809  12.25316  1.000 120.14806 ? 13 GLU A OE2 1 
ATOM 106 N N   . GLU A 1 14 ? -2.37275  10.57600  9.14297   1.000 105.45956 ? 14 GLU A N   1 
ATOM 107 C CA  . GLU A 1 14 ? -0.94655  10.82959  8.96444   1.000 106.42745 ? 14 GLU A CA  1 
ATOM 108 C C   . GLU A 1 14 ? -0.55469  10.82287  7.49212   1.000 107.38669 ? 14 GLU A C   1 
ATOM 109 O O   . GLU A 1 14 ? 0.18787   11.70394  7.04314   1.000 119.00218 ? 14 GLU A O   1 
ATOM 110 C CB  . GLU A 1 14 ? -0.12191  9.80123   9.73951   1.000 100.37923 ? 14 GLU A CB  1 
ATOM 111 C CG  . GLU A 1 14 ? -0.19715  9.97265   11.24392  1.000 113.03541 ? 14 GLU A CG  1 
ATOM 112 C CD  . GLU A 1 14 ? 1.12065   10.40801  11.84532  1.000 132.76558 ? 14 GLU A CD  1 
ATOM 113 O OE1 . GLU A 1 14 ? 2.09735   9.63204   11.75794  1.000 121.48885 ? 14 GLU A OE1 1 
ATOM 114 O OE2 . GLU A 1 14 ? 1.17965   11.52706  12.39901  1.000 149.63373 ? 14 GLU A OE2 1 
ATOM 115 N N   . VAL A 1 15 ? -1.03715  9.84265   6.72438   1.000 83.98317  ? 15 VAL A N   1 
ATOM 116 C CA  . VAL A 1 15 ? -0.70488  9.81866   5.30385   1.000 91.54723  ? 15 VAL A CA  1 
ATOM 117 C C   . VAL A 1 15 ? -1.35748  10.99135  4.57916   1.000 109.75565 ? 15 VAL A C   1 
ATOM 118 O O   . VAL A 1 15 ? -0.83345  11.47436  3.56604   1.000 110.88016 ? 15 VAL A O   1 
ATOM 119 C CB  . VAL A 1 15 ? -1.09844  8.46911   4.67573   1.000 85.34895  ? 15 VAL A CB  1 
ATOM 120 C CG1 . VAL A 1 15 ? -0.66470  8.42010   3.22434   1.000 84.48778  ? 15 VAL A CG1 1 
ATOM 121 C CG2 . VAL A 1 15 ? -0.47232  7.32556   5.44843   1.000 83.00699  ? 15 VAL A CG2 1 
ATOM 122 N N   . ARG A 1 16 ? -2.49566  11.47955  5.08124   1.000 117.32638 ? 16 ARG A N   1 
ATOM 123 C CA  . ARG A 1 16 ? -3.11093  12.65410  4.47258   1.000 120.26252 ? 16 ARG A CA  1 
ATOM 124 C C   . ARG A 1 16 ? -2.33195  13.91880  4.81346   1.000 118.59480 ? 16 ARG A C   1 
ATOM 125 O O   . ARG A 1 16 ? -2.13623  14.78306  3.95110   1.000 123.98842 ? 16 ARG A O   1 
ATOM 126 C CB  . ARG A 1 16 ? -4.56772  12.78821  4.91767   1.000 111.24753 ? 16 ARG A CB  1 
ATOM 127 C CG  . ARG A 1 16 ? -5.43773  13.51961  3.91043   1.000 103.11393 ? 16 ARG A CG  1 
ATOM 128 C CD  . ARG A 1 16 ? -6.59439  14.24611  4.57399   1.000 113.07827 ? 16 ARG A CD  1 
ATOM 129 N NE  . ARG A 1 16 ? -7.43612  13.35858  5.36817   1.000 122.60131 ? 16 ARG A NE  1 
ATOM 130 C CZ  . ARG A 1 16 ? -7.47301  13.35095  6.69398   1.000 123.74185 ? 16 ARG A CZ  1 
ATOM 131 N NH1 . ARG A 1 16 ? -6.71298  14.16381  7.41038   1.000 128.76003 ? 16 ARG A NH1 1 
ATOM 132 N NH2 . ARG A 1 16 ? -8.29931  12.51309  7.31635   1.000 104.67651 ? 16 ARG A NH2 1 
ATOM 133 N N   . ARG A 1 17 ? -1.88550  14.04882  6.06829   1.000 115.60435 ? 17 ARG A N   1 
ATOM 134 C CA  . ARG A 1 17 ? -1.12680  15.23197  6.46990   1.000 111.87898 ? 17 ARG A CA  1 
ATOM 135 C C   . ARG A 1 17 ? 0.25079   15.26012  5.81796   1.000 112.07128 ? 17 ARG A C   1 
ATOM 136 O O   . ARG A 1 17 ? 0.80395   16.34180  5.58648   1.000 112.09412 ? 17 ARG A O   1 
ATOM 137 C CB  . ARG A 1 17 ? -1.01240  15.28740  7.99733   1.000 106.96128 ? 17 ARG A CB  1 
ATOM 138 C CG  . ARG A 1 17 ? -0.22884  16.47146  8.55772   1.000 117.63305 ? 17 ARG A CG  1 
ATOM 139 C CD  . ARG A 1 17 ? 1.22651   16.10280  8.81550   1.000 115.05152 ? 17 ARG A CD  1 
ATOM 140 N NE  . ARG A 1 17 ? 1.96955   17.19344  9.43419   1.000 122.72642 ? 17 ARG A NE  1 
ATOM 141 C CZ  . ARG A 1 17 ? 3.29320   17.26143  9.48789   1.000 141.57078 ? 17 ARG A CZ  1 
ATOM 142 N NH1 . ARG A 1 17 ? 4.05609   16.33132  8.93763   1.000 137.17778 ? 17 ARG A NH1 1 
ATOM 143 N NH2 . ARG A 1 17 ? 3.86605   18.29140  10.10447  1.000 147.33289 ? 17 ARG A NH2 1 
ATOM 144 N N   . LEU A 1 18 ? 0.81730   14.08934  5.51392   1.000 112.31351 ? 18 LEU A N   1 
ATOM 145 C CA  . LEU A 1 18 ? 2.08259   14.04877  4.78723   1.000 113.04206 ? 18 LEU A CA  1 
ATOM 146 C C   . LEU A 1 18 ? 1.88384   14.39509  3.31571   1.000 116.09391 ? 18 LEU A C   1 
ATOM 147 O O   . LEU A 1 18 ? 2.73257   15.05764  2.71068   1.000 116.58776 ? 18 LEU A O   1 
ATOM 148 C CB  . LEU A 1 18 ? 2.73382   12.67183  4.93389   1.000 111.05754 ? 18 LEU A CB  1 
ATOM 149 C CG  . LEU A 1 18 ? 3.68146   12.43207  6.11284   1.000 115.36834 ? 18 LEU A CG  1 
ATOM 150 C CD1 . LEU A 1 18 ? 3.99202   10.95036  6.26772   1.000 84.77554  ? 18 LEU A CD1 1 
ATOM 151 C CD2 . LEU A 1 18 ? 4.96534   13.22729  5.93504   1.000 98.40698  ? 18 LEU A CD2 1 
ATOM 152 N N   . PHE A 1 19 ? 0.76708   13.95947  2.72395   1.000 128.03115 ? 19 PHE A N   1 
ATOM 153 C CA  . PHE A 1 19 ? 0.49298   14.26989  1.32193   1.000 123.65637 ? 19 PHE A CA  1 
ATOM 154 C C   . PHE A 1 19 ? 0.19169   15.75194  1.12694   1.000 128.85828 ? 19 PHE A C   1 
ATOM 155 O O   . PHE A 1 19 ? 0.61693   16.35250  0.13314   1.000 119.77417 ? 19 PHE A O   1 
ATOM 156 C CB  . PHE A 1 19 ? -0.67177  13.41464  0.81428   1.000 108.89827 ? 19 PHE A CB  1 
ATOM 157 C CG  . PHE A 1 19 ? -1.28376  13.91126  -0.47348  1.000 125.33079 ? 19 PHE A CG  1 
ATOM 158 C CD1 . PHE A 1 19 ? -0.73246  13.56675  -1.69880  1.000 133.45625 ? 19 PHE A CD1 1 
ATOM 159 C CD2 . PHE A 1 19 ? -2.42154  14.71228  -0.45902  1.000 139.75636 ? 19 PHE A CD2 1 
ATOM 160 C CE1 . PHE A 1 19 ? -1.29606  14.02018  -2.88810  1.000 131.57530 ? 19 PHE A CE1 1 
ATOM 161 C CE2 . PHE A 1 19 ? -2.98990  15.17108  -1.64485  1.000 136.76005 ? 19 PHE A CE2 1 
ATOM 162 C CZ  . PHE A 1 19 ? -2.42525  14.82228  -2.86001  1.000 128.23932 ? 19 PHE A CZ  1 
ATOM 163 N N   . GLU A 1 20 ? -0.54706  16.35837  2.05893   1.000 130.63462 ? 20 GLU A N   1 
ATOM 164 C CA  . GLU A 1 20 ? -0.92907  17.75776  1.90881   1.000 126.47295 ? 20 GLU A CA  1 
ATOM 165 C C   . GLU A 1 20 ? 0.23757   18.71160  2.14663   1.000 133.63888 ? 20 GLU A C   1 
ATOM 166 O O   . GLU A 1 20 ? 0.13111   19.89111  1.79344   1.000 155.12566 ? 20 GLU A O   1 
ATOM 167 C CB  . GLU A 1 20 ? -2.08799  18.09609  2.85511   1.000 123.38508 ? 20 GLU A CB  1 
ATOM 168 C CG  . GLU A 1 20 ? -1.67201  18.25535  4.31677   1.000 138.47208 ? 20 GLU A CG  1 
ATOM 169 C CD  . GLU A 1 20 ? -2.84326  18.52006  5.25506   1.000 124.56179 ? 20 GLU A CD  1 
ATOM 170 O OE1 . GLU A 1 20 ? -3.97637  18.09607  4.93978   1.000 99.67686  ? 20 GLU A OE1 1 
ATOM 171 O OE2 . GLU A 1 20 ? -2.62511  19.14986  6.31554   1.000 140.08519 ? 20 GLU A OE2 1 
ATOM 172 N N   . GLU A 1 21 ? 1.34829   18.23366  2.71837   1.000 125.84131 ? 21 GLU A N   1 
ATOM 173 C CA  . GLU A 1 21 ? 2.52680   19.06650  2.94060   1.000 127.30480 ? 21 GLU A CA  1 
ATOM 174 C C   . GLU A 1 21 ? 3.61853   18.85649  1.89913   1.000 131.35536 ? 21 GLU A C   1 
ATOM 175 O O   . GLU A 1 21 ? 4.60267   19.60306  1.90121   1.000 143.28541 ? 21 GLU A O   1 
ATOM 176 C CB  . GLU A 1 21 ? 3.12125   18.81455  4.33905   1.000 123.95992 ? 21 GLU A CB  1 
ATOM 177 C CG  . GLU A 1 21 ? 4.09132   17.62556  4.43433   1.000 124.41718 ? 21 GLU A CG  1 
ATOM 178 C CD  . GLU A 1 21 ? 4.88660   17.60181  5.74230   1.000 138.55945 ? 21 GLU A CD  1 
ATOM 179 O OE1 . GLU A 1 21 ? 4.63934   18.46134  6.61687   1.000 128.35034 ? 21 GLU A OE1 1 
ATOM 180 O OE2 . GLU A 1 21 ? 5.76301   16.72184  5.89413   1.000 128.44777 ? 21 GLU A OE2 1 
ATOM 181 N N   . GLY A 1 22 ? 3.46801   17.87527  1.01311   1.000 135.57623 ? 22 GLY A N   1 
ATOM 182 C CA  . GLY A 1 22 ? 4.51235   17.51524  0.07322   1.000 122.65657 ? 22 GLY A CA  1 
ATOM 183 C C   . GLY A 1 22 ? 4.81852   16.03536  0.16683   1.000 124.88213 ? 22 GLY A C   1 
ATOM 184 O O   . GLY A 1 22 ? 3.89543   15.21809  0.22550   1.000 136.72966 ? 22 GLY A O   1 
ATOM 185 N N   . ARG A 1 23 ? 6.10513   15.68487  0.17665   1.000 107.30441 ? 23 ARG A N   1 
ATOM 186 C CA  . ARG A 1 23 ? 6.61690   14.34294  0.44923   1.000 121.91223 ? 23 ARG A CA  1 
ATOM 187 C C   . ARG A 1 23 ? 5.73521   13.22976  -0.11404  1.000 111.27081 ? 23 ARG A C   1 
ATOM 188 O O   . ARG A 1 23 ? 5.10802   12.49068  0.65477   1.000 110.54068 ? 23 ARG A O   1 
ATOM 189 C CB  . ARG A 1 23 ? 6.79277   14.16072  1.96098   1.000 121.14405 ? 23 ARG A CB  1 
ATOM 190 C CG  . ARG A 1 23 ? 7.83621   15.09545  2.58548   1.000 134.30842 ? 23 ARG A CG  1 
ATOM 191 C CD  . ARG A 1 23 ? 8.00240   14.85695  4.08797   1.000 143.53980 ? 23 ARG A CD  1 
ATOM 192 N NE  . ARG A 1 23 ? 9.02077   15.72163  4.67912   1.000 167.78839 ? 23 ARG A NE  1 
ATOM 193 C CZ  . ARG A 1 23 ? 9.33874   15.73667  5.96809   1.000 174.08515 ? 23 ARG A CZ  1 
ATOM 194 N NH1 . ARG A 1 23 ? 8.73608   14.94166  6.83715   1.000 153.22768 ? 23 ARG A NH1 1 
ATOM 195 N NH2 . ARG A 1 23 ? 10.28442  16.57146  6.39635   1.000 165.27210 ? 23 ARG A NH2 1 
ATOM 196 N N   . PRO A 1 24 ? 5.65063   13.07733  -1.44003  1.000 117.27550 ? 24 PRO A N   1 
ATOM 197 C CA  . PRO A 1 24 ? 4.88146   11.95188  -1.99557  1.000 116.26824 ? 24 PRO A CA  1 
ATOM 198 C C   . PRO A 1 24 ? 5.49373   10.60027  -1.69311  1.000 114.42895 ? 24 PRO A C   1 
ATOM 199 O O   . PRO A 1 24 ? 4.78835   9.58620   -1.76921  1.000 116.89997 ? 24 PRO A O   1 
ATOM 200 C CB  . PRO A 1 24 ? 4.87967   12.23268  -3.50607  1.000 106.89169 ? 24 PRO A CB  1 
ATOM 201 C CG  . PRO A 1 24 ? 5.18668   13.69577  -3.62726  1.000 130.31922 ? 24 PRO A CG  1 
ATOM 202 C CD  . PRO A 1 24 ? 6.12372   13.98784  -2.49550  1.000 136.48582 ? 24 PRO A CD  1 
ATOM 203 N N   . GLU A 1 25 ? 6.78081   10.55547  -1.35626  1.000 129.45395 ? 25 GLU A N   1 
ATOM 204 C CA  . GLU A 1 25 ? 7.46642   9.30590   -1.05741  1.000 136.80487 ? 25 GLU A CA  1 
ATOM 205 C C   . GLU A 1 25 ? 7.52982   9.01584   0.43840   1.000 128.43876 ? 25 GLU A C   1 
ATOM 206 O O   . GLU A 1 25 ? 7.53603   7.84472   0.83464   1.000 114.75045 ? 25 GLU A O   1 
ATOM 207 C CB  . GLU A 1 25 ? 8.87781   9.34033   -1.65396  1.000 140.63001 ? 25 GLU A CB  1 
ATOM 208 C CG  . GLU A 1 25 ? 8.89873   9.68500   -3.14260  1.000 136.09952 ? 25 GLU A CG  1 
ATOM 209 C CD  . GLU A 1 25 ? 10.23625  10.22858  -3.61169  1.000 138.48376 ? 25 GLU A CD  1 
ATOM 210 O OE1 . GLU A 1 25 ? 11.15350  10.36888  -2.77462  1.000 141.40875 ? 25 GLU A OE1 1 
ATOM 211 O OE2 . GLU A 1 25 ? 10.36520  10.52058  -4.82062  1.000 114.17806 ? 25 GLU A OE2 1 
ATOM 212 N N   . ASP A 1 26 ? 7.57517   10.05118  1.28182   1.000 127.31164 ? 26 ASP A N   1 
ATOM 213 C CA  . ASP A 1 26 ? 7.47563   9.82748   2.72009   1.000 115.87389 ? 26 ASP A CA  1 
ATOM 214 C C   . ASP A 1 26 ? 6.05851   9.43600   3.11915   1.000 114.35506 ? 26 ASP A C   1 
ATOM 215 O O   . ASP A 1 26 ? 5.87299   8.57387   3.98520   1.000 108.42102 ? 26 ASP A O   1 
ATOM 216 C CB  . ASP A 1 26 ? 7.92624   11.07637  3.48271   1.000 114.57102 ? 26 ASP A CB  1 
ATOM 217 C CG  . ASP A 1 26 ? 9.30868   10.92009  4.09499   1.000 135.56009 ? 26 ASP A CG  1 
ATOM 218 O OD1 . ASP A 1 26 ? 9.85548   9.79793   4.04784   1.000 126.83647 ? 26 ASP A OD1 1 
ATOM 219 O OD2 . ASP A 1 26 ? 9.84951   11.90952  4.63299   1.000 133.58439 ? 26 ASP A OD2 1 
ATOM 220 N N   . ALA A 1 27 ? 5.05008   10.04329  2.48705   1.000 128.91467 ? 27 ALA A N   1 
ATOM 221 C CA  . ALA A 1 27 ? 3.66418   9.68092   2.76668   1.000 98.50825  ? 27 ALA A CA  1 
ATOM 222 C C   . ALA A 1 27 ? 3.36698   8.24028   2.37182   1.000 97.51364  ? 27 ALA A C   1 
ATOM 223 O O   . ALA A 1 27 ? 2.54483   7.58047   3.01725   1.000 95.41762  ? 27 ALA A O   1 
ATOM 224 C CB  . ALA A 1 27 ? 2.71584   10.63371  2.04050   1.000 95.13871  ? 27 ALA A CB  1 
ATOM 225 N N   . ALA A 1 28 ? 4.02173   7.73623   1.32227   1.000 98.89245  ? 28 ALA A N   1 
ATOM 226 C CA  . ALA A 1 28 ? 3.80792   6.35818   0.89474   1.000 106.25636 ? 28 ALA A CA  1 
ATOM 227 C C   . ALA A 1 28 ? 4.58033   5.36054   1.75210   1.000 113.87863 ? 28 ALA A C   1 
ATOM 228 O O   . ALA A 1 28 ? 4.13604   4.21838   1.91280   1.000 99.04060  ? 28 ALA A O   1 
ATOM 229 C CB  . ALA A 1 28 ? 4.18995   6.19941   -0.57807  1.000 96.15408  ? 28 ALA A CB  1 
ATOM 230 N N   . ARG A 1 29 ? 5.72959   5.75691   2.30543   1.000 105.82610 ? 29 ARG A N   1 
ATOM 231 C CA  . ARG A 1 29 ? 6.43668   4.85900   3.21068   1.000 90.77872  ? 29 ARG A CA  1 
ATOM 232 C C   . ARG A 1 29 ? 5.63422   4.63339   4.48454   1.000 98.46234  ? 29 ARG A C   1 
ATOM 233 O O   . ARG A 1 29 ? 5.57022   3.50937   4.99507   1.000 101.53159 ? 29 ARG A O   1 
ATOM 234 C CB  . ARG A 1 29 ? 7.82176   5.41574   3.53886   1.000 111.41234 ? 29 ARG A CB  1 
ATOM 235 C CG  . ARG A 1 29 ? 8.65195   4.53268   4.47758   1.000 125.74682 ? 29 ARG A CG  1 
ATOM 236 C CD  . ARG A 1 29 ? 8.95331   5.24612   5.78801   1.000 105.32410 ? 29 ARG A CD  1 
ATOM 237 N NE  . ARG A 1 29 ? 9.44619   6.59535   5.54376   1.000 97.95639  ? 29 ARG A NE  1 
ATOM 238 C CZ  . ARG A 1 29 ? 9.42038   7.57818   6.43193   1.000 100.43814 ? 29 ARG A CZ  1 
ATOM 239 N NH1 . ARG A 1 29 ? 8.94362   7.39669   7.65307   1.000 100.98341 ? 29 ARG A NH1 1 
ATOM 240 N NH2 . ARG A 1 29 ? 9.87578   8.77598   6.08290   1.000 98.58215  ? 29 ARG A NH2 1 
ATOM 241 N N   . VAL A 1 30 ? 5.00345   5.68860   5.00448   1.000 94.01267  ? 30 VAL A N   1 
ATOM 242 C CA  . VAL A 1 30 ? 4.20753   5.54845   6.21823   1.000 90.61637  ? 30 VAL A CA  1 
ATOM 243 C C   . VAL A 1 30 ? 2.94889   4.72889   5.95512   1.000 80.60690  ? 30 VAL A C   1 
ATOM 244 O O   . VAL A 1 30 ? 2.50774   3.96350   6.82028   1.000 87.24403  ? 30 VAL A O   1 
ATOM 245 C CB  . VAL A 1 30 ? 3.88005   6.93598   6.79525   1.000 78.93350  ? 30 VAL A CB  1 
ATOM 246 C CG1 . VAL A 1 30 ? 2.96421   6.80793   8.00647   1.000 72.64581  ? 30 VAL A CG1 1 
ATOM 247 C CG2 . VAL A 1 30 ? 5.16402   7.64969   7.16963   1.000 89.79993  ? 30 VAL A CG2 1 
ATOM 248 N N   . ALA A 1 31 ? 2.34883   4.86121   4.77216   1.000 83.66429  ? 31 ALA A N   1 
ATOM 249 C CA  . ALA A 1 31 ? 1.20361   4.01497   4.44712   1.000 101.46294 ? 31 ALA A CA  1 
ATOM 250 C C   . ALA A 1 31 ? 1.61838   2.54819   4.34887   1.000 98.26482  ? 31 ALA A C   1 
ATOM 251 O O   . ALA A 1 31 ? 0.94232   1.66419   4.88943   1.000 87.83886  ? 31 ALA A O   1 
ATOM 252 C CB  . ALA A 1 31 ? 0.54266   4.48488   3.14962   1.000 84.67868  ? 31 ALA A CB  1 
ATOM 253 N N   . PHE A 1 32 ? 2.74575   2.27256   3.68150   1.000 91.54583  ? 32 PHE A N   1 
ATOM 254 C CA  . PHE A 1 32 ? 3.22840   0.89708   3.57344   1.000 95.50887  ? 32 PHE A CA  1 
ATOM 255 C C   . PHE A 1 32 ? 3.59497   0.32042   4.93775   1.000 109.21374 ? 32 PHE A C   1 
ATOM 256 O O   . PHE A 1 32 ? 3.44419   -0.88686  5.16395   1.000 97.13284  ? 32 PHE A O   1 
ATOM 257 C CB  . PHE A 1 32 ? 4.43705   0.82508   2.63601   1.000 95.48670  ? 32 PHE A CB  1 
ATOM 258 C CG  . PHE A 1 32 ? 4.15401   1.27428   1.23040   1.000 99.60808  ? 32 PHE A CG  1 
ATOM 259 C CD1 . PHE A 1 32 ? 2.87636   1.19854   0.69747   1.000 114.28834 ? 32 PHE A CD1 1 
ATOM 260 C CD2 . PHE A 1 32 ? 5.17459   1.76865   0.43522   1.000 103.63498 ? 32 PHE A CD2 1 
ATOM 261 C CE1 . PHE A 1 32 ? 2.62522   1.61427   -0.60425  1.000 98.63916  ? 32 PHE A CE1 1 
ATOM 262 C CE2 . PHE A 1 32 ? 4.92738   2.18447   -0.86138  1.000 102.53916 ? 32 PHE A CE2 1 
ATOM 263 C CZ  . PHE A 1 32 ? 3.65354   2.10608   -1.37922  1.000 92.03539  ? 32 PHE A CZ  1 
ATOM 264 N N   . GLU A 1 33 ? 4.09053   1.15758   5.85273   1.000 99.21714  ? 33 GLU A N   1 
ATOM 265 C CA  . GLU A 1 33 ? 4.37429   0.68010   7.20000   1.000 75.72470  ? 33 GLU A CA  1 
ATOM 266 C C   . GLU A 1 33 ? 3.08359   0.35614   7.94197   1.000 83.66748  ? 33 GLU A C   1 
ATOM 267 O O   . GLU A 1 33 ? 2.99768   -0.66473  8.63498   1.000 74.61873  ? 33 GLU A O   1 
ATOM 268 C CB  . GLU A 1 33 ? 5.19376   1.72173   7.96588   1.000 101.24665 ? 33 GLU A CB  1 
ATOM 269 C CG  . GLU A 1 33 ? 5.82008   1.19042   9.25752   1.000 125.29664 ? 33 GLU A CG  1 
ATOM 270 C CD  . GLU A 1 33 ? 6.51150   2.26796   10.07922  1.000 127.09621 ? 33 GLU A CD  1 
ATOM 271 O OE1 . GLU A 1 33 ? 6.46390   3.45244   9.68050   1.000 126.07396 ? 33 GLU A OE1 1 
ATOM 272 O OE2 . GLU A 1 33 ? 7.10296   1.92548   11.12646  1.000 121.43208 ? 33 GLU A OE2 1 
ATOM 273 N N   . PHE A 1 34 ? 2.06681   1.21685   7.79788   1.000 93.01276  ? 34 PHE A N   1 
ATOM 274 C CA  . PHE A 1 34 ? 0.77109   1.02008   8.44997   1.000 79.62909  ? 34 PHE A CA  1 
ATOM 275 C C   . PHE A 1 34 ? -0.01933  -0.12794  7.83203   1.000 73.92169  ? 34 PHE A C   1 
ATOM 276 O O   . PHE A 1 34 ? -0.79423  -0.79119  8.53279   1.000 69.43034  ? 34 PHE A O   1 
ATOM 277 C CB  . PHE A 1 34 ? -0.05929  2.29634   8.36139   1.000 71.59257  ? 34 PHE A CB  1 
ATOM 278 C CG  . PHE A 1 34 ? 0.10714   3.24282   9.52714   1.000 71.46744  ? 34 PHE A CG  1 
ATOM 279 C CD1 . PHE A 1 34 ? -0.38211  2.92092   10.77728  1.000 66.83641  ? 34 PHE A CD1 1 
ATOM 280 C CD2 . PHE A 1 34 ? 0.67100   4.49530   9.34120   1.000 57.70938  ? 34 PHE A CD2 1 
ATOM 281 C CE1 . PHE A 1 34 ? -0.26431  3.81271   11.82719  1.000 71.63609  ? 34 PHE A CE1 1 
ATOM 282 C CE2 . PHE A 1 34 ? 0.78529   5.37811   10.37496  1.000 59.82738  ? 34 PHE A CE2 1 
ATOM 283 C CZ  . PHE A 1 34 ? 0.31889   5.04098   11.62150  1.000 73.62443  ? 34 PHE A CZ  1 
ATOM 284 N N   . LEU A 1 35 ? 0.13615   -0.36302  6.52746   1.000 66.62173  ? 35 LEU A N   1 
ATOM 285 C CA  . LEU A 1 35 ? -0.53848  -1.50104  5.91138   1.000 78.79874  ? 35 LEU A CA  1 
ATOM 286 C C   . LEU A 1 35 ? -0.03356  -2.81931  6.48221   1.000 84.48457  ? 35 LEU A C   1 
ATOM 287 O O   . LEU A 1 35 ? -0.82697  -3.73187  6.73782   1.000 80.23475  ? 35 LEU A O   1 
ATOM 288 C CB  . LEU A 1 35 ? -0.35488  -1.47542  4.39553   1.000 74.13428  ? 35 LEU A CB  1 
ATOM 289 C CG  . LEU A 1 35 ? -1.13352  -0.37937  3.67298   1.000 81.62185  ? 35 LEU A CG  1 
ATOM 290 C CD1 . LEU A 1 35 ? -0.67254  -0.26233  2.23285   1.000 87.22908  ? 35 LEU A CD1 1 
ATOM 291 C CD2 . LEU A 1 35 ? -2.62451  -0.65214  3.74557   1.000 69.56950  ? 35 LEU A CD2 1 
ATOM 292 N N   . GLN A 1 36 ? 1.28083   -2.94099  6.69322   1.000 89.47906  ? 36 GLN A N   1 
ATOM 293 C CA  . GLN A 1 36 ? 1.82212   -4.20674  7.18034   1.000 84.86908  ? 36 GLN A CA  1 
ATOM 294 C C   . GLN A 1 36 ? 1.42320   -4.46115  8.62721   1.000 78.73365  ? 36 GLN A C   1 
ATOM 295 O O   . GLN A 1 36 ? 1.08040   -5.59260  8.99130   1.000 77.50114  ? 36 GLN A O   1 
ATOM 296 C CB  . GLN A 1 36 ? 3.33914   -4.23059  7.03938   1.000 78.38835  ? 36 GLN A CB  1 
ATOM 297 C CG  . GLN A 1 36 ? 3.96020   -5.48955  7.61963   1.000 85.02364  ? 36 GLN A CG  1 
ATOM 298 C CD  . GLN A 1 36 ? 4.70852   -6.30163  6.58945   1.000 111.93749 ? 36 GLN A CD  1 
ATOM 299 O OE1 . GLN A 1 36 ? 5.17783   -5.76749  5.58511   1.000 104.50937 ? 36 GLN A OE1 1 
ATOM 300 N NE2 . GLN A 1 36 ? 4.82160   -7.60291  6.82904   1.000 112.34695 ? 36 GLN A NE2 1 
ATOM 301 N N   . ARG A 1 37 ? 1.47334   -3.42493  9.46594   1.000 70.42737  ? 37 ARG A N   1 
ATOM 302 C CA  . ARG A 1 37 ? 0.97558   -3.54091  10.83173  1.000 75.36421  ? 37 ARG A CA  1 
ATOM 303 C C   . ARG A 1 37 ? -0.43001  -4.13796  10.86183  1.000 90.40107  ? 37 ARG A C   1 
ATOM 304 O O   . ARG A 1 37 ? -0.66429  -5.18656  11.47753  1.000 87.23308  ? 37 ARG A O   1 
ATOM 305 C CB  . ARG A 1 37 ? 0.99423   -2.16812  11.50208  1.000 69.41352  ? 37 ARG A CB  1 
ATOM 306 C CG  . ARG A 1 37 ? 2.05341   -2.02195  12.55725  1.000 58.47319  ? 37 ARG A CG  1 
ATOM 307 C CD  . ARG A 1 37 ? 2.00438   -0.63935  13.17359  1.000 57.66620  ? 37 ARG A CD  1 
ATOM 308 N NE  . ARG A 1 37 ? 1.57767   -0.68208  14.56611  1.000 70.23007  ? 37 ARG A NE  1 
ATOM 309 C CZ  . ARG A 1 37 ? 1.74204   0.31417   15.42517  1.000 80.97828  ? 37 ARG A CZ  1 
ATOM 310 N NH1 . ARG A 1 37 ? 2.30402   1.45555   15.05960  1.000 72.23982  ? 37 ARG A NH1 1 
ATOM 311 N NH2 . ARG A 1 37 ? 1.34503   0.15686   16.68490  1.000 71.16311  ? 37 ARG A NH2 1 
ATOM 312 N N   . LEU A 1 38 ? -1.38558  -3.47145  10.20666  1.000 79.87350  ? 38 LEU A N   1 
ATOM 313 C CA  . LEU A 1 38 ? -2.77074  -3.92567  10.26858  1.000 79.44804  ? 38 LEU A CA  1 
ATOM 314 C C   . LEU A 1 38 ? -2.92680  -5.32395  9.68148   1.000 80.89222  ? 38 LEU A C   1 
ATOM 315 O O   . LEU A 1 38 ? -3.76277  -6.10562  10.14846  1.000 73.33275  ? 38 LEU A O   1 
ATOM 316 C CB  . LEU A 1 38 ? -3.67892  -2.91754  9.56039   1.000 66.94247  ? 38 LEU A CB  1 
ATOM 317 C CG  . LEU A 1 38 ? -3.93243  -1.61534  10.33214  1.000 64.19181  ? 38 LEU A CG  1 
ATOM 318 C CD1 . LEU A 1 38 ? -4.20384  -0.45858  9.38052   1.000 76.55458  ? 38 LEU A CD1 1 
ATOM 319 C CD2 . LEU A 1 38 ? -5.07578  -1.76633  11.33891  1.000 61.62766  ? 38 LEU A CD2 1 
ATOM 320 N N   . LEU A 1 39 ? -2.11154  -5.66425  8.68434   1.000 81.42645  ? 39 LEU A N   1 
ATOM 321 C CA  . LEU A 1 39 ? -2.07800  -7.02847  8.17251   1.000 78.86092  ? 39 LEU A CA  1 
ATOM 322 C C   . LEU A 1 39 ? -1.72650  -8.02250  9.26914   1.000 88.66886  ? 39 LEU A C   1 
ATOM 323 O O   . LEU A 1 39 ? -2.44839  -9.00085  9.48676   1.000 91.04243  ? 39 LEU A O   1 
ATOM 324 C CB  . LEU A 1 39 ? -1.06838  -7.12259  7.03488   1.000 87.55057  ? 39 LEU A CB  1 
ATOM 325 C CG  . LEU A 1 39 ? -1.66975  -7.41122  5.66725   1.000 83.44747  ? 39 LEU A CG  1 
ATOM 326 C CD1 . LEU A 1 39 ? -0.55610  -7.50335  4.64686   1.000 88.56755  ? 39 LEU A CD1 1 
ATOM 327 C CD2 . LEU A 1 39 ? -2.47582  -8.69848  5.72775   1.000 80.34877  ? 39 LEU A CD2 1 
ATOM 328 N N   . ASP A 1 40 ? -0.60534  -7.79465  9.96196   1.000 90.65950  ? 40 ASP A N   1 
ATOM 329 C CA  . ASP A 1 40 ? -0.16971  -8.72982  10.99401  1.000 83.29304  ? 40 ASP A CA  1 
ATOM 330 C C   . ASP A 1 40 ? -1.13879  -8.75276  12.16735  1.000 85.15358  ? 40 ASP A C   1 
ATOM 331 O O   . ASP A 1 40 ? -1.23631  -9.76581  12.86711  1.000 88.88243  ? 40 ASP A O   1 
ATOM 332 C CB  . ASP A 1 40 ? 1.24688   -8.38008  11.45194  1.000 90.74226  ? 40 ASP A CB  1 
ATOM 333 C CG  . ASP A 1 40 ? 2.27243   -8.52655  10.32993  1.000 110.81043 ? 40 ASP A CG  1 
ATOM 334 O OD1 . ASP A 1 40 ? 1.97769   -9.25947  9.35746   1.000 106.40348 ? 40 ASP A OD1 1 
ATOM 335 O OD2 . ASP A 1 40 ? 3.36846   -7.92172  10.41954  1.000 104.13026 ? 40 ASP A OD2 1 
ATOM 336 N N   . LEU A 1 41 ? -1.88054  -7.66177  12.38093  1.000 77.43373  ? 41 LEU A N   1 
ATOM 337 C CA  . LEU A 1 41 ? -2.96682  -7.65060  13.35360  1.000 81.42040  ? 41 LEU A CA  1 
ATOM 338 C C   . LEU A 1 41 ? -4.11685  -8.57034  12.95968  1.000 93.08280  ? 41 LEU A C   1 
ATOM 339 O O   . LEU A 1 41 ? -5.01816  -8.79242  13.77657  1.000 94.07909  ? 41 LEU A O   1 
ATOM 340 C CB  . LEU A 1 41 ? -3.50220  -6.22526  13.54118  1.000 88.36771  ? 41 LEU A CB  1 
ATOM 341 C CG  . LEU A 1 41 ? -2.59264  -5.17851  14.18920  1.000 84.02594  ? 41 LEU A CG  1 
ATOM 342 C CD1 . LEU A 1 41 ? -3.39936  -3.97730  14.68163  1.000 66.01501  ? 41 LEU A CD1 1 
ATOM 343 C CD2 . LEU A 1 41 ? -1.79184  -5.79466  15.32053  1.000 88.98257  ? 41 LEU A CD2 1 
ATOM 344 N N   . GLY A 1 42 ? -4.11578  -9.09639  11.73607  1.000 101.04028 ? 42 GLY A N   1 
ATOM 345 C CA  . GLY A 1 42 ? -5.17212  -9.98714  11.29525  1.000 97.97820  ? 42 GLY A CA  1 
ATOM 346 C C   . GLY A 1 42 ? -6.47176  -9.30093  10.94428  1.000 97.18636  ? 42 GLY A C   1 
ATOM 347 O O   . GLY A 1 42 ? -7.54401  -9.89204  11.11711  1.000 102.06099 ? 42 GLY A O   1 
ATOM 348 N N   . ASP A 1 43 ? -6.41241  -8.05893  10.45682  1.000 86.07513  ? 43 ASP A N   1 
ATOM 349 C CA  . ASP A 1 43 ? -7.59829  -7.28093  10.10112  1.000 93.19964  ? 43 ASP A CA  1 
ATOM 350 C C   . ASP A 1 43 ? -7.54721  -6.91960  8.61983   1.000 91.10382  ? 43 ASP A C   1 
ATOM 351 O O   . ASP A 1 43 ? -7.15986  -5.79726  8.25764   1.000 80.90853  ? 43 ASP A O   1 
ATOM 352 C CB  . ASP A 1 43 ? -7.70633  -6.02300  10.95977  1.000 89.00753  ? 43 ASP A CB  1 
ATOM 353 C CG  . ASP A 1 43 ? -9.05807  -5.34107  10.83321  1.000 107.18434 ? 43 ASP A CG  1 
ATOM 354 O OD1 . ASP A 1 43 ? -9.76371  -5.57979  9.83084   1.000 108.23505 ? 43 ASP A OD1 1 
ATOM 355 O OD2 . ASP A 1 43 ? -9.41394  -4.55339  11.73587  1.000 109.68953 ? 43 ASP A OD2 1 
ATOM 356 N N   . PRO A 1 44 ? -7.95354  -7.83502  7.73442   1.000 80.65334  ? 44 PRO A N   1 
ATOM 357 C CA  . PRO A 1 44 ? -7.95856  -7.50427  6.30068   1.000 66.47338  ? 44 PRO A CA  1 
ATOM 358 C C   . PRO A 1 44 ? -8.98024  -6.44133  5.93246   1.000 79.44990  ? 44 PRO A C   1 
ATOM 359 O O   . PRO A 1 44 ? -8.79426  -5.75042  4.92173   1.000 72.68132  ? 44 PRO A O   1 
ATOM 360 C CB  . PRO A 1 44 ? -8.26939  -8.84590  5.62580   1.000 65.57748  ? 44 PRO A CB  1 
ATOM 361 C CG  . PRO A 1 44 ? -8.95295  -9.65478  6.67390   1.000 84.28262  ? 44 PRO A CG  1 
ATOM 362 C CD  . PRO A 1 44 ? -8.43353  -9.20196  8.00369   1.000 73.98296  ? 44 PRO A CD  1 
ATOM 363 N N   . ASP A 1 45 ? -10.04774 -6.27730  6.71941   1.000 94.34372  ? 45 ASP A N   1 
ATOM 364 C CA  . ASP A 1 45 ? -10.98059 -5.18393  6.46289   1.000 82.68075  ? 45 ASP A CA  1 
ATOM 365 C C   . ASP A 1 45 ? -10.34039 -3.83020  6.73252   1.000 79.59306  ? 45 ASP A C   1 
ATOM 366 O O   . ASP A 1 45 ? -10.70662 -2.83474  6.10177   1.000 93.94332  ? 45 ASP A O   1 
ATOM 367 C CB  . ASP A 1 45 ? -12.23917 -5.34271  7.31344   1.000 88.01403  ? 45 ASP A CB  1 
ATOM 368 C CG  . ASP A 1 45 ? -13.12880 -6.47291  6.83512   1.000 100.03020 ? 45 ASP A CG  1 
ATOM 369 O OD1 . ASP A 1 45 ? -12.80104 -7.10894  5.80809   1.000 99.38429  ? 45 ASP A OD1 1 
ATOM 370 O OD2 . ASP A 1 45 ? -14.16057 -6.73079  7.48873   1.000 111.61585 ? 45 ASP A OD2 1 
ATOM 371 N N   . ALA A 1 46 ? -9.38505  -3.76943  7.65894   1.000 87.76085  ? 46 ALA A N   1 
ATOM 372 C CA  . ALA A 1 46 ? -8.72801  -2.49988  7.95432   1.000 80.19277  ? 46 ALA A CA  1 
ATOM 373 C C   . ALA A 1 46 ? -7.70056  -2.14345  6.88832   1.000 76.85169  ? 46 ALA A C   1 
ATOM 374 O O   . ALA A 1 46 ? -7.49437  -0.96136  6.58705   1.000 75.71016  ? 46 ALA A O   1 
ATOM 375 C CB  . ALA A 1 46 ? -8.06705  -2.55367  9.32838   1.000 83.02079  ? 46 ALA A CB  1 
ATOM 376 N N   . VAL A 1 47 ? -7.03429  -3.14505  6.31564   1.000 73.15969  ? 47 VAL A N   1 
ATOM 377 C CA  . VAL A 1 47 ? -6.13062  -2.84400  5.21614   1.000 67.12121  ? 47 VAL A CA  1 
ATOM 378 C C   . VAL A 1 47 ? -6.92114  -2.56191  3.94036   1.000 83.40500  ? 47 VAL A C   1 
ATOM 379 O O   . VAL A 1 47 ? -6.50977  -1.72680  3.12492   1.000 89.29883  ? 47 VAL A O   1 
ATOM 380 C CB  . VAL A 1 47 ? -5.10013  -3.97368  5.03124   1.000 63.25680  ? 47 VAL A CB  1 
ATOM 381 C CG1 . VAL A 1 47 ? -4.44916  -4.30894  6.35898   1.000 73.76450  ? 47 VAL A CG1 1 
ATOM 382 C CG2 . VAL A 1 47 ? -5.73139  -5.21372  4.44026   1.000 94.34295  ? 47 VAL A CG2 1 
ATOM 383 N N   . LYS A 1 48 ? -8.07175  -3.21686  3.75406   1.000 77.85104  ? 48 LYS A N   1 
ATOM 384 C CA  . LYS A 1 48 ? -8.90538  -2.90733  2.59973   1.000 77.95364  ? 48 LYS A CA  1 
ATOM 385 C C   . LYS A 1 48 ? -9.45228  -1.48980  2.69711   1.000 81.09688  ? 48 LYS A C   1 
ATOM 386 O O   . LYS A 1 48 ? -9.50636  -0.76597  1.69690   1.000 86.83547  ? 48 LYS A O   1 
ATOM 387 C CB  . LYS A 1 48 ? -10.04228 -3.92358  2.48391   1.000 89.48940  ? 48 LYS A CB  1 
ATOM 388 C CG  . LYS A 1 48 ? -9.66467  -5.21104  1.77242   1.000 82.00547  ? 48 LYS A CG  1 
ATOM 389 C CD  . LYS A 1 48 ? -10.84348 -6.17117  1.77748   1.000 70.18101  ? 48 LYS A CD  1 
ATOM 390 C CE  . LYS A 1 48 ? -10.40978 -7.57462  1.41628   1.000 86.72738  ? 48 LYS A CE  1 
ATOM 391 N NZ  . LYS A 1 48 ? -11.52302 -8.54287  1.58874   1.000 108.65341 ? 48 LYS A NZ  1 
ATOM 392 N N   . GLU A 1 49 ? -9.85728  -1.07371  3.90058   1.000 76.16974  ? 49 GLU A N   1 
ATOM 393 C CA  . GLU A 1 49 ? -10.38773 0.27511   4.08579   1.000 71.57011  ? 49 GLU A CA  1 
ATOM 394 C C   . GLU A 1 49 ? -9.29761  1.33141   3.91695   1.000 71.78237  ? 49 GLU A C   1 
ATOM 395 O O   . GLU A 1 49 ? -9.53822  2.38876   3.32239   1.000 71.37393  ? 49 GLU A O   1 
ATOM 396 C CB  . GLU A 1 49 ? -11.06045 0.39540   5.45988   1.000 70.52521  ? 49 GLU A CB  1 
ATOM 397 C CG  . GLU A 1 49 ? -11.69857 1.76461   5.74059   1.000 73.10046  ? 49 GLU A CG  1 
ATOM 398 C CD  . GLU A 1 49 ? -12.67872 1.73934   6.91452   1.000 87.04498  ? 49 GLU A CD  1 
ATOM 399 O OE1 . GLU A 1 49 ? -13.16559 0.64242   7.27694   1.000 91.24472  ? 49 GLU A OE1 1 
ATOM 400 O OE2 . GLU A 1 49 ? -12.97271 2.81936   7.47518   1.000 79.01111  ? 49 GLU A OE2 1 
ATOM 401 N N   . LEU A 1 50 ? -8.09285  1.06949   4.42991   1.000 76.20623  ? 50 LEU A N   1 
ATOM 402 C CA  . LEU A 1 50 ? -7.01405  2.04092   4.27219   1.000 73.70353  ? 50 LEU A CA  1 
ATOM 403 C C   . LEU A 1 50 ? -6.64232  2.20988   2.80546   1.000 68.15792  ? 50 LEU A C   1 
ATOM 404 O O   . LEU A 1 50 ? -6.41605  3.33353   2.34338   1.000 65.06630  ? 50 LEU A O   1 
ATOM 405 C CB  . LEU A 1 50 ? -5.79149  1.62449   5.09593   1.000 73.01706  ? 50 LEU A CB  1 
ATOM 406 C CG  . LEU A 1 50 ? -4.54105  2.51674   5.02264   1.000 64.85496  ? 50 LEU A CG  1 
ATOM 407 C CD1 . LEU A 1 50 ? -4.86152  3.98145   5.30433   1.000 72.46414  ? 50 LEU A CD1 1 
ATOM 408 C CD2 . LEU A 1 50 ? -3.48544  2.00932   5.98927   1.000 70.04856  ? 50 LEU A CD2 1 
ATOM 409 N N   . LEU A 1 51 ? -6.58518  1.10320   2.06080   1.000 60.38800  ? 51 LEU A N   1 
ATOM 410 C CA  . LEU A 1 51 ? -6.24910  1.16126   0.64192   1.000 74.90538  ? 51 LEU A CA  1 
ATOM 411 C C   . LEU A 1 51 ? -7.26904  1.97274   -0.14986  1.000 89.09823  ? 51 LEU A C   1 
ATOM 412 O O   . LEU A 1 51 ? -6.89723  2.73728   -1.04774  1.000 84.39183  ? 51 LEU A O   1 
ATOM 413 C CB  . LEU A 1 51 ? -6.14255  -0.25390  0.07988   1.000 82.85002  ? 51 LEU A CB  1 
ATOM 414 C CG  . LEU A 1 51 ? -4.82041  -0.95193  0.38560   1.000 78.49242  ? 51 LEU A CG  1 
ATOM 415 C CD1 . LEU A 1 51 ? -4.88763  -2.42636  0.01539   1.000 82.53368  ? 51 LEU A CD1 1 
ATOM 416 C CD2 . LEU A 1 51 ? -3.69030  -0.25168  -0.35438  1.000 80.83678  ? 51 LEU A CD2 1 
ATOM 417 N N   . GLN A 1 52 ? -8.56017  1.80424   0.14164   1.000 85.47849  ? 52 GLN A N   1 
ATOM 418 C CA  . GLN A 1 52 ? -9.55581  2.62307   -0.53890  1.000 92.27792  ? 52 GLN A CA  1 
ATOM 419 C C   . GLN A 1 52 ? -9.43936  4.08097   -0.11950  1.000 86.06897  ? 52 GLN A C   1 
ATOM 420 O O   . GLN A 1 52 ? -9.60588  4.98346   -0.94723  1.000 101.70323 ? 52 GLN A O   1 
ATOM 421 C CB  . GLN A 1 52 ? -10.96315 2.09472   -0.26597  1.000 104.13033 ? 52 GLN A CB  1 
ATOM 422 C CG  . GLN A 1 52 ? -11.23909 0.71394   -0.83880  1.000 116.41576 ? 52 GLN A CG  1 
ATOM 423 C CD  . GLN A 1 52 ? -12.68698 0.30237   -0.66948  1.000 122.10350 ? 52 GLN A CD  1 
ATOM 424 O OE1 . GLN A 1 52 ? -13.59701 1.10539   -0.87467  1.000 120.06425 ? 52 GLN A OE1 1 
ATOM 425 N NE2 . GLN A 1 52 ? -12.90823 -0.95063  -0.28218  1.000 112.97700 ? 52 GLN A NE2 1 
ATOM 426 N N   . PHE A 1 53 ? -9.14940  4.32904   1.15969   1.000 75.82528  ? 53 PHE A N   1 
ATOM 427 C CA  . PHE A 1 53 ? -8.94045  5.69708   1.61809   1.000 88.99258  ? 53 PHE A CA  1 
ATOM 428 C C   . PHE A 1 53 ? -7.79203  6.37131   0.88144   1.000 92.50927  ? 53 PHE A C   1 
ATOM 429 O O   . PHE A 1 53 ? -7.82972  7.58636   0.66346   1.000 96.65864  ? 53 PHE A O   1 
ATOM 430 C CB  . PHE A 1 53 ? -8.67455  5.72150   3.12663   1.000 86.45068  ? 53 PHE A CB  1 
ATOM 431 C CG  . PHE A 1 53 ? -8.30567  7.08664   3.65833   1.000 85.74874  ? 53 PHE A CG  1 
ATOM 432 C CD1 . PHE A 1 53 ? -9.28327  7.95927   4.10235   1.000 92.00830  ? 53 PHE A CD1 1 
ATOM 433 C CD2 . PHE A 1 53 ? -6.98186  7.49776   3.71085   1.000 88.00166  ? 53 PHE A CD2 1 
ATOM 434 C CE1 . PHE A 1 53 ? -8.94943  9.21595   4.59114   1.000 98.79586  ? 53 PHE A CE1 1 
ATOM 435 C CE2 . PHE A 1 53 ? -6.64729  8.75046   4.19083   1.000 95.86767  ? 53 PHE A CE2 1 
ATOM 436 C CZ  . PHE A 1 53 ? -7.63681  9.60960   4.63508   1.000 81.38209  ? 53 PHE A CZ  1 
ATOM 437 N N   . LEU A 1 54 ? -6.75228  5.61859   0.51937   1.000 89.47765  ? 54 LEU A N   1 
ATOM 438 C CA  . LEU A 1 54 ? -5.58683  6.24885   -0.08816  1.000 98.88599  ? 54 LEU A CA  1 
ATOM 439 C C   . LEU A 1 54 ? -5.81803  6.53446   -1.56213  1.000 96.60612  ? 54 LEU A C   1 
ATOM 440 O O   . LEU A 1 54 ? -5.41660  7.59374   -2.05451  1.000 106.46428 ? 54 LEU A O   1 
ATOM 441 C CB  . LEU A 1 54 ? -4.34761  5.37226   0.09965   1.000 92.75640  ? 54 LEU A CB  1 
ATOM 442 C CG  . LEU A 1 54 ? -3.90171  5.10045   1.53854   1.000 74.81610  ? 54 LEU A CG  1 
ATOM 443 C CD1 . LEU A 1 54 ? -2.87021  3.99911   1.52474   1.000 86.42237  ? 54 LEU A CD1 1 
ATOM 444 C CD2 . LEU A 1 54 ? -3.34880  6.35316   2.19758   1.000 69.66381  ? 54 LEU A CD2 1 
ATOM 445 N N   . ARG A 1 55 ? -6.47440  5.61049   -2.27320  1.000 91.60909  ? 55 ARG A N   1 
ATOM 446 C CA  . ARG A 1 55 ? -6.67869  5.78423   -3.70831  1.000 90.87914  ? 55 ARG A CA  1 
ATOM 447 C C   . ARG A 1 55 ? -7.52121  7.01706   -4.00272  1.000 96.32972  ? 55 ARG A C   1 
ATOM 448 O O   . ARG A 1 55 ? -7.24353  7.75048   -4.95900  1.000 102.30564 ? 55 ARG A O   1 
ATOM 449 C CB  . ARG A 1 55 ? -7.32186  4.53293   -4.29957  1.000 73.78575  ? 55 ARG A CB  1 
ATOM 450 C CG  . ARG A 1 55 ? -6.44434  3.29696   -4.19461  1.000 91.95403  ? 55 ARG A CG  1 
ATOM 451 C CD  . ARG A 1 55 ? -7.11265  2.08596   -4.81771  1.000 112.53761 ? 55 ARG A CD  1 
ATOM 452 N NE  . ARG A 1 55 ? -7.43650  2.32070   -6.21885  1.000 122.41562 ? 55 ARG A NE  1 
ATOM 453 C CZ  . ARG A 1 55 ? -8.38643  1.68105   -6.88636  1.000 116.66479 ? 55 ARG A CZ  1 
ATOM 454 N NH1 . ARG A 1 55 ? -9.13519  0.75546   -6.30821  1.000 113.82488 ? 55 ARG A NH1 1 
ATOM 455 N NH2 . ARG A 1 55 ? -8.59680  1.98500   -8.16338  1.000 111.92770 ? 55 ARG A NH2 1 
ATOM 456 N N   . GLU A 1 56 ? -8.54553  7.27014   -3.18133  1.000 103.50577 ? 56 GLU A N   1 
ATOM 457 C CA  . GLU A 1 56 ? -9.37958  8.45233   -3.37289  1.000 115.08253 ? 56 GLU A CA  1 
ATOM 458 C C   . GLU A 1 56 ? -8.58767  9.73646   -3.16101  1.000 111.88155 ? 56 GLU A C   1 
ATOM 459 O O   . GLU A 1 56 ? -8.84751  10.74418  -3.83035  1.000 137.55044 ? 56 GLU A O   1 
ATOM 460 C CB  . GLU A 1 56 ? -10.58069 8.40293   -2.42612  1.000 110.03189 ? 56 GLU A CB  1 
ATOM 461 C CG  . GLU A 1 56 ? -11.37260 7.09815   -2.48552  1.000 113.65629 ? 56 GLU A CG  1 
ATOM 462 C CD  . GLU A 1 56 ? -12.19520 6.95692   -3.75605  1.000 133.00391 ? 56 GLU A CD  1 
ATOM 463 O OE1 . GLU A 1 56 ? -12.58338 7.99740   -4.32651  1.000 136.49969 ? 56 GLU A OE1 1 
ATOM 464 O OE2 . GLU A 1 56 ? -12.45861 5.80851   -4.17894  1.000 119.81306 ? 56 GLU A OE2 1 
ATOM 465 N N   . LEU A 1 57 ? -7.61416  9.71277   -2.24959  1.000 104.76258 ? 57 LEU A N   1 
ATOM 466 C CA  . LEU A 1 57 ? -6.82934  10.90723  -1.95927  1.000 113.07391 ? 57 LEU A CA  1 
ATOM 467 C C   . LEU A 1 57 ? -5.98497  11.32349  -3.15774  1.000 121.34906 ? 57 LEU A C   1 
ATOM 468 O O   . LEU A 1 57 ? -5.87113  12.51764  -3.45892  1.000 136.36300 ? 57 LEU A O   1 
ATOM 469 C CB  . LEU A 1 57 ? -5.94916  10.65808  -0.73504  1.000 101.27874 ? 57 LEU A CB  1 
ATOM 470 C CG  . LEU A 1 57 ? -5.06355  11.80890  -0.27263  1.000 95.72552  ? 57 LEU A CG  1 
ATOM 471 C CD1 . LEU A 1 57 ? -5.86657  13.09560  -0.17161  1.000 99.37236  ? 57 LEU A CD1 1 
ATOM 472 C CD2 . LEU A 1 57 ? -4.43247  11.46558  1.06230   1.000 97.47012  ? 57 LEU A CD2 1 
ATOM 473 N N   . LEU A 1 58 ? -5.38661  10.35965  -3.85040  1.000 117.12470 ? 58 LEU A N   1 
ATOM 474 C CA  . LEU A 1 58 ? -4.58045  10.65549  -5.02939  1.000 119.75673 ? 58 LEU A CA  1 
ATOM 475 C C   . LEU A 1 58 ? -5.46246  11.01617  -6.22176  1.000 110.90739 ? 58 LEU A C   1 
ATOM 476 O O   . LEU A 1 58 ? -6.02847  12.10962  -6.27728  1.000 117.69595 ? 58 LEU A O   1 
ATOM 477 C CB  . LEU A 1 58 ? -3.67789  9.46940   -5.37855  1.000 117.87915 ? 58 LEU A CB  1 
ATOM 478 C CG  . LEU A 1 58 ? -2.37344  9.35720   -4.58761  1.000 96.61703  ? 58 LEU A CG  1 
ATOM 479 C CD1 . LEU A 1 58 ? -1.70666  10.72018  -4.47388  1.000 109.14780 ? 58 LEU A CD1 1 
ATOM 480 C CD2 . LEU A 1 58 ? -2.61884  8.75982   -3.21683  1.000 92.93900  ? 58 LEU A CD2 1 
ATOM 481 N N   . GLU B 1 2  ? -0.48106  -19.46904 -8.22642  1.000 145.02167 ? 2  GLU B N   1 
ATOM 482 C CA  . GLU B 1 2  ? -0.22888  -19.59066 -9.65631  1.000 146.57777 ? 2  GLU B CA  1 
ATOM 483 C C   . GLU B 1 2  ? -0.46708  -18.24564 -10.33323 1.000 144.80437 ? 2  GLU B C   1 
ATOM 484 O O   . GLU B 1 2  ? 0.47706   -17.57695 -10.75239 1.000 146.66603 ? 2  GLU B O   1 
ATOM 485 C CB  . GLU B 1 2  ? -1.11507  -20.67773 -10.26997 1.000 142.10541 ? 2  GLU B CB  1 
ATOM 486 C CG  . GLU B 1 2  ? -0.67600  -21.14747 -11.64892 1.000 156.13354 ? 2  GLU B CG  1 
ATOM 487 C CD  . GLU B 1 2  ? -1.58670  -20.64562 -12.75044 1.000 161.58909 ? 2  GLU B CD  1 
ATOM 488 O OE1 . GLU B 1 2  ? -2.27411  -19.62787 -12.53083 1.000 157.63196 ? 2  GLU B OE1 1 
ATOM 489 O OE2 . GLU B 1 2  ? -1.61804  -21.27014 -13.83095 1.000 166.31516 ? 2  GLU B OE2 1 
ATOM 490 N N   . GLU B 1 3  ? -1.73448  -17.83796 -10.42320 1.000 145.86063 ? 3  GLU B N   1 
ATOM 491 C CA  . GLU B 1 3  ? -2.02520  -16.52788 -10.99154 1.000 149.24535 ? 3  GLU B CA  1 
ATOM 492 C C   . GLU B 1 3  ? -1.51234  -15.41018 -10.09879 1.000 144.75897 ? 3  GLU B C   1 
ATOM 493 O O   . GLU B 1 3  ? -1.13410  -14.34712 -10.60292 1.000 138.44939 ? 3  GLU B O   1 
ATOM 494 C CB  . GLU B 1 3  ? -3.52702  -16.36205 -11.23686 1.000 151.84078 ? 3  GLU B CB  1 
ATOM 495 C CG  . GLU B 1 3  ? -4.40375  -16.59475 -10.00941 1.000 157.59106 ? 3  GLU B CG  1 
ATOM 496 C CD  . GLU B 1 3  ? -5.26185  -17.83888 -10.13773 1.000 173.07928 ? 3  GLU B CD  1 
ATOM 497 O OE1 . GLU B 1 3  ? -4.94926  -18.69051 -10.99548 1.000 183.23704 ? 3  GLU B OE1 1 
ATOM 498 O OE2 . GLU B 1 3  ? -6.24852  -17.96235 -9.38362  1.000 160.13637 ? 3  GLU B OE2 1 
ATOM 499 N N   . SER B 1 4  ? -1.50254  -15.61881 -8.77922  1.000 136.33810 ? 4  SER B N   1 
ATOM 500 C CA  . SER B 1 4  ? -0.95428  -14.59520 -7.90217  1.000 127.37498 ? 4  SER B CA  1 
ATOM 501 C C   . SER B 1 4  ? 0.53032   -14.40139 -8.15489  1.000 120.90176 ? 4  SER B C   1 
ATOM 502 O O   . SER B 1 4  ? 1.03822   -13.28351 -8.02550  1.000 114.20011 ? 4  SER B O   1 
ATOM 503 C CB  . SER B 1 4  ? -1.21235  -14.94742 -6.43609  1.000 128.90839 ? 4  SER B CB  1 
ATOM 504 O OG  . SER B 1 4  ? -0.55997  -16.13975 -6.04852  1.000 110.81370 ? 4  SER B OG  1 
ATOM 505 N N   . GLU B 1 5  ? 1.23408   -15.46844 -8.53408  1.000 120.85527 ? 5  GLU B N   1 
ATOM 506 C CA  . GLU B 1 5  ? 2.67048   -15.36009 -8.74825  1.000 128.21350 ? 5  GLU B CA  1 
ATOM 507 C C   . GLU B 1 5  ? 2.97852   -14.46967 -9.94347  1.000 109.26092 ? 5  GLU B C   1 
ATOM 508 O O   . GLU B 1 5  ? 3.81768   -13.56663 -9.85390  1.000 124.03291 ? 5  GLU B O   1 
ATOM 509 C CB  . GLU B 1 5  ? 3.27474   -16.75354 -8.92701  1.000 135.52054 ? 5  GLU B CB  1 
ATOM 510 C CG  . GLU B 1 5  ? 3.08580   -17.67295 -7.72429  1.000 137.02078 ? 5  GLU B CG  1 
ATOM 511 C CD  . GLU B 1 5  ? 3.59451   -19.08342 -7.97436  1.000 138.53947 ? 5  GLU B CD  1 
ATOM 512 O OE1 . GLU B 1 5  ? 4.45931   -19.26142 -8.85599  1.000 128.03688 ? 5  GLU B OE1 1 
ATOM 513 O OE2 . GLU B 1 5  ? 3.12451   -20.01396 -7.28968  1.000 142.53264 ? 5  GLU B OE2 1 
ATOM 514 N N   . LYS B 1 6  ? 2.30388   -14.70096 -11.06608 1.000 105.19423 ? 6  LYS B N   1 
ATOM 515 C CA  . LYS B 1 6  ? 2.49918   -13.84703 -12.23135 1.000 121.27099 ? 6  LYS B CA  1 
ATOM 516 C C   . LYS B 1 6  ? 2.12457   -12.40205 -11.92472 1.000 124.43728 ? 6  LYS B C   1 
ATOM 517 O O   . LYS B 1 6  ? 2.87388   -11.47529 -12.25481 1.000 121.66758 ? 6  LYS B O   1 
ATOM 518 C CB  . LYS B 1 6  ? 1.68200   -14.37875 -13.40647 1.000 133.14371 ? 6  LYS B CB  1 
ATOM 519 C CG  . LYS B 1 6  ? 1.98242   -15.83129 -13.73499 1.000 130.15303 ? 6  LYS B CG  1 
ATOM 520 C CD  . LYS B 1 6  ? 1.10298   -16.35300 -14.84807 1.000 139.83404 ? 6  LYS B CD  1 
ATOM 521 C CE  . LYS B 1 6  ? 1.46507   -17.78128 -15.17794 1.000 119.54497 ? 6  LYS B CE  1 
ATOM 522 N NZ  . LYS B 1 6  ? 0.63623   -18.28732 -16.29214 1.000 147.65498 ? 6  LYS B NZ  1 
ATOM 523 N N   . LEU B 1 7  ? 0.96280   -12.19082 -11.29515 1.000 130.73340 ? 7  LEU B N   1 
ATOM 524 C CA  . LEU B 1 7  ? 0.53148   -10.83355 -10.97058 1.000 119.81254 ? 7  LEU B CA  1 
ATOM 525 C C   . LEU B 1 7  ? 1.51067   -10.15203 -10.02300 1.000 123.66133 ? 7  LEU B C   1 
ATOM 526 O O   . LEU B 1 7  ? 1.74445   -8.94206  -10.13552 1.000 105.98496 ? 7  LEU B O   1 
ATOM 527 C CB  . LEU B 1 7  ? -0.87520  -10.86023 -10.36787 1.000 112.30289 ? 7  LEU B CB  1 
ATOM 528 C CG  . LEU B 1 7  ? -1.50267  -9.54624  -9.89341  1.000 110.41004 ? 7  LEU B CG  1 
ATOM 529 C CD1 . LEU B 1 7  ? -1.81071  -8.58975  -11.04306 1.000 98.42618  ? 7  LEU B CD1 1 
ATOM 530 C CD2 . LEU B 1 7  ? -2.75964  -9.80404  -9.07457  1.000 115.24238 ? 7  LEU B CD2 1 
ATOM 531 N N   . LEU B 1 8  ? 2.09946   -10.91215 -9.09388  1.000 122.01440 ? 8  LEU B N   1 
ATOM 532 C CA  . LEU B 1 8  ? 3.13471   -10.35634 -8.23083  1.000 100.56063 ? 8  LEU B CA  1 
ATOM 533 C C   . LEU B 1 8  ? 4.31692   -9.85600  -9.04963  1.000 111.39423 ? 8  LEU B C   1 
ATOM 534 O O   . LEU B 1 8  ? 4.85699   -8.77810  -8.77553  1.000 110.60318 ? 8  LEU B O   1 
ATOM 535 C CB  . LEU B 1 8  ? 3.59044   -11.40179 -7.21007  1.000 118.97791 ? 8  LEU B CB  1 
ATOM 536 C CG  . LEU B 1 8  ? 4.57338   -10.96114 -6.11808  1.000 127.49188 ? 8  LEU B CG  1 
ATOM 537 C CD1 . LEU B 1 8  ? 3.90626   -10.02175 -5.12106  1.000 114.92029 ? 8  LEU B CD1 1 
ATOM 538 C CD2 . LEU B 1 8  ? 5.18214   -12.16121 -5.39784  1.000 120.16382 ? 8  LEU B CD2 1 
ATOM 539 N N   . LYS B 1 9  ? 4.73751   -10.62045 -10.06156 1.000 114.44415 ? 9  LYS B N   1 
ATOM 540 C CA  . LYS B 1 9  ? 5.85095   -10.15797 -10.88382 1.000 124.57623 ? 9  LYS B CA  1 
ATOM 541 C C   . LYS B 1 9  ? 5.46127   -8.92929  -11.69408 1.000 126.89424 ? 9  LYS B C   1 
ATOM 542 O O   . LYS B 1 9  ? 6.22776   -7.96113  -11.76852 1.000 122.44594 ? 9  LYS B O   1 
ATOM 543 C CB  . LYS B 1 9  ? 6.35733   -11.27793 -11.79320 1.000 103.91920 ? 9  LYS B CB  1 
ATOM 544 C CG  . LYS B 1 9  ? 7.58554   -11.98298 -11.21978 1.000 139.62294 ? 9  LYS B CG  1 
ATOM 545 C CD  . LYS B 1 9  ? 8.64018   -10.96925 -10.74420 1.000 127.37211 ? 9  LYS B CD  1 
ATOM 546 C CE  . LYS B 1 9  ? 9.63652   -11.58708 -9.76061  1.000 115.64219 ? 9  LYS B CE  1 
ATOM 547 N NZ  . LYS B 1 9  ? 10.61384  -10.59039 -9.22585  1.000 122.52255 ? 9  LYS B NZ  1 
ATOM 548 N N   . GLU B 1 10 ? 4.26281   -8.93259  -12.27985 1.000 121.68089 ? 10 GLU B N   1 
ATOM 549 C CA  . GLU B 1 10 ? 3.82981   -7.77317  -13.04961 1.000 125.32141 ? 10 GLU B CA  1 
ATOM 550 C C   . GLU B 1 10 ? 3.77984   -6.52427  -12.17599 1.000 124.25566 ? 10 GLU B C   1 
ATOM 551 O O   . GLU B 1 10 ? 4.23661   -5.45259  -12.58930 1.000 132.05506 ? 10 GLU B O   1 
ATOM 552 C CB  . GLU B 1 10 ? 2.47372   -8.05488  -13.70096 1.000 131.25891 ? 10 GLU B CB  1 
ATOM 553 C CG  . GLU B 1 10 ? 2.40398   -9.39624  -14.44436 1.000 140.91510 ? 10 GLU B CG  1 
ATOM 554 C CD  . GLU B 1 10 ? 3.41657   -9.52239  -15.57738 1.000 147.35861 ? 10 GLU B CD  1 
ATOM 555 O OE1 . GLU B 1 10 ? 3.84473   -8.48057  -16.11504 1.000 140.56531 ? 10 GLU B OE1 1 
ATOM 556 O OE2 . GLU B 1 10 ? 3.78059   -10.66622 -15.93568 1.000 133.50079 ? 10 GLU B OE2 1 
ATOM 557 N N   . ALA B 1 11 ? 3.26605   -6.65266  -10.94880 1.000 120.20583 ? 11 ALA B N   1 
ATOM 558 C CA  . ALA B 1 11 ? 3.20936   -5.50909  -10.04125 1.000 124.97516 ? 11 ALA B CA  1 
ATOM 559 C C   . ALA B 1 11 ? 4.59882   -4.98617  -9.68953  1.000 128.75372 ? 11 ALA B C   1 
ATOM 560 O O   . ALA B 1 11 ? 4.78143   -3.77302  -9.53287  1.000 117.38491 ? 11 ALA B O   1 
ATOM 561 C CB  . ALA B 1 11 ? 2.45235   -5.88616  -8.76785  1.000 110.35059 ? 11 ALA B CB  1 
ATOM 562 N N   . LYS B 1 12 ? 5.58662   -5.87606  -9.55627  1.000 116.41271 ? 12 LYS B N   1 
ATOM 563 C CA  . LYS B 1 12 ? 6.93490   -5.42756  -9.22345  1.000 123.07557 ? 12 LYS B CA  1 
ATOM 564 C C   . LYS B 1 12 ? 7.51137   -4.55172  -10.32922 1.000 125.83804 ? 12 LYS B C   1 
ATOM 565 O O   . LYS B 1 12 ? 8.21911   -3.57573  -10.05322 1.000 127.54523 ? 12 LYS B O   1 
ATOM 566 C CB  . LYS B 1 12 ? 7.84799   -6.62990  -8.96175  1.000 135.83204 ? 12 LYS B CB  1 
ATOM 567 C CG  . LYS B 1 12 ? 7.61419   -7.35446  -7.63862  1.000 124.64908 ? 12 LYS B CG  1 
ATOM 568 C CD  . LYS B 1 12 ? 8.56643   -8.54304  -7.50360  1.000 103.87909 ? 12 LYS B CD  1 
ATOM 569 C CE  . LYS B 1 12 ? 8.13762   -9.50074  -6.39834  1.000 91.80116  ? 12 LYS B CE  1 
ATOM 570 N NZ  . LYS B 1 12 ? 8.97952   -10.73391 -6.36788  1.000 94.87796  ? 12 LYS B NZ  1 
ATOM 571 N N   . GLU B 1 13 ? 7.21511   -4.87813  -11.58834 1.000 107.58782 ? 13 GLU B N   1 
ATOM 572 C CA  . GLU B 1 13 ? 7.81697   -4.14199  -12.69255 1.000 118.56799 ? 13 GLU B CA  1 
ATOM 573 C C   . GLU B 1 13 ? 7.09022   -2.83538  -12.98757 1.000 127.00018 ? 13 GLU B C   1 
ATOM 574 O O   . GLU B 1 13 ? 7.73457   -1.85369  -13.37279 1.000 128.45806 ? 13 GLU B O   1 
ATOM 575 C CB  . GLU B 1 13 ? 7.85878   -5.01692  -13.94604 1.000 131.35320 ? 13 GLU B CB  1 
ATOM 576 C CG  . GLU B 1 13 ? 8.83884   -6.18080  -13.85219 1.000 143.94981 ? 13 GLU B CG  1 
ATOM 577 C CD  . GLU B 1 13 ? 8.98777   -6.93346  -15.16274 1.000 148.16163 ? 13 GLU B CD  1 
ATOM 578 O OE1 . GLU B 1 13 ? 8.26695   -6.59730  -16.12541 1.000 155.64285 ? 13 GLU B OE1 1 
ATOM 579 O OE2 . GLU B 1 13 ? 9.82593   -7.85886  -15.23100 1.000 142.16085 ? 13 GLU B OE2 1 
ATOM 580 N N   . GLU B 1 14 ? 5.76586   -2.79705  -12.81545 1.000 116.42390 ? 14 GLU B N   1 
ATOM 581 C CA  . GLU B 1 14 ? 5.01085   -1.59075  -13.14480 1.000 117.87841 ? 14 GLU B CA  1 
ATOM 582 C C   . GLU B 1 14 ? 5.43197   -0.42117  -12.26251 1.000 120.43849 ? 14 GLU B C   1 
ATOM 583 O O   . GLU B 1 14 ? 5.73134   0.67116   -12.76002 1.000 120.21112 ? 14 GLU B O   1 
ATOM 584 C CB  . GLU B 1 14 ? 3.50825   -1.85538  -13.01433 1.000 125.03044 ? 14 GLU B CB  1 
ATOM 585 C CG  . GLU B 1 14 ? 2.98138   -2.95405  -13.93085 1.000 123.00398 ? 14 GLU B CG  1 
ATOM 586 C CD  . GLU B 1 14 ? 2.95698   -2.54915  -15.39418 1.000 142.90413 ? 14 GLU B CD  1 
ATOM 587 O OE1 . GLU B 1 14 ? 2.28221   -1.55269  -15.72918 1.000 136.61041 ? 14 GLU B OE1 1 
ATOM 588 O OE2 . GLU B 1 14 ? 3.61281   -3.22927  -16.21150 1.000 149.75602 ? 14 GLU B OE2 1 
ATOM 589 N N   . VAL B 1 15 ? 5.46961   -0.63340  -10.94448 1.000 124.00049 ? 15 VAL B N   1 
ATOM 590 C CA  . VAL B 1 15 ? 5.84967   0.45231   -10.04483 1.000 134.74905 ? 15 VAL B CA  1 
ATOM 591 C C   . VAL B 1 15 ? 7.33275   0.78342   -10.18657 1.000 129.33020 ? 15 VAL B C   1 
ATOM 592 O O   . VAL B 1 15 ? 7.73760   1.93824   -9.99624  1.000 118.55160 ? 15 VAL B O   1 
ATOM 593 C CB  . VAL B 1 15 ? 5.47412   0.10470   -8.59038  1.000 115.38491 ? 15 VAL B CB  1 
ATOM 594 C CG1 . VAL B 1 15 ? 3.96294   0.01139   -8.45061  1.000 119.51972 ? 15 VAL B CG1 1 
ATOM 595 C CG2 . VAL B 1 15 ? 6.13116   -1.19624  -8.16078  1.000 112.84446 ? 15 VAL B CG2 1 
ATOM 596 N N   . ARG B 1 16 ? 8.16213   -0.20699  -10.52931 1.000 118.38085 ? 16 ARG B N   1 
ATOM 597 C CA  . ARG B 1 16 ? 9.58015   0.05571   -10.74994 1.000 120.01293 ? 16 ARG B CA  1 
ATOM 598 C C   . ARG B 1 16 ? 9.78026   1.08130   -11.86255 1.000 129.38207 ? 16 ARG B C   1 
ATOM 599 O O   . ARG B 1 16 ? 10.55184  2.03673   -11.71442 1.000 136.14820 ? 16 ARG B O   1 
ATOM 600 C CB  . ARG B 1 16 ? 10.31148  -1.25289  -11.06922 1.000 125.61662 ? 16 ARG B CB  1 
ATOM 601 C CG  . ARG B 1 16 ? 11.65705  -1.06066  -11.75333 1.000 129.86406 ? 16 ARG B CG  1 
ATOM 602 C CD  . ARG B 1 16 ? 12.58472  -2.24932  -11.53794 1.000 122.64546 ? 16 ARG B CD  1 
ATOM 603 N NE  . ARG B 1 16 ? 13.17173  -2.25426  -10.20234 1.000 121.61301 ? 16 ARG B NE  1 
ATOM 604 C CZ  . ARG B 1 16 ? 14.23637  -1.54465  -9.84894  1.000 140.94697 ? 16 ARG B CZ  1 
ATOM 605 N NH1 . ARG B 1 16 ? 14.83831  -0.73094  -10.70078 1.000 144.33831 ? 16 ARG B NH1 1 
ATOM 606 N NH2 . ARG B 1 16 ? 14.70980  -1.65410  -8.60963  1.000 122.42458 ? 16 ARG B NH2 1 
ATOM 607 N N   . ARG B 1 17 ? 9.08069   0.90653   -12.98528 1.000 125.89112 ? 17 ARG B N   1 
ATOM 608 C CA  . ARG B 1 17 ? 9.27342   1.80020   -14.12272 1.000 128.63428 ? 17 ARG B CA  1 
ATOM 609 C C   . ARG B 1 17 ? 8.64277   3.16980   -13.90382 1.000 130.10059 ? 17 ARG B C   1 
ATOM 610 O O   . ARG B 1 17 ? 9.03191   4.13332   -14.57517 1.000 128.24263 ? 17 ARG B O   1 
ATOM 611 C CB  . ARG B 1 17 ? 8.71990   1.15568   -15.39554 1.000 124.39192 ? 17 ARG B CB  1 
ATOM 612 C CG  . ARG B 1 17 ? 9.41274   -0.16201  -15.74498 1.000 126.20414 ? 17 ARG B CG  1 
ATOM 613 C CD  . ARG B 1 17 ? 9.22232   -0.55038  -17.20740 1.000 124.82559 ? 17 ARG B CD  1 
ATOM 614 N NE  . ARG B 1 17 ? 7.86809   -1.01178  -17.48905 1.000 138.89699 ? 17 ARG B NE  1 
ATOM 615 C CZ  . ARG B 1 17 ? 7.47732   -2.27655  -17.41011 1.000 134.93594 ? 17 ARG B CZ  1 
ATOM 616 N NH1 . ARG B 1 17 ? 8.31770   -3.23903  -17.06216 1.000 120.51441 ? 17 ARG B NH1 1 
ATOM 617 N NH2 . ARG B 1 17 ? 6.21166   -2.58272  -17.68530 1.000 133.12487 ? 17 ARG B NH2 1 
ATOM 618 N N   . LEU B 1 18 ? 7.68423   3.28104   -12.98293 1.000 127.33533 ? 18 LEU B N   1 
ATOM 619 C CA  . LEU B 1 18 ? 7.13191   4.58930   -12.64659 1.000 129.57326 ? 18 LEU B CA  1 
ATOM 620 C C   . LEU B 1 18 ? 7.99323   5.30456   -11.61478 1.000 125.19884 ? 18 LEU B C   1 
ATOM 621 O O   . LEU B 1 18 ? 8.12148   6.53376   -11.64978 1.000 112.91618 ? 18 LEU B O   1 
ATOM 622 C CB  . LEU B 1 18 ? 5.70206   4.44215   -12.12963 1.000 123.61294 ? 18 LEU B CB  1 
ATOM 623 C CG  . LEU B 1 18 ? 4.67797   3.98982   -13.16443 1.000 122.05581 ? 18 LEU B CG  1 
ATOM 624 C CD1 . LEU B 1 18 ? 3.37556   3.62524   -12.48479 1.000 125.13144 ? 18 LEU B CD1 1 
ATOM 625 C CD2 . LEU B 1 18 ? 4.46017   5.08665   -14.19081 1.000 120.87367 ? 18 LEU B CD2 1 
ATOM 626 N N   . PHE B 1 19 ? 8.57917   4.55014   -10.68329 1.000 120.12317 ? 19 PHE B N   1 
ATOM 627 C CA  . PHE B 1 19 ? 9.47556   5.14880   -9.70037  1.000 123.14693 ? 19 PHE B CA  1 
ATOM 628 C C   . PHE B 1 19 ? 10.80044  5.54791   -10.33761 1.000 127.19558 ? 19 PHE B C   1 
ATOM 629 O O   . PHE B 1 19 ? 11.38964  6.57067   -9.97005  1.000 128.39576 ? 19 PHE B O   1 
ATOM 630 C CB  . PHE B 1 19 ? 9.70690   4.17839   -8.53988  1.000 121.12191 ? 19 PHE B CB  1 
ATOM 631 C CG  . PHE B 1 19 ? 8.68614   4.28376   -7.44007  1.000 117.79074 ? 19 PHE B CG  1 
ATOM 632 C CD1 . PHE B 1 19 ? 8.27804   5.52063   -6.96877  1.000 116.81967 ? 19 PHE B CD1 1 
ATOM 633 C CD2 . PHE B 1 19 ? 8.13919   3.14307   -6.87306  1.000 127.41233 ? 19 PHE B CD2 1 
ATOM 634 C CE1 . PHE B 1 19 ? 7.34182   5.61757   -5.95133  1.000 125.10534 ? 19 PHE B CE1 1 
ATOM 635 C CE2 . PHE B 1 19 ? 7.20160   3.23287   -5.85602  1.000 129.32088 ? 19 PHE B CE2 1 
ATOM 636 C CZ  . PHE B 1 19 ? 6.80302   4.47161   -5.39508  1.000 121.33702 ? 19 PHE B CZ  1 
ATOM 637 N N   . GLU B 1 20 ? 11.28420  4.75549   -11.29543 1.000 129.73403 ? 20 GLU B N   1 
ATOM 638 C CA  . GLU B 1 20 ? 12.54562  5.07530   -11.95303 1.000 131.55453 ? 20 GLU B CA  1 
ATOM 639 C C   . GLU B 1 20 ? 12.37008  6.18974   -12.97784 1.000 132.98730 ? 20 GLU B C   1 
ATOM 640 O O   . GLU B 1 20 ? 13.15429  7.14382   -13.00901 1.000 140.50222 ? 20 GLU B O   1 
ATOM 641 C CB  . GLU B 1 20 ? 13.12687  3.82345   -12.60975 1.000 133.09256 ? 20 GLU B CB  1 
ATOM 642 C CG  . GLU B 1 20 ? 14.53796  4.00843   -13.13738 1.000 150.55938 ? 20 GLU B CG  1 
ATOM 643 C CD  . GLU B 1 20 ? 15.34746  2.73180   -13.07636 1.000 153.26950 ? 20 GLU B CD  1 
ATOM 644 O OE1 . GLU B 1 20 ? 15.10248  1.92103   -12.15835 1.000 148.87995 ? 20 GLU B OE1 1 
ATOM 645 O OE2 . GLU B 1 20 ? 16.22528  2.53831   -13.94355 1.000 155.63706 ? 20 GLU B OE2 1 
ATOM 646 N N   . GLU B 1 21 ? 11.35251  6.08529   -13.82697 1.000 145.48526 ? 21 GLU B N   1 
ATOM 647 C CA  . GLU B 1 21 ? 11.04556  7.10951   -14.82303 1.000 151.16722 ? 21 GLU B CA  1 
ATOM 648 C C   . GLU B 1 21 ? 9.59556   7.53255   -14.61769 1.000 151.36753 ? 21 GLU B C   1 
ATOM 649 O O   . GLU B 1 21 ? 8.67343   6.94101   -15.18672 1.000 140.33156 ? 21 GLU B O   1 
ATOM 650 C CB  . GLU B 1 21 ? 11.29845  6.60727   -16.24321 1.000 151.78297 ? 21 GLU B CB  1 
ATOM 651 C CG  . GLU B 1 21 ? 12.74206  6.77565   -16.69813 1.000 156.98838 ? 21 GLU B CG  1 
ATOM 652 C CD  . GLU B 1 21 ? 13.68635  5.78784   -16.03863 1.000 161.65119 ? 21 GLU B CD  1 
ATOM 653 O OE1 . GLU B 1 21 ? 13.35380  4.58477   -16.00538 1.000 165.70336 ? 21 GLU B OE1 1 
ATOM 654 O OE2 . GLU B 1 21 ? 14.75859  6.21108   -15.55413 1.000 154.78875 ? 21 GLU B OE2 1 
ATOM 655 N N   . GLY B 1 22 ? 9.40495   8.55497   -13.80257 1.000 153.34801 ? 22 GLY B N   1 
ATOM 656 C CA  . GLY B 1 22 ? 8.07745   9.06213   -13.51672 1.000 154.69524 ? 22 GLY B CA  1 
ATOM 657 C C   . GLY B 1 22 ? 8.00566   9.63404   -12.11821 1.000 135.28376 ? 22 GLY B C   1 
ATOM 658 O O   . GLY B 1 22 ? 8.93190   9.51896   -11.31738 1.000 137.07913 ? 22 GLY B O   1 
ATOM 659 N N   . ARG B 1 23 ? 6.86750   10.26629  -11.84201 1.000 134.16752 ? 23 ARG B N   1 
ATOM 660 C CA  . ARG B 1 23 ? 6.57102   10.88234  -10.56124 1.000 143.13058 ? 23 ARG B CA  1 
ATOM 661 C C   . ARG B 1 23 ? 6.25052   9.82073   -9.51393  1.000 144.47151 ? 23 ARG B C   1 
ATOM 662 O O   . ARG B 1 23 ? 5.86445   8.69722   -9.84744  1.000 140.89880 ? 23 ARG B O   1 
ATOM 663 C CB  . ARG B 1 23 ? 5.39574   11.84839  -10.70473 1.000 152.66845 ? 23 ARG B CB  1 
ATOM 664 C CG  . ARG B 1 23 ? 5.70337   13.11133  -11.49887 1.000 159.06107 ? 23 ARG B CG  1 
ATOM 665 C CD  . ARG B 1 23 ? 4.43461   13.92448  -11.74320 1.000 177.79061 ? 23 ARG B CD  1 
ATOM 666 N NE  . ARG B 1 23 ? 4.67959   15.09286  -12.58179 1.000 183.85496 ? 23 ARG B NE  1 
ATOM 667 C CZ  . ARG B 1 23 ? 3.73146   15.87753  -13.07799 1.000 192.33210 ? 23 ARG B CZ  1 
ATOM 668 N NH1 . ARG B 1 23 ? 2.44947   15.65217  -12.83725 1.000 186.97924 ? 23 ARG B NH1 1 
ATOM 669 N NH2 . ARG B 1 23 ? 4.07834   16.91179  -13.84009 1.000 195.83018 ? 23 ARG B NH2 1 
ATOM 670 N N   . PRO B 1 24 ? 6.41104   10.15345  -8.23014  1.000 129.18034 ? 24 PRO B N   1 
ATOM 671 C CA  . PRO B 1 24 ? 6.11824   9.15673   -7.18915  1.000 114.66048 ? 24 PRO B CA  1 
ATOM 672 C C   . PRO B 1 24 ? 4.63979   8.84870   -7.05513  1.000 113.06559 ? 24 PRO B C   1 
ATOM 673 O O   . PRO B 1 24 ? 4.27178   7.67595   -6.90714  1.000 105.82571 ? 24 PRO B O   1 
ATOM 674 C CB  . PRO B 1 24 ? 6.68186   9.80825   -5.91847  1.000 136.67471 ? 24 PRO B CB  1 
ATOM 675 C CG  . PRO B 1 24 ? 7.64494   10.85196  -6.41464  1.000 139.26880 ? 24 PRO B CG  1 
ATOM 676 C CD  . PRO B 1 24 ? 7.03484   11.36267  -7.67152  1.000 129.76824 ? 24 PRO B CD  1 
ATOM 677 N N   . GLU B 1 25 ? 3.77962   9.87347   -7.10990  1.000 133.70175 ? 25 GLU B N   1 
ATOM 678 C CA  . GLU B 1 25 ? 2.34026   9.66379   -6.95956  1.000 133.24441 ? 25 GLU B CA  1 
ATOM 679 C C   . GLU B 1 25 ? 1.79257   8.70900   -8.01222  1.000 125.54919 ? 25 GLU B C   1 
ATOM 680 O O   . GLU B 1 25 ? 0.77965   8.04097   -7.77743  1.000 130.42892 ? 25 GLU B O   1 
ATOM 681 C CB  . GLU B 1 25 ? 1.60482   11.00491  -7.02662  1.000 109.99886 ? 25 GLU B CB  1 
ATOM 682 C CG  . GLU B 1 25 ? 1.98998   11.97182  -5.91132  1.000 134.04760 ? 25 GLU B CG  1 
ATOM 683 C CD  . GLU B 1 25 ? 1.82619   13.42928  -6.30505  1.000 135.40572 ? 25 GLU B CD  1 
ATOM 684 O OE1 . GLU B 1 25 ? 1.62788   13.69963  -7.50711  1.000 140.02487 ? 25 GLU B OE1 1 
ATOM 685 O OE2 . GLU B 1 25 ? 1.90217   14.30359  -5.41319  1.000 128.31702 ? 25 GLU B OE2 1 
ATOM 686 N N   . ASP B 1 26 ? 2.44109   8.63027   -9.17334  1.000 117.57091 ? 26 ASP B N   1 
ATOM 687 C CA  . ASP B 1 26 ? 2.01626   7.67754   -10.19145 1.000 124.23805 ? 26 ASP B CA  1 
ATOM 688 C C   . ASP B 1 26 ? 2.18247   6.24226   -9.70403  1.000 123.22125 ? 26 ASP B C   1 
ATOM 689 O O   . ASP B 1 26 ? 1.22222   5.46182   -9.69654  1.000 106.87742 ? 26 ASP B O   1 
ATOM 690 C CB  . ASP B 1 26 ? 2.80377   7.92196   -11.47640 1.000 130.38687 ? 26 ASP B CB  1 
ATOM 691 C CG  . ASP B 1 26 ? 2.58393   9.31993   -12.02697 1.000 154.53617 ? 26 ASP B CG  1 
ATOM 692 O OD1 . ASP B 1 26 ? 1.49465   9.88357   -11.78264 1.000 169.54022 ? 26 ASP B OD1 1 
ATOM 693 O OD2 . ASP B 1 26 ? 3.49132   9.85832   -12.69640 1.000 148.18503 ? 26 ASP B OD2 1 
ATOM 694 N N   . ALA B 1 27 ? 3.39239   5.88534   -9.26628  1.000 120.58316 ? 27 ALA B N   1 
ATOM 695 C CA  . ALA B 1 27 ? 3.63655   4.53529   -8.77083  1.000 110.25580 ? 27 ALA B CA  1 
ATOM 696 C C   . ALA B 1 27 ? 2.86665   4.25096   -7.48745  1.000 100.04387 ? 27 ALA B C   1 
ATOM 697 O O   . ALA B 1 27 ? 2.45527   3.10837   -7.26064  1.000 87.48783  ? 27 ALA B O   1 
ATOM 698 C CB  . ALA B 1 27 ? 5.13260   4.32048   -8.54775  1.000 114.56182 ? 27 ALA B CB  1 
ATOM 699 N N   . ALA B 1 28 ? 2.66880   5.26363   -6.63767  1.000 100.50078 ? 28 ALA B N   1 
ATOM 700 C CA  . ALA B 1 28 ? 1.91993   5.05820   -5.39999  1.000 101.40488 ? 28 ALA B CA  1 
ATOM 701 C C   . ALA B 1 28 ? 0.53666   4.49608   -5.69075  1.000 108.29051 ? 28 ALA B C   1 
ATOM 702 O O   . ALA B 1 28 ? 0.14624   3.45698   -5.14510  1.000 101.30329 ? 28 ALA B O   1 
ATOM 703 C CB  . ALA B 1 28 ? 1.81233   6.37095   -4.62086  1.000 80.86420  ? 28 ALA B CB  1 
ATOM 704 N N   . ARG B 1 29 ? -0.20397  5.15920   -6.58096  1.000 106.66198 ? 29 ARG B N   1 
ATOM 705 C CA  . ARG B 1 29 ? -1.56486  4.74201   -6.89289  1.000 86.56726  ? 29 ARG B CA  1 
ATOM 706 C C   . ARG B 1 29 ? -1.58309  3.37964   -7.57282  1.000 91.70829  ? 29 ARG B C   1 
ATOM 707 O O   . ARG B 1 29 ? -2.44425  2.54187   -7.28028  1.000 96.80616  ? 29 ARG B O   1 
ATOM 708 C CB  . ARG B 1 29 ? -2.21731  5.79678   -7.77732  1.000 102.30997 ? 29 ARG B CB  1 
ATOM 709 C CG  . ARG B 1 29 ? -3.73163  5.85301   -7.74617  1.000 120.79027 ? 29 ARG B CG  1 
ATOM 710 C CD  . ARG B 1 29 ? -4.23046  6.84343   -8.79563  1.000 126.39165 ? 29 ARG B CD  1 
ATOM 711 N NE  . ARG B 1 29 ? -3.33484  7.98852   -8.94613  1.000 131.94643 ? 29 ARG B NE  1 
ATOM 712 C CZ  . ARG B 1 29 ? -2.45878  8.13927   -9.93267  1.000 125.20567 ? 29 ARG B CZ  1 
ATOM 713 N NH1 . ARG B 1 29 ? -2.33778  7.23748   -10.89434 1.000 130.00603 ? 29 ARG B NH1 1 
ATOM 714 N NH2 . ARG B 1 29 ? -1.67459  9.21334   -9.94511  1.000 115.93669 ? 29 ARG B NH2 1 
ATOM 715 N N   . VAL B 1 30 ? -0.64489  3.14505   -8.49419  1.000 98.36708  ? 30 VAL B N   1 
ATOM 716 C CA  . VAL B 1 30 ? -0.51845  1.83398   -9.12719  1.000 98.32919  ? 30 VAL B CA  1 
ATOM 717 C C   . VAL B 1 30 ? -0.15770  0.77402   -8.09623  1.000 91.95668  ? 30 VAL B C   1 
ATOM 718 O O   . VAL B 1 30 ? -0.57619  -0.38540  -8.20796  1.000 85.10028  ? 30 VAL B O   1 
ATOM 719 C CB  . VAL B 1 30 ? 0.52264   1.89973   -10.26485 1.000 101.13868 ? 30 VAL B CB  1 
ATOM 720 C CG1 . VAL B 1 30 ? 0.73389   0.53128   -10.89914 1.000 102.07164 ? 30 VAL B CG1 1 
ATOM 721 C CG2 . VAL B 1 30 ? 0.09837   2.91746   -11.31126 1.000 88.50797  ? 30 VAL B CG2 1 
ATOM 722 N N   . ALA B 1 31 ? 0.61004   1.15224   -7.07312  1.000 91.77207  ? 31 ALA B N   1 
ATOM 723 C CA  . ALA B 1 31 ? 0.99569   0.19958   -6.03977  1.000 78.79212  ? 31 ALA B CA  1 
ATOM 724 C C   . ALA B 1 31 ? -0.20954  -0.24371  -5.22112  1.000 87.06713  ? 31 ALA B C   1 
ATOM 725 O O   . ALA B 1 31 ? -0.42834  -1.44568  -5.02604  1.000 80.08137  ? 31 ALA B O   1 
ATOM 726 C CB  . ALA B 1 31 ? 2.06271   0.81593   -5.13768  1.000 98.17209  ? 31 ALA B CB  1 
ATOM 727 N N   . PHE B 1 32 ? -1.00088  0.72010   -4.73198  1.000 88.93438  ? 32 PHE B N   1 
ATOM 728 C CA  . PHE B 1 32 ? -2.18711  0.40086   -3.93964  1.000 89.62566  ? 32 PHE B CA  1 
ATOM 729 C C   . PHE B 1 32 ? -3.12170  -0.53945  -4.68404  1.000 92.64764  ? 32 PHE B C   1 
ATOM 730 O O   . PHE B 1 32 ? -3.71054  -1.44663  -4.08217  1.000 78.28934  ? 32 PHE B O   1 
ATOM 731 C CB  . PHE B 1 32 ? -2.94140  1.67674   -3.57850  1.000 81.40467  ? 32 PHE B CB  1 
ATOM 732 C CG  . PHE B 1 32 ? -2.15797  2.62651   -2.75227  1.000 74.11401  ? 32 PHE B CG  1 
ATOM 733 C CD1 . PHE B 1 32 ? -1.33893  2.17003   -1.73824  1.000 89.12099  ? 32 PHE B CD1 1 
ATOM 734 C CD2 . PHE B 1 32 ? -2.24382  3.98358   -2.98643  1.000 85.37281  ? 32 PHE B CD2 1 
ATOM 735 C CE1 . PHE B 1 32 ? -0.60985  3.05346   -0.97569  1.000 92.00463  ? 32 PHE B CE1 1 
ATOM 736 C CE2 . PHE B 1 32 ? -1.52376  4.87069   -2.22822  1.000 99.88195  ? 32 PHE B CE2 1 
ATOM 737 C CZ  . PHE B 1 32 ? -0.70403  4.40703   -1.22091  1.000 96.13449  ? 32 PHE B CZ  1 
ATOM 738 N N   . GLU B 1 33 ? -3.28863  -0.32113  -5.99057  1.000 86.80292  ? 33 GLU B N   1 
ATOM 739 C CA  . GLU B 1 33 ? -4.23093  -1.12231  -6.75989  1.000 90.76380  ? 33 GLU B CA  1 
ATOM 740 C C   . GLU B 1 33 ? -3.83405  -2.59263  -6.74908  1.000 90.92429  ? 33 GLU B C   1 
ATOM 741 O O   . GLU B 1 33 ? -4.65099  -3.46473  -6.42759  1.000 100.93682 ? 33 GLU B O   1 
ATOM 742 C CB  . GLU B 1 33 ? -4.32762  -0.58212  -8.18553  1.000 101.79851 ? 33 GLU B CB  1 
ATOM 743 C CG  . GLU B 1 33 ? -5.02760  0.76971   -8.27583  1.000 116.97737 ? 33 GLU B CG  1 
ATOM 744 C CD  . GLU B 1 33 ? -5.20915  1.23708   -9.70580  1.000 131.62435 ? 33 GLU B CD  1 
ATOM 745 O OE1 . GLU B 1 33 ? -4.89792  0.45513   -10.63051 1.000 119.60763 ? 33 GLU B OE1 1 
ATOM 746 O OE2 . GLU B 1 33 ? -5.65953  2.38564   -9.90514  1.000 134.42463 ? 33 GLU B OE2 1 
ATOM 747 N N   . PHE B 1 34 ? -2.57514  -2.88811  -7.08624  1.000 83.89940  ? 34 PHE B N   1 
ATOM 748 C CA  . PHE B 1 34 ? -2.11652  -4.27383  -7.05453  1.000 85.61898  ? 34 PHE B CA  1 
ATOM 749 C C   . PHE B 1 34 ? -2.19329  -4.85780  -5.65061  1.000 85.09772  ? 34 PHE B C   1 
ATOM 750 O O   . PHE B 1 34 ? -2.42505  -6.06283  -5.49231  1.000 77.88620  ? 34 PHE B O   1 
ATOM 751 C CB  . PHE B 1 34 ? -0.69011  -4.37348  -7.59100  1.000 89.82459  ? 34 PHE B CB  1 
ATOM 752 C CG  . PHE B 1 34 ? -0.59047  -4.23804  -9.08257  1.000 96.12731  ? 34 PHE B CG  1 
ATOM 753 C CD1 . PHE B 1 34 ? -1.08171  -5.23154  -9.91256  1.000 88.61646  ? 34 PHE B CD1 1 
ATOM 754 C CD2 . PHE B 1 34 ? 0.01153   -3.12647  -9.65546  1.000 105.21964 ? 34 PHE B CD2 1 
ATOM 755 C CE1 . PHE B 1 34 ? -0.98651  -5.11242  -11.28276 1.000 98.31391  ? 34 PHE B CE1 1 
ATOM 756 C CE2 . PHE B 1 34 ? 0.11055   -3.00269  -11.03072 1.000 102.44868 ? 34 PHE B CE2 1 
ATOM 757 C CZ  . PHE B 1 34 ? -0.38785  -3.99540  -11.84266 1.000 103.18190 ? 34 PHE B CZ  1 
ATOM 758 N N   . LEU B 1 35 ? -2.00266  -4.02431  -4.62456  1.000 74.69458  ? 35 LEU B N   1 
ATOM 759 C CA  . LEU B 1 35 ? -2.11521  -4.50186  -3.25034  1.000 83.93200  ? 35 LEU B CA  1 
ATOM 760 C C   . LEU B 1 35 ? -3.51732  -5.02545  -2.96807  1.000 94.71265  ? 35 LEU B C   1 
ATOM 761 O O   . LEU B 1 35 ? -3.68663  -6.06516  -2.32121  1.000 93.20969  ? 35 LEU B O   1 
ATOM 762 C CB  . LEU B 1 35 ? -1.75422  -3.38377  -2.26827  1.000 89.41403  ? 35 LEU B CB  1 
ATOM 763 C CG  . LEU B 1 35 ? -0.28455  -2.97634  -2.12530  1.000 88.14930  ? 35 LEU B CG  1 
ATOM 764 C CD1 . LEU B 1 35 ? -0.15544  -1.67834  -1.33401  1.000 74.73699  ? 35 LEU B CD1 1 
ATOM 765 C CD2 . LEU B 1 35 ? 0.51745   -4.08610  -1.46685  1.000 81.47787  ? 35 LEU B CD2 1 
ATOM 766 N N   . GLN B 1 36 ? -4.54025  -4.31397  -3.44697  1.000 101.34028 ? 36 GLN B N   1 
ATOM 767 C CA  . GLN B 1 36 ? -5.91204  -4.73991  -3.19964  1.000 97.22712  ? 36 GLN B CA  1 
ATOM 768 C C   . GLN B 1 36 ? -6.35113  -5.82063  -4.17429  1.000 96.30903  ? 36 GLN B C   1 
ATOM 769 O O   . GLN B 1 36 ? -7.12258  -6.71064  -3.79835  1.000 96.12139  ? 36 GLN B O   1 
ATOM 770 C CB  . GLN B 1 36 ? -6.85715  -3.54213  -3.27559  1.000 92.44003  ? 36 GLN B CB  1 
ATOM 771 C CG  . GLN B 1 36 ? -8.22190  -3.79048  -2.65054  1.000 85.96904  ? 36 GLN B CG  1 
ATOM 772 C CD  . GLN B 1 36 ? -8.87666  -2.50752  -2.17325  1.000 96.24705  ? 36 GLN B CD  1 
ATOM 773 O OE1 . GLN B 1 36 ? -8.67388  -1.43715  -2.75488  1.000 81.12122  ? 36 GLN B OE1 1 
ATOM 774 N NE2 . GLN B 1 36 ? -9.65557  -2.60481  -1.10152  1.000 86.12166  ? 36 GLN B NE2 1 
ATOM 775 N N   . ARG B 1 37 ? -5.87047  -5.76260  -5.41867  1.000 87.99129  ? 37 ARG B N   1 
ATOM 776 C CA  . ARG B 1 37 ? -6.13119  -6.84658  -6.35661  1.000 90.72566  ? 37 ARG B CA  1 
ATOM 777 C C   . ARG B 1 37 ? -5.65889  -8.18550  -5.80457  1.000 99.56368  ? 37 ARG B C   1 
ATOM 778 O O   . ARG B 1 37 ? -6.30782  -9.21109  -6.03416  1.000 115.99165 ? 37 ARG B O   1 
ATOM 779 C CB  . ARG B 1 37 ? -5.45976  -6.55827  -7.70184  1.000 93.85134  ? 37 ARG B CB  1 
ATOM 780 C CG  . ARG B 1 37 ? -6.05242  -7.36069  -8.85747  1.000 123.34662 ? 37 ARG B CG  1 
ATOM 781 C CD  . ARG B 1 37 ? -5.26424  -7.20530  -10.14998 1.000 109.19824 ? 37 ARG B CD  1 
ATOM 782 N NE  . ARG B 1 37 ? -5.18950  -5.82034  -10.60160 1.000 108.59997 ? 37 ARG B NE  1 
ATOM 783 C CZ  . ARG B 1 37 ? -4.94644  -5.45704  -11.85419 1.000 103.32135 ? 37 ARG B CZ  1 
ATOM 784 N NH1 . ARG B 1 37 ? -4.78225  -6.35269  -12.81291 1.000 92.49824  ? 37 ARG B NH1 1 
ATOM 785 N NH2 . ARG B 1 37 ? -4.87375  -4.16336  -12.15364 1.000 99.43789  ? 37 ARG B NH2 1 
ATOM 786 N N   . LEU B 1 38 ? -4.54233  -8.19811  -5.06899  1.000 113.41579 ? 38 LEU B N   1 
ATOM 787 C CA  . LEU B 1 38 ? -4.05855  -9.44594  -4.48391  1.000 103.01678 ? 38 LEU B CA  1 
ATOM 788 C C   . LEU B 1 38 ? -4.98850  -9.93772  -3.38123  1.000 103.62390 ? 38 LEU B C   1 
ATOM 789 O O   . LEU B 1 38 ? -5.31792  -11.12852 -3.32635  1.000 105.62955 ? 38 LEU B O   1 
ATOM 790 C CB  . LEU B 1 38 ? -2.63596  -9.26465  -3.95163  1.000 99.18121  ? 38 LEU B CB  1 
ATOM 791 C CG  . LEU B 1 38 ? -1.50957  -9.29256  -4.98909  1.000 117.86702 ? 38 LEU B CG  1 
ATOM 792 C CD1 . LEU B 1 38 ? -0.16297  -9.03590  -4.33310  1.000 107.71186 ? 38 LEU B CD1 1 
ATOM 793 C CD2 . LEU B 1 38 ? -1.49556  -10.62096 -5.73576  1.000 132.61784 ? 38 LEU B CD2 1 
ATOM 794 N N   . LEU B 1 39 ? -5.43027  -9.03329  -2.50166  1.000 112.69195 ? 39 LEU B N   1 
ATOM 795 C CA  . LEU B 1 39 ? -6.34402  -9.41734  -1.42868  1.000 122.07992 ? 39 LEU B CA  1 
ATOM 796 C C   . LEU B 1 39 ? -7.63110  -10.02210 -1.97614  1.000 126.83010 ? 39 LEU B C   1 
ATOM 797 O O   . LEU B 1 39 ? -8.20038  -10.93174 -1.35995  1.000 122.03457 ? 39 LEU B O   1 
ATOM 798 C CB  . LEU B 1 39 ? -6.65443  -8.20606  -0.54660  1.000 115.90108 ? 39 LEU B CB  1 
ATOM 799 C CG  . LEU B 1 39 ? -5.45477  -7.61534  0.19711   1.000 106.89274 ? 39 LEU B CG  1 
ATOM 800 C CD1 . LEU B 1 39 ? -5.81289  -6.30488  0.88415   1.000 96.39399  ? 39 LEU B CD1 1 
ATOM 801 C CD2 . LEU B 1 39 ? -4.91728  -8.61732  1.20396   1.000 103.01005 ? 39 LEU B CD2 1 
ATOM 802 N N   . ASP B 1 40 ? -8.09623  -9.53868  -3.13341  1.000 129.29501 ? 40 ASP B N   1 
ATOM 803 C CA  . ASP B 1 40 ? -9.25461  -10.12837 -3.79834  1.000 139.80932 ? 40 ASP B CA  1 
ATOM 804 C C   . ASP B 1 40 ? -9.01186  -11.58233 -4.18529  1.000 148.61887 ? 40 ASP B C   1 
ATOM 805 O O   . ASP B 1 40 ? -9.97301  -12.31550 -4.44745  1.000 146.26375 ? 40 ASP B O   1 
ATOM 806 C CB  . ASP B 1 40 ? -9.61442  -9.30990  -5.04255  1.000 130.82914 ? 40 ASP B CB  1 
ATOM 807 C CG  . ASP B 1 40 ? -11.11276 -9.12261  -5.21274  1.000 151.60738 ? 40 ASP B CG  1 
ATOM 808 O OD1 . ASP B 1 40 ? -11.88834 -9.97344  -4.72415  1.000 157.11901 ? 40 ASP B OD1 1 
ATOM 809 O OD2 . ASP B 1 40 ? -11.51228 -8.11862  -5.84123  1.000 137.82633 ? 40 ASP B OD2 1 
ATOM 810 N N   . LEU B 1 41 ? -7.74903  -12.01161 -4.23744  1.000 141.35161 ? 41 LEU B N   1 
ATOM 811 C CA  . LEU B 1 41 ? -7.43604  -13.41709 -4.45432  1.000 134.39425 ? 41 LEU B CA  1 
ATOM 812 C C   . LEU B 1 41 ? -7.37244  -14.20357 -3.14950  1.000 138.12804 ? 41 LEU B C   1 
ATOM 813 O O   . LEU B 1 41 ? -7.47524  -15.43532 -3.17862  1.000 151.86039 ? 41 LEU B O   1 
ATOM 814 C CB  . LEU B 1 41 ? -6.11325  -13.55382 -5.21742  1.000 130.37328 ? 41 LEU B CB  1 
ATOM 815 C CG  . LEU B 1 41 ? -6.15014  -13.58554 -6.75214  1.000 143.73426 ? 41 LEU B CG  1 
ATOM 816 C CD1 . LEU B 1 41 ? -6.74005  -12.31432 -7.35941  1.000 110.36874 ? 41 LEU B CD1 1 
ATOM 817 C CD2 . LEU B 1 41 ? -4.75761  -13.84481 -7.31106  1.000 144.94720 ? 41 LEU B CD2 1 
ATOM 818 N N   . GLY B 1 42 ? -7.21857  -13.52477 -2.01328  1.000 126.16992 ? 42 GLY B N   1 
ATOM 819 C CA  . GLY B 1 42 ? -7.21933  -14.17529 -0.71943  1.000 133.99772 ? 42 GLY B CA  1 
ATOM 820 C C   . GLY B 1 42 ? -5.87865  -14.68541 -0.24010  1.000 135.10899 ? 42 GLY B C   1 
ATOM 821 O O   . GLY B 1 42 ? -5.83016  -15.35404 0.80093   1.000 126.64762 ? 42 GLY B O   1 
ATOM 822 N N   . ASP B 1 43 ? -4.78796  -14.38979 -0.95420  1.000 136.42161 ? 43 ASP B N   1 
ATOM 823 C CA  . ASP B 1 43 ? -3.46303  -14.88326 -0.58943  1.000 135.83402 ? 43 ASP B CA  1 
ATOM 824 C C   . ASP B 1 43 ? -2.61654  -13.74191 -0.04098  1.000 126.98345 ? 43 ASP B C   1 
ATOM 825 O O   . ASP B 1 43 ? -2.05500  -12.95678 -0.82303  1.000 127.58469 ? 43 ASP B O   1 
ATOM 826 C CB  . ASP B 1 43 ? -2.77554  -15.52985 -1.79578  1.000 129.34445 ? 43 ASP B CB  1 
ATOM 827 C CG  . ASP B 1 43 ? -1.61990  -16.42733 -1.39465  1.000 136.43793 ? 43 ASP B CG  1 
ATOM 828 O OD1 . ASP B 1 43 ? -1.42484  -16.63870 -0.17564  1.000 119.29543 ? 43 ASP B OD1 1 
ATOM 829 O OD2 . ASP B 1 43 ? -0.90736  -16.92184 -2.29321  1.000 152.24457 ? 43 ASP B OD2 1 
ATOM 830 N N   . PRO B 1 44 ? -2.48202  -13.60793 1.27954   1.000 124.18401 ? 44 PRO B N   1 
ATOM 831 C CA  . PRO B 1 44 ? -1.65000  -12.52865 1.82651   1.000 105.79734 ? 44 PRO B CA  1 
ATOM 832 C C   . PRO B 1 44 ? -0.16664  -12.75841 1.63642   1.000 123.85169 ? 44 PRO B C   1 
ATOM 833 O O   . PRO B 1 44 ? 0.61258   -11.82452 1.86015   1.000 134.29004 ? 44 PRO B O   1 
ATOM 834 C CB  . PRO B 1 44 ? -2.01707  -12.52739 3.31209   1.000 104.86538 ? 44 PRO B CB  1 
ATOM 835 C CG  . PRO B 1 44 ? -2.35044  -13.95955 3.59248   1.000 121.16788 ? 44 PRO B CG  1 
ATOM 836 C CD  . PRO B 1 44 ? -3.02547  -14.47583 2.34105   1.000 129.26818 ? 44 PRO B CD  1 
ATOM 837 N N   . ASP B 1 45 ? 0.25375   -13.96494 1.24476   1.000 129.68894 ? 45 ASP B N   1 
ATOM 838 C CA  . ASP B 1 45 ? 1.68185   -14.22829 1.09132   1.000 132.44513 ? 45 ASP B CA  1 
ATOM 839 C C   . ASP B 1 45 ? 2.29453   -13.33679 0.01643   1.000 129.37668 ? 45 ASP B C   1 
ATOM 840 O O   . ASP B 1 45 ? 3.40954   -12.82949 0.18238   1.000 130.77410 ? 45 ASP B O   1 
ATOM 841 C CB  . ASP B 1 45 ? 1.92196   -15.70995 0.78344   1.000 139.82821 ? 45 ASP B CB  1 
ATOM 842 C CG  . ASP B 1 45 ? 1.79506   -16.59277 2.02012   1.000 129.16214 ? 45 ASP B CG  1 
ATOM 843 O OD1 . ASP B 1 45 ? 1.87137   -16.05098 3.14353   1.000 114.44455 ? 45 ASP B OD1 1 
ATOM 844 O OD2 . ASP B 1 45 ? 1.62890   -17.82407 1.87080   1.000 116.17449 ? 45 ASP B OD2 1 
ATOM 845 N N   . ALA B 1 46 ? 1.57497   -13.11825 -1.08616  1.000 127.99939 ? 46 ALA B N   1 
ATOM 846 C CA  . ALA B 1 46 ? 2.05246   -12.18100 -2.09871  1.000 127.03342 ? 46 ALA B CA  1 
ATOM 847 C C   . ALA B 1 46 ? 1.93128   -10.73400 -1.63151  1.000 114.62992 ? 46 ALA B C   1 
ATOM 848 O O   . ALA B 1 46 ? 2.74733   -9.88715  -2.01644  1.000 99.70349  ? 46 ALA B O   1 
ATOM 849 C CB  . ALA B 1 46 ? 1.28274   -12.38127 -3.40498  1.000 134.22115 ? 46 ALA B CB  1 
ATOM 850 N N   . VAL B 1 47 ? 0.92412   -10.43367 -0.80831  1.000 120.07396 ? 47 VAL B N   1 
ATOM 851 C CA  . VAL B 1 47 ? 0.70253   -9.06025  -0.36766  1.000 108.87203 ? 47 VAL B CA  1 
ATOM 852 C C   . VAL B 1 47 ? 1.89109   -8.55722  0.43779   1.000 105.89893 ? 47 VAL B C   1 
ATOM 853 O O   . VAL B 1 47 ? 2.36024   -7.43052  0.23767   1.000 97.91015  ? 47 VAL B O   1 
ATOM 854 C CB  . VAL B 1 47 ? -0.60486  -8.96434  0.43976   1.000 112.06599 ? 47 VAL B CB  1 
ATOM 855 C CG1 . VAL B 1 47 ? -0.85091  -7.52971  0.88540   1.000 100.43060 ? 47 VAL B CG1 1 
ATOM 856 C CG2 . VAL B 1 47 ? -1.77495  -9.49119  -0.37458  1.000 107.59884 ? 47 VAL B CG2 1 
ATOM 857 N N   . LYS B 1 48 ? 2.39875   -9.38422  1.35737   1.000 119.38677 ? 48 LYS B N   1 
ATOM 858 C CA  . LYS B 1 48 ? 3.51719   -8.97148  2.19960   1.000 99.85121  ? 48 LYS B CA  1 
ATOM 859 C C   . LYS B 1 48 ? 4.79103   -8.79124  1.38299   1.000 89.55978  ? 48 LYS B C   1 
ATOM 860 O O   . LYS B 1 48 ? 5.51449   -7.80592  1.56559   1.000 80.92343  ? 48 LYS B O   1 
ATOM 861 C CB  . LYS B 1 48 ? 3.72466   -9.98728  3.32367   1.000 103.76174 ? 48 LYS B CB  1 
ATOM 862 C CG  . LYS B 1 48 ? 3.69904   -11.44710 2.88611   1.000 117.32103 ? 48 LYS B CG  1 
ATOM 863 C CD  . LYS B 1 48 ? 3.79402   -12.38560 4.08462   1.000 140.52027 ? 48 LYS B CD  1 
ATOM 864 C CE  . LYS B 1 48 ? 4.07935   -13.82813 3.67423   1.000 131.98398 ? 48 LYS B CE  1 
ATOM 865 N NZ  . LYS B 1 48 ? 4.13602   -14.74085 4.85812   1.000 129.48402 ? 48 LYS B NZ  1 
ATOM 866 N N   . GLU B 1 49 ? 5.07070   -9.72252  0.46584   1.000 100.94901 ? 49 GLU B N   1 
ATOM 867 C CA  . GLU B 1 49 ? 6.25002   -9.60226  -0.38797  1.000 99.80560  ? 49 GLU B CA  1 
ATOM 868 C C   . GLU B 1 49 ? 6.19410   -8.34583  -1.24669  1.000 99.64445  ? 49 GLU B C   1 
ATOM 869 O O   . GLU B 1 49 ? 7.20969   -7.66145  -1.42178  1.000 102.29436 ? 49 GLU B O   1 
ATOM 870 C CB  . GLU B 1 49 ? 6.38562   -10.84049 -1.26970  1.000 102.52280 ? 49 GLU B CB  1 
ATOM 871 C CG  . GLU B 1 49 ? 6.44334   -12.12790 -0.47932  1.000 125.07033 ? 49 GLU B CG  1 
ATOM 872 C CD  . GLU B 1 49 ? 6.64398   -13.33844 -1.35475  1.000 135.13911 ? 49 GLU B CD  1 
ATOM 873 O OE1 . GLU B 1 49 ? 6.90435   -13.15791 -2.56376  1.000 145.24295 ? 49 GLU B OE1 1 
ATOM 874 O OE2 . GLU B 1 49 ? 6.54137   -14.46753 -0.82912  1.000 126.78206 ? 49 GLU B OE2 1 
ATOM 875 N N   . LEU B 1 50 ? 5.01968   -8.03180  -1.79844  1.000 106.35222 ? 50 LEU B N   1 
ATOM 876 C CA  . LEU B 1 50 ? 4.88454   -6.82205  -2.60160  1.000 98.67765  ? 50 LEU B CA  1 
ATOM 877 C C   . LEU B 1 50 ? 5.05269   -5.57508  -1.74383  1.000 98.54821  ? 50 LEU B C   1 
ATOM 878 O O   . LEU B 1 50 ? 5.61230   -4.57150  -2.20001  1.000 91.63179  ? 50 LEU B O   1 
ATOM 879 C CB  . LEU B 1 50 ? 3.53157   -6.81539  -3.31285  1.000 99.20926  ? 50 LEU B CB  1 
ATOM 880 C CG  . LEU B 1 50 ? 3.11907   -5.54955  -4.06741  1.000 95.61012  ? 50 LEU B CG  1 
ATOM 881 C CD1 . LEU B 1 50 ? 4.10381   -5.22679  -5.17821  1.000 94.82535  ? 50 LEU B CD1 1 
ATOM 882 C CD2 . LEU B 1 50 ? 1.71417   -5.70318  -4.62321  1.000 83.30163  ? 50 LEU B CD2 1 
ATOM 883 N N   . LEU B 1 51 ? 4.57604   -5.62046  -0.49730  1.000 99.29838  ? 51 LEU B N   1 
ATOM 884 C CA  . LEU B 1 51 ? 4.77166   -4.49292  0.40729   1.000 94.73305  ? 51 LEU B CA  1 
ATOM 885 C C   . LEU B 1 51 ? 6.24921   -4.27764  0.71197   1.000 109.24673 ? 51 LEU B C   1 
ATOM 886 O O   . LEU B 1 51 ? 6.71180   -3.13286  0.78384   1.000 111.09392 ? 51 LEU B O   1 
ATOM 887 C CB  . LEU B 1 51 ? 3.97670   -4.70866  1.69318   1.000 82.57038  ? 51 LEU B CB  1 
ATOM 888 C CG  . LEU B 1 51 ? 2.52351   -4.23769  1.61496   1.000 86.61233  ? 51 LEU B CG  1 
ATOM 889 C CD1 . LEU B 1 51 ? 1.67805   -4.85258  2.72400   1.000 91.52249  ? 51 LEU B CD1 1 
ATOM 890 C CD2 . LEU B 1 51 ? 2.46582   -2.71321  1.66059   1.000 83.31264  ? 51 LEU B CD2 1 
ATOM 891 N N   . GLN B 1 52 ? 7.00941   -5.36190  0.88951   1.000 106.57529 ? 52 GLN B N   1 
ATOM 892 C CA  . GLN B 1 52 ? 8.44305   -5.21188  1.11430   1.000 113.48301 ? 52 GLN B CA  1 
ATOM 893 C C   . GLN B 1 52 ? 9.13967   -4.69967  -0.13956  1.000 121.67661 ? 52 GLN B C   1 
ATOM 894 O O   . GLN B 1 52 ? 10.00985  -3.82344  -0.05919  1.000 124.59824 ? 52 GLN B O   1 
ATOM 895 C CB  . GLN B 1 52 ? 9.05080   -6.53780  1.57067   1.000 113.75827 ? 52 GLN B CB  1 
ATOM 896 C CG  . GLN B 1 52 ? 10.24020  -6.36976  2.51509   1.000 133.14546 ? 52 GLN B CG  1 
ATOM 897 C CD  . GLN B 1 52 ? 9.86891   -5.62700  3.79338   1.000 125.43316 ? 52 GLN B CD  1 
ATOM 898 O OE1 . GLN B 1 52 ? 10.08068  -4.41836  3.91013   1.000 98.81680  ? 52 GLN B OE1 1 
ATOM 899 N NE2 . GLN B 1 52 ? 9.30742   -6.35077  4.75602   1.000 115.16424 ? 52 GLN B NE2 1 
ATOM 900 N N   . PHE B 1 53 ? 8.76248   -5.23299  -1.30597  1.000 117.66977 ? 53 PHE B N   1 
ATOM 901 C CA  . PHE B 1 53 ? 9.24894   -4.69799  -2.57190  1.000 100.63833 ? 53 PHE B CA  1 
ATOM 902 C C   . PHE B 1 53 ? 8.97689   -3.20235  -2.68546  1.000 108.90265 ? 53 PHE B C   1 
ATOM 903 O O   . PHE B 1 53 ? 9.79905   -2.46064  -3.23482  1.000 109.46212 ? 53 PHE B O   1 
ATOM 904 C CB  . PHE B 1 53 ? 8.59517   -5.45614  -3.72783  1.000 101.85042 ? 53 PHE B CB  1 
ATOM 905 C CG  . PHE B 1 53 ? 9.22025   -5.18783  -5.06756  1.000 112.47097 ? 53 PHE B CG  1 
ATOM 906 C CD1 . PHE B 1 53 ? 8.86598   -4.06881  -5.80910  1.000 113.09021 ? 53 PHE B CD1 1 
ATOM 907 C CD2 . PHE B 1 53 ? 10.15178  -6.06461  -5.59243  1.000 111.09515 ? 53 PHE B CD2 1 
ATOM 908 C CE1 . PHE B 1 53 ? 9.43912   -3.82744  -7.04043  1.000 126.28315 ? 53 PHE B CE1 1 
ATOM 909 C CE2 . PHE B 1 53 ? 10.72773  -5.83164  -6.82446  1.000 125.67810 ? 53 PHE B CE2 1 
ATOM 910 C CZ  . PHE B 1 53 ? 10.37353  -4.71220  -7.54969  1.000 136.58828 ? 53 PHE B CZ  1 
ATOM 911 N N   . LEU B 1 54 ? 7.83379   -2.74135  -2.17125  1.000 115.02951 ? 54 LEU B N   1 
ATOM 912 C CA  . LEU B 1 54 ? 7.51514   -1.31880  -2.23308  1.000 113.66572 ? 54 LEU B CA  1 
ATOM 913 C C   . LEU B 1 54 ? 8.43783   -0.50747  -1.33501  1.000 114.82492 ? 54 LEU B C   1 
ATOM 914 O O   . LEU B 1 54 ? 8.83912   0.60627   -1.69360  1.000 109.89614 ? 54 LEU B O   1 
ATOM 915 C CB  . LEU B 1 54 ? 6.05461   -1.08732  -1.84579  1.000 103.54618 ? 54 LEU B CB  1 
ATOM 916 C CG  . LEU B 1 54 ? 4.99414   -1.52802  -2.85424  1.000 98.66581  ? 54 LEU B CG  1 
ATOM 917 C CD1 . LEU B 1 54 ? 3.60682   -1.32888  -2.27280  1.000 96.63265  ? 54 LEU B CD1 1 
ATOM 918 C CD2 . LEU B 1 54 ? 5.15209   -0.76864  -4.16377  1.000 94.34175  ? 54 LEU B CD2 1 
ATOM 919 N N   . ARG B 1 55 ? 8.78517   -1.04823  -0.16555  1.000 107.07972 ? 55 ARG B N   1 
ATOM 920 C CA  . ARG B 1 55 ? 9.66950   -0.33464  0.74931   1.000 110.77358 ? 55 ARG B CA  1 
ATOM 921 C C   . ARG B 1 55 ? 11.06395  -0.17940  0.15490   1.000 108.11802 ? 55 ARG B C   1 
ATOM 922 O O   . ARG B 1 55 ? 11.57437  0.93937   0.01673   1.000 96.25095  ? 55 ARG B O   1 
ATOM 923 C CB  . ARG B 1 55 ? 9.74048   -1.06614  2.09009   1.000 117.94296 ? 55 ARG B CB  1 
ATOM 924 C CG  . ARG B 1 55 ? 8.50469   -0.94720  2.96149   1.000 112.39565 ? 55 ARG B CG  1 
ATOM 925 C CD  . ARG B 1 55 ? 8.86699   -1.30526  4.39394   1.000 118.56454 ? 55 ARG B CD  1 
ATOM 926 N NE  . ARG B 1 55 ? 7.70293   -1.46663  5.25386   1.000 107.00956 ? 55 ARG B NE  1 
ATOM 927 C CZ  . ARG B 1 55 ? 7.08261   -2.61965  5.45808   1.000 109.68912 ? 55 ARG B CZ  1 
ATOM 928 N NH1 . ARG B 1 55 ? 7.46622   -3.72912  4.84559   1.000 101.06473 ? 55 ARG B NH1 1 
ATOM 929 N NH2 . ARG B 1 55 ? 6.05381   -2.66123  6.29937   1.000 113.83298 ? 55 ARG B NH2 1 
ATOM 930 N N   . GLU B 1 56 ? 11.69526  -1.30282  -0.20329  1.000 107.35918 ? 56 GLU B N   1 
ATOM 931 C CA  . GLU B 1 56 ? 13.07232  -1.27158  -0.68825  1.000 112.56488 ? 56 GLU B CA  1 
ATOM 932 C C   . GLU B 1 56 ? 13.21915  -0.37266  -1.90848  1.000 117.40049 ? 56 GLU B C   1 
ATOM 933 O O   . GLU B 1 56 ? 14.25757  0.27780   -2.07988  1.000 128.10150 ? 56 GLU B O   1 
ATOM 934 C CB  . GLU B 1 56 ? 13.54722  -2.69288  -1.00506  1.000 113.72423 ? 56 GLU B CB  1 
ATOM 935 C CG  . GLU B 1 56 ? 13.56647  -3.63271  0.20172   1.000 114.68946 ? 56 GLU B CG  1 
ATOM 936 C CD  . GLU B 1 56 ? 13.72598  -5.09275  -0.18964  1.000 126.16704 ? 56 GLU B CD  1 
ATOM 937 O OE1 . GLU B 1 56 ? 13.92997  -5.37135  -1.39371  1.000 114.58815 ? 56 GLU B OE1 1 
ATOM 938 O OE2 . GLU B 1 56 ? 13.64091  -5.95955  0.70780   1.000 113.90964 ? 56 GLU B OE2 1 
ATOM 939 N N   . LEU B 1 57 ? 12.18995  -0.31000  -2.75499  1.000 109.00967 ? 57 LEU B N   1 
ATOM 940 C CA  . LEU B 1 57 ? 12.22126  0.59110   -3.89874  1.000 108.73105 ? 57 LEU B CA  1 
ATOM 941 C C   . LEU B 1 57 ? 12.34120  2.05154   -3.47168  1.000 110.47679 ? 57 LEU B C   1 
ATOM 942 O O   . LEU B 1 57 ? 12.84018  2.87635   -4.24742  1.000 110.17296 ? 57 LEU B O   1 
ATOM 943 C CB  . LEU B 1 57 ? 10.96661  0.37136   -4.75487  1.000 123.55607 ? 57 LEU B CB  1 
ATOM 944 C CG  . LEU B 1 57 ? 10.95624  0.83777   -6.21395  1.000 124.97041 ? 57 LEU B CG  1 
ATOM 945 C CD1 . LEU B 1 57 ? 12.30931  0.61296   -6.86914  1.000 128.22511 ? 57 LEU B CD1 1 
ATOM 946 C CD2 . LEU B 1 57 ? 9.87081   0.09899   -6.98638  1.000 114.96222 ? 57 LEU B CD2 1 
ATOM 947 N N   . LEU B 1 58 ? 11.90999  2.38956   -2.25843  1.000 111.20211 ? 58 LEU B N   1 
ATOM 948 C CA  . LEU B 1 58 ? 11.96274  3.77487   -1.80254  1.000 100.37212 ? 58 LEU B CA  1 
ATOM 949 C C   . LEU B 1 58 ? 13.31385  4.10808   -1.18319  1.000 91.76463  ? 58 LEU B C   1 
ATOM 950 O O   . LEU B 1 58 ? 14.33137  4.14797   -1.87188  1.000 122.58744 ? 58 LEU B O   1 
ATOM 951 C CB  . LEU B 1 58 ? 10.84348  4.05357   -0.79993  1.000 109.98579 ? 58 LEU B CB  1 
ATOM 952 C CG  . LEU B 1 58 ? 9.41340   3.79901   -1.27877  1.000 109.38460 ? 58 LEU B CG  1 
ATOM 953 C CD1 . LEU B 1 58 ? 8.43804   4.10233   -0.15570  1.000 95.02919  ? 58 LEU B CD1 1 
ATOM 954 C CD2 . LEU B 1 58 ? 9.09570   4.62522   -2.51854  1.000 96.77750  ? 58 LEU B CD2 1 
# 
